data_2PG7
#
_entry.id   2PG7
#
_cell.length_a   70.889
_cell.length_b   159.389
_cell.length_c   104.101
_cell.angle_alpha   90.000
_cell.angle_beta   91.920
_cell.angle_gamma   90.000
#
_symmetry.space_group_name_H-M   'P 1 21 1'
#
loop_
_entity.id
_entity.type
_entity.pdbx_description
1 polymer 'Cytochrome P450 2A6'
2 non-polymer 'PROTOPORPHYRIN IX CONTAINING FE'
3 water water
#
_entity_poly.entity_id   1
_entity_poly.type   'polypeptide(L)'
_entity_poly.pdbx_seq_one_letter_code
;MAKKTSSKGKLPPGPTPLPFIGNYLQLNTEQMYNSLMKISERYGPVFTIHLGPRRVVVLCGHDAVREALVDQAEEFSGRG
EQATFDWVFKGYGVVFSNGERAKQLRRFSIATLRDFGVGKRGIEERIQEEAGFLIDALRGTGGANIDPTFFLSRTVSNVI
SSIVFGDRFDYKDKEFLSLLRMMLGIFQFTSTSTGQLYEMFSSVMKHLPGPQQQAFQLLQGLEDFIAKKVEHNQRTLDPN
SPRDFIDSFLIRMQEEEKNPNTEFYLKNLVMTTLQLFVGGTETVSTTLRYGFLLLMKHPEVEAKVHEEIDRVIGKNRQPK
FEDRAKMPYMEAVIHEIQRFGDVIPMSLARRVKKDTKFRDFFLPKGTEVYPMLGSVLRDPSFFSNPQDFNPQHFLNEKGQ
FKKSDAFVPFSIGKRNCFGEGLARMELFLFFTTVMQNFRLKSSQSPKDIDVSPKHVGFATIPRNYTMSFLPRHHHH
;
_entity_poly.pdbx_strand_id   A,B,C,D
#
loop_
_chem_comp.id
_chem_comp.type
_chem_comp.name
_chem_comp.formula
HEM non-polymer 'PROTOPORPHYRIN IX CONTAINING FE' 'C34 H32 Fe N4 O4'
#
# COMPACT_ATOMS: atom_id res chain seq x y z
N GLY A 9 -15.12 18.53 26.16
CA GLY A 9 -13.90 19.17 25.55
C GLY A 9 -13.11 18.22 24.68
N LYS A 10 -13.80 17.16 24.24
CA LYS A 10 -13.21 16.12 23.41
C LYS A 10 -13.99 15.88 22.12
N LEU A 11 -13.26 15.58 21.06
CA LEU A 11 -13.75 15.25 19.73
C LEU A 11 -14.56 13.94 19.85
N PRO A 12 -15.63 13.73 19.03
CA PRO A 12 -16.43 12.50 19.11
C PRO A 12 -15.63 11.17 19.16
N PRO A 13 -16.14 10.14 19.88
CA PRO A 13 -15.40 8.87 19.95
C PRO A 13 -15.32 8.17 18.59
N GLY A 14 -14.44 7.18 18.49
CA GLY A 14 -14.29 6.46 17.24
C GLY A 14 -13.21 5.41 17.38
N PRO A 15 -13.16 4.39 16.53
CA PRO A 15 -12.13 3.35 16.63
C PRO A 15 -10.71 3.87 16.47
N THR A 16 -9.77 3.22 17.15
CA THR A 16 -8.35 3.58 17.15
C THR A 16 -7.74 3.65 15.74
N PRO A 17 -7.30 4.85 15.31
CA PRO A 17 -6.69 5.00 13.99
C PRO A 17 -5.19 4.74 13.93
N LEU A 18 -4.80 3.93 12.96
CA LEU A 18 -3.40 3.61 12.73
C LEU A 18 -2.85 4.72 11.82
N PRO A 19 -1.56 5.10 11.96
CA PRO A 19 -0.96 6.17 11.14
C PRO A 19 -1.11 6.06 9.64
N PHE A 20 -1.54 7.18 9.03
CA PHE A 20 -1.77 7.33 7.58
C PHE A 20 -2.95 6.57 7.02
N ILE A 21 -3.05 5.28 7.35
CA ILE A 21 -4.16 4.45 6.85
C ILE A 21 -5.47 4.70 7.56
N GLY A 22 -5.41 5.35 8.72
CA GLY A 22 -6.58 5.69 9.51
C GLY A 22 -7.37 4.50 10.02
N ASN A 23 -8.64 4.46 9.65
CA ASN A 23 -9.52 3.37 10.06
C ASN A 23 -9.83 2.46 8.87
N TYR A 24 -8.88 2.38 7.94
CA TYR A 24 -8.99 1.56 6.72
C TYR A 24 -9.32 0.10 6.98
N LEU A 25 -8.69 -0.48 8.00
CA LEU A 25 -8.89 -1.88 8.37
C LEU A 25 -10.24 -2.17 9.00
N GLN A 26 -10.86 -1.12 9.53
CA GLN A 26 -12.16 -1.23 10.19
C GLN A 26 -13.32 -0.81 9.29
N LEU A 27 -13.00 -0.51 8.03
CA LEU A 27 -13.98 -0.10 7.03
C LEU A 27 -13.85 -0.88 5.73
N ASN A 28 -14.98 -1.05 5.05
CA ASN A 28 -15.02 -1.73 3.74
C ASN A 28 -15.23 -0.61 2.71
N THR A 29 -14.31 -0.50 1.76
CA THR A 29 -14.39 0.54 0.75
C THR A 29 -15.48 0.32 -0.31
N GLU A 30 -16.00 -0.90 -0.41
CA GLU A 30 -17.06 -1.22 -1.38
C GLU A 30 -18.43 -0.83 -0.86
N GLN A 31 -18.58 -0.86 0.47
CA GLN A 31 -19.83 -0.51 1.12
C GLN A 31 -19.45 0.40 2.27
N MET A 32 -19.19 1.66 1.96
CA MET A 32 -18.81 2.66 2.96
C MET A 32 -19.95 2.99 3.91
N TYR A 33 -21.17 3.07 3.38
CA TYR A 33 -22.36 3.39 4.17
C TYR A 33 -22.61 2.32 5.25
N ASN A 34 -22.54 1.04 4.86
CA ASN A 34 -22.75 -0.09 5.77
C ASN A 34 -21.67 -0.13 6.85
N SER A 35 -20.44 0.17 6.44
CA SER A 35 -19.26 0.20 7.29
C SER A 35 -19.31 1.30 8.36
N LEU A 36 -19.86 2.46 7.99
CA LEU A 36 -20.00 3.58 8.91
C LEU A 36 -21.18 3.35 9.85
N MET A 37 -22.23 2.68 9.35
CA MET A 37 -23.42 2.38 10.14
C MET A 37 -23.19 1.27 11.16
N LYS A 38 -22.19 0.44 10.90
CA LYS A 38 -21.82 -0.67 11.78
C LYS A 38 -21.09 -0.06 12.99
N ILE A 39 -20.31 0.98 12.71
CA ILE A 39 -19.52 1.72 13.71
C ILE A 39 -20.44 2.67 14.52
N SER A 40 -21.58 3.02 13.94
CA SER A 40 -22.57 3.87 14.58
C SER A 40 -23.29 3.09 15.68
N GLU A 41 -23.33 1.77 15.52
CA GLU A 41 -23.97 0.86 16.47
C GLU A 41 -23.19 0.68 17.76
N ARG A 42 -21.90 1.00 17.72
CA ARG A 42 -21.01 0.88 18.87
C ARG A 42 -20.65 2.23 19.49
N TYR A 43 -20.33 3.21 18.64
CA TYR A 43 -19.92 4.55 19.10
C TYR A 43 -21.00 5.64 19.14
N GLY A 44 -22.22 5.28 18.76
CA GLY A 44 -23.35 6.23 18.76
C GLY A 44 -23.61 6.94 17.44
N PRO A 45 -24.59 7.89 17.37
CA PRO A 45 -24.89 8.60 16.13
C PRO A 45 -23.86 9.64 15.63
N VAL A 46 -23.10 10.23 16.55
CA VAL A 46 -22.08 11.22 16.19
C VAL A 46 -20.72 10.66 16.58
N PHE A 47 -19.98 10.16 15.60
CA PHE A 47 -18.67 9.57 15.81
C PHE A 47 -17.55 10.14 14.90
N THR A 48 -16.31 9.74 15.16
CA THR A 48 -15.16 10.18 14.38
C THR A 48 -14.48 9.02 13.66
N ILE A 49 -14.33 9.19 12.35
CA ILE A 49 -13.68 8.21 11.49
C ILE A 49 -12.52 8.91 10.80
N HIS A 50 -11.45 8.17 10.58
CA HIS A 50 -10.29 8.70 9.90
C HIS A 50 -10.20 7.99 8.55
N LEU A 51 -10.59 8.70 7.50
CA LEU A 51 -10.54 8.18 6.14
C LEU A 51 -9.12 8.45 5.66
N GLY A 52 -8.21 7.58 6.10
CA GLY A 52 -6.81 7.73 5.78
C GLY A 52 -6.33 8.82 6.72
N PRO A 53 -5.83 9.95 6.18
CA PRO A 53 -5.36 11.09 6.98
C PRO A 53 -6.49 12.09 7.27
N ARG A 54 -7.61 11.91 6.57
CA ARG A 54 -8.79 12.77 6.68
C ARG A 54 -9.64 12.51 7.91
N ARG A 55 -9.52 13.42 8.88
CA ARG A 55 -10.26 13.37 10.13
C ARG A 55 -11.67 13.83 9.77
N VAL A 56 -12.64 12.90 9.93
CA VAL A 56 -14.04 13.14 9.59
C VAL A 56 -15.01 12.83 10.74
N VAL A 57 -16.01 13.69 10.90
CA VAL A 57 -17.08 13.52 11.90
C VAL A 57 -18.33 13.08 11.12
N VAL A 58 -18.83 11.89 11.47
CA VAL A 58 -20.00 11.32 10.80
C VAL A 58 -21.27 11.50 11.63
N LEU A 59 -22.29 12.08 11.02
CA LEU A 59 -23.57 12.33 11.67
C LEU A 59 -24.60 11.38 11.12
N CYS A 60 -25.23 10.60 12.01
CA CYS A 60 -26.23 9.62 11.60
C CYS A 60 -27.60 9.86 12.22
N GLY A 61 -28.65 9.63 11.44
CA GLY A 61 -30.01 9.83 11.89
C GLY A 61 -30.39 11.29 11.73
N HIS A 62 -31.69 11.55 11.62
CA HIS A 62 -32.23 12.90 11.43
C HIS A 62 -31.75 13.95 12.43
N ASP A 63 -32.07 13.73 13.70
CA ASP A 63 -31.73 14.61 14.81
C ASP A 63 -30.29 15.12 14.76
N ALA A 64 -29.35 14.22 14.49
CA ALA A 64 -27.94 14.56 14.40
C ALA A 64 -27.67 15.51 13.23
N VAL A 65 -28.15 15.14 12.04
CA VAL A 65 -27.94 15.93 10.83
C VAL A 65 -28.66 17.27 10.86
N ARG A 66 -29.89 17.30 11.37
CA ARG A 66 -30.65 18.54 11.45
C ARG A 66 -30.08 19.48 12.51
N GLU A 67 -29.75 18.94 13.68
CA GLU A 67 -29.16 19.73 14.78
C GLU A 67 -27.90 20.45 14.32
N ALA A 68 -27.07 19.75 13.56
CA ALA A 68 -25.82 20.30 13.07
C ALA A 68 -25.92 21.23 11.87
N LEU A 69 -26.59 20.78 10.81
CA LEU A 69 -26.71 21.55 9.58
C LEU A 69 -27.77 22.64 9.53
N VAL A 70 -28.81 22.53 10.36
CA VAL A 70 -29.85 23.55 10.39
C VAL A 70 -29.79 24.42 11.63
N ASP A 71 -29.85 23.81 12.83
CA ASP A 71 -29.81 24.57 14.09
C ASP A 71 -28.51 25.34 14.26
N GLN A 72 -27.41 24.73 13.81
CA GLN A 72 -26.08 25.33 13.84
C GLN A 72 -25.58 25.45 12.40
N ALA A 73 -26.47 25.95 11.54
CA ALA A 73 -26.24 26.14 10.11
C ALA A 73 -24.99 26.91 9.73
N GLU A 74 -24.71 27.98 10.48
CA GLU A 74 -23.54 28.83 10.24
C GLU A 74 -22.20 28.15 10.59
N GLU A 75 -22.20 27.36 11.66
CA GLU A 75 -21.00 26.67 12.11
C GLU A 75 -20.61 25.51 11.18
N PHE A 76 -21.61 24.86 10.60
CA PHE A 76 -21.40 23.75 9.67
C PHE A 76 -21.59 24.19 8.20
N SER A 77 -21.35 25.48 7.94
CA SER A 77 -21.52 26.05 6.60
C SER A 77 -20.36 25.86 5.62
N GLY A 78 -19.19 25.47 6.13
CA GLY A 78 -18.04 25.28 5.27
C GLY A 78 -18.12 24.03 4.43
N ARG A 79 -17.49 24.04 3.26
CA ARG A 79 -17.50 22.90 2.35
C ARG A 79 -16.30 22.00 2.60
N GLY A 80 -16.56 20.70 2.59
CA GLY A 80 -15.51 19.71 2.80
C GLY A 80 -14.71 19.35 1.57
N GLU A 81 -14.50 18.06 1.36
CA GLU A 81 -13.69 17.58 0.25
C GLU A 81 -14.21 16.29 -0.40
N GLN A 82 -14.09 16.26 -1.73
CA GLN A 82 -14.45 15.10 -2.54
C GLN A 82 -13.28 15.06 -3.50
N ALA A 83 -12.33 14.20 -3.17
CA ALA A 83 -11.05 14.00 -3.86
C ALA A 83 -11.01 13.80 -5.37
N THR A 84 -11.98 13.07 -5.93
CA THR A 84 -12.03 12.81 -7.38
C THR A 84 -12.41 14.09 -8.08
N PHE A 85 -13.41 14.74 -7.52
CA PHE A 85 -13.91 16.00 -8.06
C PHE A 85 -12.93 17.15 -7.86
N ASP A 86 -12.27 17.19 -6.70
CA ASP A 86 -11.28 18.24 -6.40
C ASP A 86 -9.96 18.05 -7.16
N TRP A 87 -9.93 17.08 -8.08
CA TRP A 87 -8.76 16.81 -8.91
C TRP A 87 -8.78 17.82 -10.06
N VAL A 88 -9.98 18.11 -10.55
CA VAL A 88 -10.14 19.06 -11.64
C VAL A 88 -10.66 20.42 -11.17
N PHE A 89 -11.33 20.43 -10.02
CA PHE A 89 -11.88 21.67 -9.49
C PHE A 89 -10.91 22.46 -8.63
N LYS A 90 -10.17 21.76 -7.77
CA LYS A 90 -9.16 22.36 -6.87
C LYS A 90 -9.64 23.55 -6.04
N GLY A 91 -10.87 23.45 -5.52
CA GLY A 91 -11.44 24.50 -4.71
C GLY A 91 -12.08 25.66 -5.46
N TYR A 92 -12.04 25.59 -6.79
CA TYR A 92 -12.63 26.63 -7.63
C TYR A 92 -14.05 26.26 -8.02
N GLY A 93 -14.83 27.28 -8.38
CA GLY A 93 -16.23 27.07 -8.75
C GLY A 93 -17.16 27.16 -7.56
N VAL A 94 -18.45 27.27 -7.81
CA VAL A 94 -19.47 27.40 -6.76
C VAL A 94 -19.57 26.23 -5.78
N VAL A 95 -19.54 25.01 -6.30
CA VAL A 95 -19.69 23.81 -5.50
C VAL A 95 -18.59 23.49 -4.49
N PHE A 96 -17.33 23.49 -4.89
CA PHE A 96 -16.21 23.13 -3.99
C PHE A 96 -15.37 24.22 -3.31
N SER A 97 -15.92 25.43 -3.26
CA SER A 97 -15.24 26.58 -2.67
C SER A 97 -15.67 26.94 -1.26
N ASN A 98 -14.90 27.82 -0.62
CA ASN A 98 -15.16 28.28 0.74
C ASN A 98 -15.00 29.80 0.91
N GLY A 99 -15.63 30.33 1.95
CA GLY A 99 -15.57 31.76 2.27
C GLY A 99 -16.17 32.74 1.28
N GLU A 100 -15.37 33.72 0.85
CA GLU A 100 -15.77 34.77 -0.10
C GLU A 100 -15.99 34.25 -1.53
N ARG A 101 -15.56 33.02 -1.79
CA ARG A 101 -15.74 32.42 -3.10
C ARG A 101 -17.09 31.72 -3.09
N ALA A 102 -17.38 31.02 -2.00
CA ALA A 102 -18.65 30.30 -1.85
C ALA A 102 -19.81 31.23 -1.55
N LYS A 103 -19.51 32.46 -1.12
CA LYS A 103 -20.55 33.45 -0.81
C LYS A 103 -20.87 34.28 -2.04
N GLN A 104 -19.84 34.66 -2.80
CA GLN A 104 -20.03 35.47 -4.00
C GLN A 104 -20.60 34.67 -5.15
N LEU A 105 -20.04 33.47 -5.36
CA LEU A 105 -20.49 32.59 -6.43
C LEU A 105 -21.80 31.91 -6.17
N ARG A 106 -22.17 31.69 -4.91
CA ARG A 106 -23.47 31.09 -4.62
C ARG A 106 -24.53 32.17 -4.86
N ARG A 107 -24.20 33.43 -4.52
CA ARG A 107 -25.10 34.57 -4.70
C ARG A 107 -25.41 34.81 -6.17
N PHE A 108 -24.35 34.86 -6.98
CA PHE A 108 -24.47 35.09 -8.43
C PHE A 108 -25.18 33.97 -9.16
N SER A 109 -24.85 32.72 -8.82
CA SER A 109 -25.44 31.56 -9.47
C SER A 109 -26.95 31.37 -9.28
N ILE A 110 -27.45 31.60 -8.06
CA ILE A 110 -28.90 31.46 -7.79
C ILE A 110 -29.66 32.59 -8.52
N ALA A 111 -29.02 33.75 -8.60
CA ALA A 111 -29.57 34.92 -9.27
C ALA A 111 -29.68 34.73 -10.77
N THR A 112 -28.57 34.28 -11.37
CA THR A 112 -28.46 34.04 -12.81
C THR A 112 -29.26 32.84 -13.33
N LEU A 113 -29.93 32.13 -12.43
CA LEU A 113 -30.75 30.97 -12.81
C LEU A 113 -32.22 31.41 -12.89
N ARG A 114 -32.58 32.42 -12.10
CA ARG A 114 -33.94 33.00 -12.09
C ARG A 114 -34.21 33.89 -13.32
N ASP A 115 -33.14 34.53 -13.80
CA ASP A 115 -33.17 35.45 -14.94
C ASP A 115 -33.06 34.73 -16.29
N PHE A 116 -33.20 33.40 -16.22
CA PHE A 116 -33.17 32.51 -17.37
C PHE A 116 -34.17 31.39 -17.09
N GLY A 117 -35.10 31.66 -16.17
CA GLY A 117 -36.14 30.72 -15.78
C GLY A 117 -36.16 30.27 -14.31
N VAL A 118 -35.75 29.02 -14.07
CA VAL A 118 -35.70 28.31 -12.75
C VAL A 118 -36.73 28.74 -11.69
N GLY A 119 -37.75 27.89 -11.51
CA GLY A 119 -38.81 28.18 -10.56
C GLY A 119 -39.91 29.05 -11.15
N LYS A 120 -39.69 29.57 -12.36
CA LYS A 120 -40.65 30.45 -13.05
C LYS A 120 -41.46 29.80 -14.19
N ARG A 121 -41.62 30.55 -15.29
CA ARG A 121 -42.36 30.14 -16.48
C ARG A 121 -41.38 29.80 -17.61
N GLY A 122 -40.33 30.62 -17.73
CA GLY A 122 -39.30 30.45 -18.76
C GLY A 122 -38.66 29.07 -18.77
N ILE A 123 -38.63 28.41 -17.62
CA ILE A 123 -38.08 27.08 -17.53
C ILE A 123 -39.16 26.01 -17.59
N GLU A 124 -40.35 26.31 -17.07
CA GLU A 124 -41.47 25.36 -17.08
C GLU A 124 -41.85 24.97 -18.50
N GLU A 125 -41.92 25.96 -19.39
CA GLU A 125 -42.27 25.75 -20.80
C GLU A 125 -41.11 25.00 -21.47
N ARG A 126 -39.88 25.36 -21.09
CA ARG A 126 -38.63 24.76 -21.60
C ARG A 126 -38.48 23.27 -21.20
N ILE A 127 -39.06 22.91 -20.06
CA ILE A 127 -39.04 21.54 -19.56
C ILE A 127 -40.19 20.78 -20.21
N GLN A 128 -41.34 21.45 -20.39
CA GLN A 128 -42.53 20.86 -21.02
C GLN A 128 -42.23 20.47 -22.47
N GLU A 129 -41.53 21.38 -23.16
CA GLU A 129 -41.12 21.24 -24.54
C GLU A 129 -40.16 20.06 -24.66
N GLU A 130 -39.24 19.97 -23.69
CA GLU A 130 -38.24 18.91 -23.63
C GLU A 130 -38.86 17.58 -23.22
N ALA A 131 -39.95 17.64 -22.46
CA ALA A 131 -40.66 16.44 -22.04
C ALA A 131 -41.36 15.88 -23.26
N GLY A 132 -41.84 16.79 -24.11
CA GLY A 132 -42.53 16.43 -25.36
C GLY A 132 -41.59 15.76 -26.35
N PHE A 133 -40.30 16.05 -26.21
CA PHE A 133 -39.26 15.48 -27.06
C PHE A 133 -38.84 14.09 -26.58
N LEU A 134 -39.03 13.84 -25.28
CA LEU A 134 -38.71 12.54 -24.70
C LEU A 134 -39.83 11.60 -25.11
N ILE A 135 -41.05 12.15 -25.20
CA ILE A 135 -42.24 11.40 -25.60
C ILE A 135 -42.06 10.91 -27.02
N ASP A 136 -41.52 11.79 -27.88
CA ASP A 136 -41.26 11.48 -29.29
C ASP A 136 -40.22 10.37 -29.37
N ALA A 137 -39.12 10.54 -28.62
CA ALA A 137 -38.01 9.60 -28.57
C ALA A 137 -38.39 8.19 -28.11
N LEU A 138 -39.30 8.12 -27.14
CA LEU A 138 -39.77 6.85 -26.62
C LEU A 138 -40.83 6.24 -27.52
N ARG A 139 -41.55 7.08 -28.25
CA ARG A 139 -42.57 6.57 -29.19
C ARG A 139 -41.81 6.08 -30.41
N GLY A 140 -40.60 6.63 -30.57
CA GLY A 140 -39.71 6.30 -31.66
C GLY A 140 -39.00 4.96 -31.53
N THR A 141 -39.11 4.36 -30.35
CA THR A 141 -38.50 3.05 -30.09
C THR A 141 -39.44 1.98 -30.60
N GLY A 142 -40.69 2.39 -30.84
CA GLY A 142 -41.72 1.48 -31.31
C GLY A 142 -42.03 0.39 -30.30
N GLY A 143 -41.95 0.76 -29.02
CA GLY A 143 -42.23 -0.16 -27.93
C GLY A 143 -41.20 -1.27 -27.74
N ALA A 144 -40.02 -1.10 -28.35
CA ALA A 144 -38.92 -2.07 -28.26
C ALA A 144 -38.26 -2.04 -26.88
N ASN A 145 -37.70 -3.18 -26.45
CA ASN A 145 -37.01 -3.32 -25.17
C ASN A 145 -35.66 -2.60 -25.24
N ILE A 146 -35.57 -1.43 -24.59
CA ILE A 146 -34.37 -0.57 -24.57
C ILE A 146 -33.81 -0.26 -23.18
N ASP A 147 -32.62 0.36 -23.17
CA ASP A 147 -31.95 0.82 -21.96
C ASP A 147 -32.32 2.31 -21.85
N PRO A 148 -33.14 2.68 -20.85
CA PRO A 148 -33.58 4.07 -20.66
C PRO A 148 -32.55 5.12 -20.28
N THR A 149 -31.36 4.65 -19.89
CA THR A 149 -30.25 5.51 -19.44
C THR A 149 -29.98 6.79 -20.21
N PHE A 150 -29.66 6.65 -21.49
CA PHE A 150 -29.35 7.80 -22.32
C PHE A 150 -30.52 8.55 -22.92
N PHE A 151 -31.70 7.94 -22.83
CA PHE A 151 -32.92 8.58 -23.33
C PHE A 151 -33.35 9.60 -22.28
N LEU A 152 -33.25 9.21 -21.02
CA LEU A 152 -33.60 10.05 -19.88
C LEU A 152 -32.56 11.10 -19.59
N SER A 153 -31.28 10.72 -19.64
CA SER A 153 -30.17 11.64 -19.38
C SER A 153 -30.09 12.75 -20.44
N ARG A 154 -30.44 12.42 -21.68
CA ARG A 154 -30.43 13.38 -22.80
C ARG A 154 -31.44 14.50 -22.58
N THR A 155 -32.61 14.10 -22.10
CA THR A 155 -33.72 14.98 -21.82
C THR A 155 -33.37 15.93 -20.67
N VAL A 156 -32.97 15.34 -19.54
CA VAL A 156 -32.60 16.07 -18.32
C VAL A 156 -31.50 17.10 -18.55
N SER A 157 -30.42 16.67 -19.20
CA SER A 157 -29.26 17.50 -19.49
C SER A 157 -29.56 18.71 -20.32
N ASN A 158 -30.49 18.55 -21.26
CA ASN A 158 -30.89 19.62 -22.15
C ASN A 158 -31.57 20.79 -21.44
N VAL A 159 -32.19 20.51 -20.30
CA VAL A 159 -32.87 21.53 -19.50
C VAL A 159 -31.85 22.51 -18.92
N ILE A 160 -30.80 21.97 -18.31
CA ILE A 160 -29.76 22.81 -17.73
C ILE A 160 -28.81 23.34 -18.80
N SER A 161 -28.73 22.63 -19.92
CA SER A 161 -27.88 23.04 -21.02
C SER A 161 -28.42 24.28 -21.74
N SER A 162 -29.71 24.55 -21.53
CA SER A 162 -30.40 25.71 -22.10
C SER A 162 -30.00 26.95 -21.33
N ILE A 163 -29.87 26.78 -20.01
CA ILE A 163 -29.50 27.86 -19.09
C ILE A 163 -28.02 28.23 -19.22
N VAL A 164 -27.16 27.21 -19.30
CA VAL A 164 -25.71 27.41 -19.38
C VAL A 164 -25.05 27.57 -20.75
N PHE A 165 -25.65 27.03 -21.81
CA PHE A 165 -25.03 27.12 -23.15
C PHE A 165 -25.80 27.97 -24.16
N GLY A 166 -27.06 28.28 -23.83
CA GLY A 166 -27.91 29.07 -24.70
C GLY A 166 -29.10 28.29 -25.26
N ASP A 167 -28.79 27.19 -25.93
CA ASP A 167 -29.77 26.31 -26.55
C ASP A 167 -29.63 24.89 -26.03
N ARG A 168 -30.45 23.99 -26.56
CA ARG A 168 -30.41 22.58 -26.17
C ARG A 168 -29.58 21.83 -27.20
N PHE A 169 -29.05 20.68 -26.80
CA PHE A 169 -28.28 19.84 -27.70
C PHE A 169 -29.30 18.98 -28.44
N ASP A 170 -28.96 18.60 -29.68
CA ASP A 170 -29.81 17.75 -30.51
C ASP A 170 -29.49 16.28 -30.14
N TYR A 171 -30.53 15.47 -29.97
CA TYR A 171 -30.43 14.05 -29.58
C TYR A 171 -29.50 13.13 -30.37
N LYS A 172 -29.00 13.63 -31.50
CA LYS A 172 -28.10 12.89 -32.38
C LYS A 172 -26.64 13.32 -32.26
N ASP A 173 -26.40 14.50 -31.68
CA ASP A 173 -25.07 15.09 -31.47
C ASP A 173 -24.20 14.08 -30.69
N LYS A 174 -23.20 13.52 -31.36
CA LYS A 174 -22.30 12.53 -30.77
C LYS A 174 -21.40 13.05 -29.66
N GLU A 175 -21.16 14.37 -29.64
CA GLU A 175 -20.36 15.01 -28.59
C GLU A 175 -21.21 15.02 -27.31
N PHE A 176 -22.54 15.11 -27.49
CA PHE A 176 -23.49 15.12 -26.38
C PHE A 176 -23.55 13.75 -25.70
N LEU A 177 -23.54 12.70 -26.50
CA LEU A 177 -23.58 11.32 -26.00
C LEU A 177 -22.29 11.07 -25.21
N SER A 178 -21.19 11.57 -25.77
CA SER A 178 -19.85 11.45 -25.18
C SER A 178 -19.72 12.17 -23.85
N LEU A 179 -20.40 13.32 -23.72
CA LEU A 179 -20.39 14.12 -22.50
C LEU A 179 -21.24 13.50 -21.41
N LEU A 180 -22.30 12.81 -21.82
CA LEU A 180 -23.20 12.14 -20.89
C LEU A 180 -22.57 10.85 -20.37
N ARG A 181 -21.69 10.25 -21.18
CA ARG A 181 -20.94 9.04 -20.85
C ARG A 181 -19.91 9.38 -19.79
N MET A 182 -19.36 10.59 -19.93
CA MET A 182 -18.36 11.14 -19.02
C MET A 182 -19.00 11.41 -17.66
N MET A 183 -20.22 11.95 -17.68
CA MET A 183 -20.96 12.25 -16.46
C MET A 183 -21.39 11.00 -15.71
N LEU A 184 -21.78 9.97 -16.45
CA LEU A 184 -22.18 8.70 -15.85
C LEU A 184 -20.97 7.94 -15.34
N GLY A 185 -19.85 8.07 -16.04
CA GLY A 185 -18.63 7.39 -15.67
C GLY A 185 -18.00 7.79 -14.35
N ILE A 186 -18.11 9.07 -14.01
CA ILE A 186 -17.56 9.59 -12.76
C ILE A 186 -18.47 9.31 -11.57
N PHE A 187 -19.77 9.35 -11.80
CA PHE A 187 -20.75 9.05 -10.75
C PHE A 187 -20.68 7.57 -10.45
N GLN A 188 -20.22 6.78 -11.43
CA GLN A 188 -20.02 5.34 -11.29
C GLN A 188 -18.75 5.09 -10.48
N PHE A 189 -17.66 5.74 -10.87
CA PHE A 189 -16.35 5.60 -10.21
C PHE A 189 -16.39 5.95 -8.71
N THR A 190 -16.88 7.15 -8.39
CA THR A 190 -16.97 7.64 -7.02
C THR A 190 -17.88 6.81 -6.13
N SER A 191 -18.64 5.92 -6.77
CA SER A 191 -19.55 5.04 -6.06
C SER A 191 -18.97 3.62 -5.91
N THR A 192 -17.83 3.38 -6.56
CA THR A 192 -17.16 2.09 -6.48
C THR A 192 -16.18 2.06 -5.32
N SER A 193 -15.57 0.90 -5.11
CA SER A 193 -14.60 0.67 -4.07
C SER A 193 -13.33 1.46 -4.26
N THR A 194 -12.85 1.49 -5.49
CA THR A 194 -11.63 2.20 -5.84
C THR A 194 -11.84 3.72 -5.78
N GLY A 195 -13.10 4.13 -5.90
CA GLY A 195 -13.45 5.54 -5.83
C GLY A 195 -13.48 6.02 -4.39
N GLN A 196 -13.90 5.13 -3.50
CA GLN A 196 -13.99 5.42 -2.08
C GLN A 196 -12.66 5.18 -1.37
N LEU A 197 -11.77 4.44 -2.02
CA LEU A 197 -10.43 4.14 -1.52
C LEU A 197 -9.61 5.39 -1.84
N TYR A 198 -9.97 6.03 -2.95
CA TYR A 198 -9.34 7.26 -3.43
C TYR A 198 -9.64 8.44 -2.51
N GLU A 199 -10.73 8.37 -1.75
CA GLU A 199 -11.09 9.43 -0.82
C GLU A 199 -10.21 9.41 0.41
N MET A 200 -9.61 8.24 0.63
CA MET A 200 -8.72 8.03 1.77
C MET A 200 -7.28 8.31 1.36
N PHE A 201 -6.86 7.68 0.25
CA PHE A 201 -5.50 7.78 -0.24
C PHE A 201 -5.25 8.57 -1.53
N SER A 202 -5.90 9.73 -1.65
CA SER A 202 -5.77 10.61 -2.82
C SER A 202 -4.37 11.12 -3.09
N SER A 203 -3.67 11.48 -2.02
CA SER A 203 -2.32 12.00 -2.07
C SER A 203 -1.27 11.08 -2.72
N VAL A 204 -1.56 9.78 -2.73
CA VAL A 204 -0.68 8.76 -3.31
C VAL A 204 -1.26 8.28 -4.63
N MET A 205 -2.54 7.89 -4.60
CA MET A 205 -3.27 7.36 -5.76
C MET A 205 -3.38 8.28 -6.97
N LYS A 206 -3.32 9.59 -6.71
CA LYS A 206 -3.41 10.63 -7.74
C LYS A 206 -2.27 10.50 -8.76
N HIS A 207 -1.17 9.93 -8.30
CA HIS A 207 0.01 9.75 -9.12
C HIS A 207 0.25 8.28 -9.54
N LEU A 208 -0.63 7.39 -9.14
CA LEU A 208 -0.52 5.96 -9.45
C LEU A 208 -1.46 5.52 -10.58
N PRO A 209 -1.10 4.48 -11.36
CA PRO A 209 -1.97 4.02 -12.46
C PRO A 209 -3.18 3.24 -11.93
N GLY A 210 -4.24 3.18 -12.73
CA GLY A 210 -5.44 2.46 -12.34
C GLY A 210 -6.76 3.02 -12.86
N PRO A 211 -7.89 2.79 -12.15
CA PRO A 211 -9.21 3.28 -12.52
C PRO A 211 -9.38 4.76 -12.24
N GLN A 212 -8.51 5.29 -11.38
CA GLN A 212 -8.53 6.69 -11.02
C GLN A 212 -8.09 7.56 -12.16
N GLN A 213 -7.19 7.04 -13.00
CA GLN A 213 -6.67 7.75 -14.15
C GLN A 213 -7.66 7.88 -15.31
N GLN A 214 -8.53 6.88 -15.45
CA GLN A 214 -9.57 6.85 -16.49
C GLN A 214 -10.65 7.86 -16.12
N ALA A 215 -10.97 7.92 -14.83
CA ALA A 215 -11.97 8.83 -14.28
C ALA A 215 -11.53 10.29 -14.41
N PHE A 216 -10.22 10.50 -14.40
CA PHE A 216 -9.61 11.82 -14.52
C PHE A 216 -9.73 12.32 -15.94
N GLN A 217 -9.60 11.41 -16.90
CA GLN A 217 -9.72 11.73 -18.33
C GLN A 217 -11.15 12.12 -18.67
N LEU A 218 -12.09 11.60 -17.86
CA LEU A 218 -13.51 11.91 -18.02
C LEU A 218 -13.78 13.32 -17.50
N LEU A 219 -13.11 13.69 -16.42
CA LEU A 219 -13.25 15.02 -15.83
C LEU A 219 -12.55 16.09 -16.66
N GLN A 220 -11.45 15.69 -17.28
CA GLN A 220 -10.63 16.57 -18.12
C GLN A 220 -11.38 16.85 -19.42
N GLY A 221 -12.08 15.83 -19.92
CA GLY A 221 -12.86 15.96 -21.16
C GLY A 221 -14.04 16.88 -20.97
N LEU A 222 -14.59 16.85 -19.76
CA LEU A 222 -15.72 17.68 -19.37
C LEU A 222 -15.24 19.11 -19.21
N GLU A 223 -14.04 19.29 -18.62
CA GLU A 223 -13.45 20.61 -18.44
C GLU A 223 -13.03 21.20 -19.78
N ASP A 224 -12.44 20.35 -20.63
CA ASP A 224 -11.97 20.74 -21.98
C ASP A 224 -13.11 21.30 -22.82
N PHE A 225 -14.29 20.69 -22.67
CA PHE A 225 -15.48 21.10 -23.38
C PHE A 225 -16.02 22.45 -22.92
N ILE A 226 -16.09 22.64 -21.60
CA ILE A 226 -16.61 23.89 -21.04
C ILE A 226 -15.77 25.09 -21.45
N ALA A 227 -14.45 24.90 -21.45
CA ALA A 227 -13.47 25.92 -21.84
C ALA A 227 -13.65 26.27 -23.33
N LYS A 228 -14.03 25.26 -24.12
CA LYS A 228 -14.27 25.40 -25.55
C LYS A 228 -15.52 26.26 -25.77
N LYS A 229 -16.59 25.94 -25.03
CA LYS A 229 -17.86 26.68 -25.11
C LYS A 229 -17.82 28.07 -24.48
N VAL A 230 -16.83 28.32 -23.65
CA VAL A 230 -16.67 29.62 -23.01
C VAL A 230 -15.92 30.56 -23.95
N GLU A 231 -14.91 30.03 -24.65
CA GLU A 231 -14.09 30.80 -25.60
C GLU A 231 -14.92 31.37 -26.75
N HIS A 232 -15.88 30.55 -27.22
CA HIS A 232 -16.77 30.92 -28.31
C HIS A 232 -17.66 32.07 -27.87
N ASN A 233 -18.21 31.94 -26.67
CA ASN A 233 -19.08 32.94 -26.08
C ASN A 233 -18.37 34.28 -25.90
N GLN A 234 -17.05 34.24 -25.70
CA GLN A 234 -16.22 35.44 -25.51
C GLN A 234 -16.05 36.28 -26.78
N ARG A 235 -15.75 35.60 -27.89
CA ARG A 235 -15.56 36.28 -29.17
C ARG A 235 -16.85 36.52 -29.96
N THR A 236 -18.00 36.16 -29.36
CA THR A 236 -19.32 36.35 -30.00
C THR A 236 -20.33 36.95 -29.00
N LEU A 237 -19.81 37.56 -27.94
CA LEU A 237 -20.60 38.17 -26.87
C LEU A 237 -21.25 39.51 -27.18
N ASP A 238 -22.42 39.74 -26.57
CA ASP A 238 -23.16 40.98 -26.67
C ASP A 238 -23.13 41.44 -25.19
N PRO A 239 -22.25 42.42 -24.86
CA PRO A 239 -22.13 42.92 -23.48
C PRO A 239 -23.39 43.47 -22.80
N ASN A 240 -24.38 43.86 -23.59
CA ASN A 240 -25.63 44.43 -23.05
C ASN A 240 -26.81 43.48 -23.12
N SER A 241 -26.58 42.31 -23.72
CA SER A 241 -27.64 41.31 -23.85
C SER A 241 -27.06 39.90 -23.67
N PRO A 242 -27.12 39.36 -22.44
CA PRO A 242 -26.59 38.01 -22.17
C PRO A 242 -27.48 36.86 -22.69
N ARG A 243 -26.85 35.96 -23.45
CA ARG A 243 -27.53 34.81 -24.05
C ARG A 243 -27.79 33.68 -23.05
N ASP A 244 -26.80 33.44 -22.19
CA ASP A 244 -26.83 32.37 -21.19
C ASP A 244 -26.11 32.71 -19.90
N PHE A 245 -25.82 31.67 -19.11
CA PHE A 245 -25.12 31.75 -17.83
C PHE A 245 -23.66 32.16 -18.06
N ILE A 246 -23.01 31.53 -19.05
CA ILE A 246 -21.61 31.82 -19.40
C ILE A 246 -21.48 33.30 -19.79
N ASP A 247 -22.47 33.77 -20.53
CA ASP A 247 -22.55 35.14 -21.00
C ASP A 247 -22.72 36.14 -19.86
N SER A 248 -23.59 35.81 -18.90
CA SER A 248 -23.82 36.68 -17.74
C SER A 248 -22.62 36.76 -16.80
N PHE A 249 -21.86 35.66 -16.73
CA PHE A 249 -20.66 35.57 -15.91
C PHE A 249 -19.54 36.35 -16.63
N LEU A 250 -19.58 36.35 -17.95
CA LEU A 250 -18.59 37.09 -18.74
C LEU A 250 -18.76 38.60 -18.64
N ILE A 251 -19.99 39.03 -18.33
CA ILE A 251 -20.32 40.46 -18.15
C ILE A 251 -19.68 40.90 -16.81
N ARG A 252 -19.97 40.16 -15.75
CA ARG A 252 -19.44 40.44 -14.42
C ARG A 252 -17.91 40.40 -14.37
N MET A 253 -17.32 39.47 -15.12
CA MET A 253 -15.86 39.30 -15.19
C MET A 253 -15.18 40.59 -15.65
N GLN A 254 -15.82 41.30 -16.58
CA GLN A 254 -15.32 42.57 -17.11
C GLN A 254 -15.59 43.73 -16.14
N GLU A 255 -16.72 43.65 -15.44
CA GLU A 255 -17.12 44.66 -14.43
C GLU A 255 -16.30 44.47 -13.16
N GLU A 256 -15.30 43.58 -13.25
CA GLU A 256 -14.41 43.26 -12.14
C GLU A 256 -12.95 43.19 -12.63
N GLU A 257 -12.71 43.58 -13.88
CA GLU A 257 -11.39 43.58 -14.52
C GLU A 257 -10.42 44.55 -13.83
N LYS A 258 -10.99 45.46 -13.02
CA LYS A 258 -10.23 46.47 -12.28
C LYS A 258 -10.06 46.11 -10.81
N ASN A 259 -10.75 45.07 -10.37
CA ASN A 259 -10.67 44.58 -8.98
C ASN A 259 -9.74 43.36 -8.94
N PRO A 260 -8.56 43.48 -8.30
CA PRO A 260 -7.64 42.33 -8.24
C PRO A 260 -8.18 41.23 -7.30
N ASN A 261 -8.91 41.68 -6.29
CA ASN A 261 -9.53 40.82 -5.31
C ASN A 261 -10.97 40.48 -5.68
N THR A 262 -11.12 39.86 -6.85
CA THR A 262 -12.42 39.42 -7.34
C THR A 262 -12.38 37.91 -7.42
N GLU A 263 -13.57 37.30 -7.37
CA GLU A 263 -13.71 35.86 -7.48
C GLU A 263 -14.34 35.55 -8.84
N PHE A 264 -14.36 36.57 -9.69
CA PHE A 264 -14.92 36.47 -11.02
C PHE A 264 -13.85 36.52 -12.10
N TYR A 265 -13.22 35.38 -12.30
CA TYR A 265 -12.19 35.19 -13.32
C TYR A 265 -12.51 33.94 -14.14
N LEU A 266 -11.75 33.74 -15.21
CA LEU A 266 -11.92 32.61 -16.13
C LEU A 266 -12.03 31.24 -15.47
N LYS A 267 -11.12 30.95 -14.54
CA LYS A 267 -11.09 29.66 -13.85
C LYS A 267 -12.37 29.32 -13.06
N ASN A 268 -12.93 30.33 -12.39
CA ASN A 268 -14.16 30.15 -11.61
C ASN A 268 -15.38 29.98 -12.50
N LEU A 269 -15.29 30.45 -13.74
CA LEU A 269 -16.36 30.33 -14.71
C LEU A 269 -16.42 28.91 -15.25
N VAL A 270 -15.28 28.44 -15.78
CA VAL A 270 -15.13 27.10 -16.35
C VAL A 270 -15.64 26.06 -15.35
N MET A 271 -15.27 26.27 -14.09
CA MET A 271 -15.63 25.39 -13.00
C MET A 271 -17.09 25.46 -12.55
N THR A 272 -17.61 26.66 -12.32
CA THR A 272 -19.01 26.85 -11.89
C THR A 272 -19.99 26.27 -12.92
N THR A 273 -19.67 26.49 -14.19
CA THR A 273 -20.47 26.01 -15.32
C THR A 273 -20.41 24.49 -15.43
N LEU A 274 -19.22 23.92 -15.25
CA LEU A 274 -19.03 22.46 -15.30
C LEU A 274 -19.79 21.78 -14.17
N GLN A 275 -19.63 22.36 -12.97
CA GLN A 275 -20.26 21.87 -11.75
C GLN A 275 -21.78 21.84 -11.87
N LEU A 276 -22.33 22.82 -12.59
CA LEU A 276 -23.78 22.88 -12.79
C LEU A 276 -24.23 21.87 -13.84
N PHE A 277 -23.50 21.81 -14.96
CA PHE A 277 -23.77 20.91 -16.08
C PHE A 277 -23.77 19.44 -15.63
N VAL A 278 -22.89 19.09 -14.69
CA VAL A 278 -22.82 17.73 -14.19
C VAL A 278 -23.87 17.57 -13.09
N GLY A 279 -23.87 18.51 -12.13
CA GLY A 279 -24.79 18.49 -11.02
C GLY A 279 -26.27 18.59 -11.35
N GLY A 280 -26.59 19.07 -12.54
CA GLY A 280 -27.96 19.21 -12.97
C GLY A 280 -28.42 18.02 -13.76
N THR A 281 -27.47 17.39 -14.43
CA THR A 281 -27.72 16.23 -15.28
C THR A 281 -27.79 14.92 -14.51
N GLU A 282 -26.62 14.42 -14.13
CA GLU A 282 -26.45 13.13 -13.48
C GLU A 282 -27.20 12.84 -12.20
N THR A 283 -27.65 13.87 -11.52
CA THR A 283 -28.40 13.71 -10.28
C THR A 283 -29.87 13.40 -10.54
N VAL A 284 -30.49 14.20 -11.40
CA VAL A 284 -31.91 14.04 -11.78
C VAL A 284 -32.09 12.83 -12.71
N SER A 285 -31.05 12.49 -13.47
CA SER A 285 -31.07 11.35 -14.39
C SER A 285 -31.10 10.04 -13.62
N THR A 286 -30.24 9.95 -12.61
CA THR A 286 -30.12 8.77 -11.74
C THR A 286 -31.42 8.55 -10.97
N THR A 287 -32.07 9.66 -10.61
CA THR A 287 -33.33 9.64 -9.87
C THR A 287 -34.43 9.11 -10.77
N LEU A 288 -34.41 9.52 -12.04
CA LEU A 288 -35.39 9.08 -13.02
C LEU A 288 -35.24 7.62 -13.35
N ARG A 289 -34.00 7.19 -13.61
CA ARG A 289 -33.67 5.81 -13.95
C ARG A 289 -34.06 4.84 -12.83
N TYR A 290 -33.84 5.24 -11.57
CA TYR A 290 -34.20 4.42 -10.41
C TYR A 290 -35.71 4.41 -10.24
N GLY A 291 -36.33 5.54 -10.57
CA GLY A 291 -37.76 5.71 -10.46
C GLY A 291 -38.62 4.75 -11.24
N PHE A 292 -38.31 4.57 -12.52
CA PHE A 292 -39.05 3.66 -13.39
C PHE A 292 -38.87 2.19 -13.02
N LEU A 293 -37.74 1.87 -12.40
CA LEU A 293 -37.46 0.50 -11.94
C LEU A 293 -38.31 0.20 -10.73
N LEU A 294 -38.46 1.22 -9.88
CA LEU A 294 -39.26 1.12 -8.66
C LEU A 294 -40.76 0.98 -9.00
N LEU A 295 -41.17 1.56 -10.13
CA LEU A 295 -42.55 1.51 -10.60
C LEU A 295 -42.91 0.20 -11.30
N MET A 296 -41.94 -0.43 -11.97
CA MET A 296 -42.15 -1.71 -12.66
C MET A 296 -42.24 -2.83 -11.65
N LYS A 297 -41.45 -2.68 -10.58
CA LYS A 297 -41.38 -3.62 -9.46
C LYS A 297 -42.70 -3.58 -8.69
N HIS A 298 -43.35 -2.42 -8.74
CA HIS A 298 -44.63 -2.18 -8.05
C HIS A 298 -45.71 -1.66 -9.01
N PRO A 299 -46.47 -2.58 -9.68
CA PRO A 299 -47.52 -2.18 -10.62
C PRO A 299 -48.68 -1.41 -9.96
N GLU A 300 -48.94 -1.73 -8.69
CA GLU A 300 -50.03 -1.13 -7.90
C GLU A 300 -49.88 0.38 -7.74
N VAL A 301 -48.62 0.84 -7.67
CA VAL A 301 -48.29 2.25 -7.54
C VAL A 301 -48.45 2.92 -8.91
N GLU A 302 -48.00 2.23 -9.97
CA GLU A 302 -48.10 2.72 -11.35
C GLU A 302 -49.58 2.93 -11.69
N ALA A 303 -50.41 1.96 -11.28
CA ALA A 303 -51.85 1.96 -11.52
C ALA A 303 -52.57 3.13 -10.84
N LYS A 304 -52.18 3.43 -9.60
CA LYS A 304 -52.77 4.55 -8.85
C LYS A 304 -52.30 5.90 -9.41
N VAL A 305 -51.06 5.92 -9.91
CA VAL A 305 -50.44 7.12 -10.53
C VAL A 305 -51.21 7.37 -11.82
N HIS A 306 -51.52 6.29 -12.53
CA HIS A 306 -52.27 6.33 -13.77
C HIS A 306 -53.69 6.83 -13.53
N GLU A 307 -54.28 6.40 -12.40
CA GLU A 307 -55.63 6.80 -12.01
C GLU A 307 -55.67 8.30 -11.75
N GLU A 308 -54.64 8.82 -11.07
CA GLU A 308 -54.55 10.24 -10.75
C GLU A 308 -54.31 11.09 -11.98
N ILE A 309 -53.56 10.56 -12.96
CA ILE A 309 -53.29 11.32 -14.18
C ILE A 309 -54.53 11.41 -15.07
N ASP A 310 -55.22 10.28 -15.25
CA ASP A 310 -56.43 10.20 -16.07
C ASP A 310 -57.54 11.11 -15.52
N ARG A 311 -57.63 11.17 -14.19
CA ARG A 311 -58.61 11.99 -13.49
C ARG A 311 -58.27 13.49 -13.54
N VAL A 312 -57.05 13.84 -13.14
CA VAL A 312 -56.64 15.23 -13.09
C VAL A 312 -56.21 15.88 -14.41
N ILE A 313 -55.28 15.29 -15.14
CA ILE A 313 -54.79 15.86 -16.39
C ILE A 313 -55.63 15.53 -17.64
N GLY A 314 -55.79 14.23 -17.90
CA GLY A 314 -56.50 13.77 -19.09
C GLY A 314 -55.47 13.16 -20.03
N LYS A 315 -55.88 12.85 -21.26
CA LYS A 315 -54.98 12.24 -22.23
C LYS A 315 -54.48 13.25 -23.26
N ASN A 316 -55.07 14.45 -23.24
CA ASN A 316 -54.72 15.50 -24.19
C ASN A 316 -53.53 16.42 -23.93
N ARG A 317 -53.75 17.49 -23.17
CA ARG A 317 -52.71 18.49 -22.84
C ARG A 317 -51.51 17.98 -22.03
N GLN A 318 -50.34 18.60 -22.27
CA GLN A 318 -49.11 18.24 -21.58
C GLN A 318 -49.21 18.72 -20.13
N PRO A 319 -48.92 17.86 -19.14
CA PRO A 319 -49.00 18.27 -17.73
C PRO A 319 -48.13 19.48 -17.42
N LYS A 320 -48.63 20.34 -16.54
CA LYS A 320 -47.91 21.54 -16.10
C LYS A 320 -47.61 21.48 -14.61
N PHE A 321 -46.57 22.20 -14.17
CA PHE A 321 -46.13 22.20 -12.76
C PHE A 321 -47.21 22.40 -11.72
N GLU A 322 -48.09 23.37 -11.93
CA GLU A 322 -49.18 23.68 -10.99
C GLU A 322 -50.16 22.52 -10.68
N ASP A 323 -50.18 21.51 -11.56
CA ASP A 323 -51.03 20.33 -11.41
C ASP A 323 -50.63 19.48 -10.21
N ARG A 324 -49.42 19.72 -9.71
CA ARG A 324 -48.86 19.00 -8.57
C ARG A 324 -49.69 19.15 -7.31
N ALA A 325 -50.24 20.34 -7.11
CA ALA A 325 -51.07 20.65 -5.94
C ALA A 325 -52.44 19.98 -5.93
N LYS A 326 -52.89 19.53 -7.11
CA LYS A 326 -54.15 18.83 -7.26
C LYS A 326 -53.83 17.33 -7.38
N MET A 327 -52.54 17.02 -7.34
CA MET A 327 -52.04 15.64 -7.45
C MET A 327 -51.22 15.23 -6.21
N PRO A 328 -51.90 14.81 -5.11
CA PRO A 328 -51.18 14.41 -3.89
C PRO A 328 -50.34 13.13 -3.94
N TYR A 329 -50.90 12.06 -4.52
CA TYR A 329 -50.22 10.75 -4.62
C TYR A 329 -48.97 10.82 -5.49
N MET A 330 -49.03 11.51 -6.63
CA MET A 330 -47.90 11.64 -7.53
C MET A 330 -46.70 12.23 -6.80
N GLU A 331 -46.93 13.32 -6.07
CA GLU A 331 -45.91 14.02 -5.29
C GLU A 331 -45.31 13.10 -4.23
N ALA A 332 -46.11 12.15 -3.76
CA ALA A 332 -45.70 11.17 -2.76
C ALA A 332 -44.84 10.07 -3.35
N VAL A 333 -45.06 9.77 -4.64
CA VAL A 333 -44.29 8.75 -5.35
C VAL A 333 -42.89 9.30 -5.64
N ILE A 334 -42.85 10.51 -6.19
CA ILE A 334 -41.59 11.21 -6.52
C ILE A 334 -40.75 11.38 -5.25
N HIS A 335 -41.43 11.58 -4.12
CA HIS A 335 -40.78 11.75 -2.82
C HIS A 335 -40.17 10.47 -2.32
N GLU A 336 -40.88 9.36 -2.56
CA GLU A 336 -40.42 8.04 -2.14
C GLU A 336 -39.34 7.51 -3.09
N ILE A 337 -39.37 7.99 -4.34
CA ILE A 337 -38.38 7.62 -5.35
C ILE A 337 -37.06 8.27 -4.96
N GLN A 338 -37.14 9.50 -4.45
CA GLN A 338 -35.97 10.24 -4.01
C GLN A 338 -35.43 9.68 -2.70
N ARG A 339 -36.35 9.23 -1.85
CA ARG A 339 -36.02 8.67 -0.54
C ARG A 339 -35.32 7.32 -0.68
N PHE A 340 -36.01 6.36 -1.29
CA PHE A 340 -35.50 5.00 -1.52
C PHE A 340 -34.25 5.06 -2.40
N GLY A 341 -34.29 5.94 -3.41
CA GLY A 341 -33.19 6.14 -4.35
C GLY A 341 -31.90 6.55 -3.69
N ASP A 342 -31.99 7.45 -2.70
CA ASP A 342 -30.86 7.96 -1.92
C ASP A 342 -29.70 8.36 -2.82
N VAL A 343 -30.03 9.07 -3.90
CA VAL A 343 -29.12 9.52 -4.95
C VAL A 343 -27.70 9.88 -4.48
N ILE A 344 -27.58 10.70 -3.44
CA ILE A 344 -26.28 11.10 -2.86
C ILE A 344 -26.38 10.82 -1.33
N PRO A 345 -26.02 9.58 -0.90
CA PRO A 345 -26.06 9.12 0.49
C PRO A 345 -25.30 9.82 1.60
N MET A 346 -24.11 10.30 1.29
CA MET A 346 -23.27 10.98 2.28
C MET A 346 -23.09 12.46 1.96
N SER A 347 -24.10 13.06 1.33
CA SER A 347 -24.12 14.48 0.93
C SER A 347 -22.86 14.86 0.17
N LEU A 348 -22.44 16.10 0.34
CA LEU A 348 -21.21 16.58 -0.25
C LEU A 348 -20.62 17.21 0.97
N ALA A 349 -19.65 16.49 1.54
CA ALA A 349 -18.91 16.82 2.75
C ALA A 349 -18.88 18.28 3.22
N ARG A 350 -19.20 18.49 4.49
CA ARG A 350 -19.20 19.81 5.11
C ARG A 350 -17.89 19.98 5.88
N ARG A 351 -17.68 21.17 6.43
CA ARG A 351 -16.48 21.50 7.19
C ARG A 351 -16.95 22.57 8.17
N VAL A 352 -16.50 22.49 9.42
CA VAL A 352 -16.88 23.50 10.41
C VAL A 352 -16.00 24.74 10.19
N LYS A 353 -16.66 25.89 9.99
CA LYS A 353 -15.96 27.15 9.74
C LYS A 353 -15.13 27.70 10.90
N LYS A 354 -15.55 27.38 12.12
CA LYS A 354 -14.84 27.81 13.33
C LYS A 354 -15.13 26.82 14.45
N ASP A 355 -14.22 26.77 15.43
CA ASP A 355 -14.28 25.89 16.62
C ASP A 355 -15.69 25.80 17.20
N THR A 356 -16.26 24.60 17.14
CA THR A 356 -17.62 24.36 17.61
C THR A 356 -17.76 23.38 18.77
N LYS A 357 -18.87 23.55 19.49
CA LYS A 357 -19.28 22.72 20.61
C LYS A 357 -20.59 22.10 20.09
N PHE A 358 -20.61 20.79 19.93
CA PHE A 358 -21.79 20.09 19.43
C PHE A 358 -22.07 18.90 20.35
N ARG A 359 -23.17 19.00 21.09
CA ARG A 359 -23.63 17.99 22.05
C ARG A 359 -22.47 17.44 22.91
N ASP A 360 -21.83 18.32 23.69
CA ASP A 360 -20.71 17.95 24.56
C ASP A 360 -19.48 17.35 23.83
N PHE A 361 -19.34 17.70 22.55
CA PHE A 361 -18.22 17.25 21.73
C PHE A 361 -17.56 18.50 21.15
N PHE A 362 -16.24 18.44 21.00
CA PHE A 362 -15.47 19.55 20.46
C PHE A 362 -15.07 19.21 19.04
N LEU A 363 -15.34 20.13 18.14
CA LEU A 363 -14.99 19.98 16.74
C LEU A 363 -14.10 21.18 16.41
N PRO A 364 -12.77 20.96 16.28
CA PRO A 364 -11.83 22.05 15.98
C PRO A 364 -12.02 22.58 14.55
N LYS A 365 -11.55 23.81 14.30
CA LYS A 365 -11.66 24.45 12.99
C LYS A 365 -11.00 23.62 11.88
N GLY A 366 -11.76 23.39 10.82
CA GLY A 366 -11.27 22.65 9.67
C GLY A 366 -11.64 21.18 9.64
N THR A 367 -12.44 20.73 10.62
CA THR A 367 -12.87 19.33 10.72
C THR A 367 -13.95 18.98 9.70
N GLU A 368 -13.66 17.98 8.86
CA GLU A 368 -14.59 17.53 7.83
C GLU A 368 -15.77 16.80 8.44
N VAL A 369 -16.96 17.10 7.93
CA VAL A 369 -18.19 16.54 8.43
C VAL A 369 -18.91 15.77 7.32
N TYR A 370 -19.37 14.55 7.64
CA TYR A 370 -20.09 13.69 6.69
C TYR A 370 -21.55 13.54 7.12
N PRO A 371 -22.46 14.36 6.54
CA PRO A 371 -23.88 14.25 6.91
C PRO A 371 -24.47 13.07 6.16
N MET A 372 -24.76 11.98 6.87
CA MET A 372 -25.32 10.79 6.23
C MET A 372 -26.81 10.94 5.85
N LEU A 373 -27.05 11.59 4.72
CA LEU A 373 -28.40 11.81 4.21
C LEU A 373 -29.22 10.53 4.10
N GLY A 374 -28.52 9.42 3.87
CA GLY A 374 -29.16 8.12 3.75
C GLY A 374 -29.79 7.57 5.02
N SER A 375 -29.13 7.82 6.15
CA SER A 375 -29.58 7.38 7.47
C SER A 375 -30.76 8.20 7.99
N VAL A 376 -30.95 9.36 7.36
CA VAL A 376 -32.02 10.29 7.67
C VAL A 376 -33.24 9.89 6.83
N LEU A 377 -32.99 9.49 5.58
CA LEU A 377 -34.03 9.05 4.65
C LEU A 377 -34.49 7.64 4.99
N ARG A 378 -33.66 6.94 5.77
CA ARG A 378 -33.91 5.57 6.19
C ARG A 378 -33.99 5.49 7.72
N ASP A 379 -34.38 6.61 8.34
CA ASP A 379 -34.54 6.72 9.78
C ASP A 379 -35.76 5.91 10.19
N PRO A 380 -35.60 4.99 11.18
CA PRO A 380 -36.73 4.17 11.62
C PRO A 380 -37.75 4.88 12.52
N SER A 381 -37.44 6.11 12.91
CA SER A 381 -38.34 6.90 13.76
C SER A 381 -39.32 7.71 12.93
N PHE A 382 -38.87 8.19 11.77
CA PHE A 382 -39.69 9.01 10.86
C PHE A 382 -40.40 8.26 9.74
N PHE A 383 -40.02 7.00 9.53
CA PHE A 383 -40.61 6.15 8.48
C PHE A 383 -40.99 4.75 8.99
N SER A 384 -42.22 4.33 8.68
CA SER A 384 -42.78 3.04 9.09
C SER A 384 -42.07 1.79 8.57
N ASN A 385 -41.68 1.82 7.30
CA ASN A 385 -40.96 0.71 6.66
C ASN A 385 -39.89 1.39 5.82
N PRO A 386 -38.78 1.81 6.45
CA PRO A 386 -37.70 2.49 5.73
C PRO A 386 -36.96 1.70 4.64
N GLN A 387 -37.08 0.38 4.69
CA GLN A 387 -36.42 -0.51 3.73
C GLN A 387 -37.24 -0.83 2.49
N ASP A 388 -38.52 -0.47 2.52
CA ASP A 388 -39.44 -0.72 1.40
C ASP A 388 -39.80 0.54 0.60
N PHE A 389 -40.27 0.32 -0.62
CA PHE A 389 -40.74 1.39 -1.50
C PHE A 389 -42.25 1.36 -1.29
N ASN A 390 -42.72 2.35 -0.55
CA ASN A 390 -44.13 2.50 -0.21
C ASN A 390 -44.41 3.99 -0.07
N PRO A 391 -45.08 4.60 -1.08
CA PRO A 391 -45.43 6.02 -1.09
C PRO A 391 -46.24 6.53 0.11
N GLN A 392 -46.77 5.59 0.90
CA GLN A 392 -47.57 5.90 2.09
C GLN A 392 -46.82 6.62 3.21
N HIS A 393 -45.48 6.62 3.12
CA HIS A 393 -44.60 7.29 4.09
C HIS A 393 -44.81 8.81 3.97
N PHE A 394 -45.27 9.22 2.79
CA PHE A 394 -45.54 10.62 2.48
C PHE A 394 -47.03 10.79 2.16
N LEU A 395 -47.87 10.04 2.88
CA LEU A 395 -49.31 10.07 2.67
C LEU A 395 -50.11 9.70 3.91
N ASN A 396 -50.98 10.60 4.39
CA ASN A 396 -51.82 10.30 5.56
C ASN A 396 -53.00 9.43 5.18
N GLU A 397 -53.78 9.03 6.20
CA GLU A 397 -54.93 8.16 6.04
C GLU A 397 -56.04 8.60 5.08
N LYS A 398 -56.18 9.91 4.85
CA LYS A 398 -57.19 10.44 3.94
C LYS A 398 -56.64 10.63 2.51
N GLY A 399 -55.51 9.96 2.25
CA GLY A 399 -54.86 10.01 0.95
C GLY A 399 -54.13 11.29 0.60
N GLN A 400 -54.08 12.23 1.55
CA GLN A 400 -53.42 13.52 1.34
C GLN A 400 -51.91 13.42 1.56
N PHE A 401 -51.16 14.31 0.91
CA PHE A 401 -49.70 14.35 1.00
C PHE A 401 -49.18 14.87 2.36
N LYS A 402 -48.36 14.04 3.01
CA LYS A 402 -47.78 14.36 4.32
C LYS A 402 -46.27 14.59 4.21
N LYS A 403 -45.82 15.76 4.65
CA LYS A 403 -44.39 16.09 4.62
C LYS A 403 -43.64 15.40 5.76
N SER A 404 -42.31 15.33 5.63
CA SER A 404 -41.45 14.72 6.63
C SER A 404 -40.18 15.57 6.72
N ASP A 405 -39.69 15.71 7.95
CA ASP A 405 -38.48 16.49 8.22
C ASP A 405 -37.24 15.65 7.94
N ALA A 406 -37.47 14.35 7.75
CA ALA A 406 -36.41 13.41 7.45
C ALA A 406 -36.17 13.31 5.94
N PHE A 407 -37.01 13.97 5.16
CA PHE A 407 -36.88 13.99 3.70
C PHE A 407 -35.78 14.99 3.37
N VAL A 408 -34.56 14.49 3.21
CA VAL A 408 -33.41 15.34 2.88
C VAL A 408 -32.44 14.86 1.74
N PRO A 409 -32.96 14.48 0.55
CA PRO A 409 -32.03 14.03 -0.50
C PRO A 409 -31.26 15.20 -1.13
N PHE A 410 -31.79 16.41 -0.92
CA PHE A 410 -31.22 17.65 -1.41
C PHE A 410 -30.37 18.29 -0.32
N SER A 411 -30.44 17.68 0.86
CA SER A 411 -29.74 18.13 2.07
C SER A 411 -30.43 19.36 2.66
N ILE A 412 -29.86 19.86 3.75
CA ILE A 412 -30.40 21.02 4.45
C ILE A 412 -29.28 21.95 4.90
N GLY A 413 -29.63 23.20 5.19
CA GLY A 413 -28.64 24.16 5.66
C GLY A 413 -28.24 25.32 4.77
N LYS A 414 -27.12 25.93 5.14
CA LYS A 414 -26.55 27.07 4.44
C LYS A 414 -25.84 26.81 3.11
N ARG A 415 -25.54 25.54 2.83
CA ARG A 415 -24.87 25.16 1.59
C ARG A 415 -25.62 24.07 0.82
N ASN A 416 -26.91 23.94 1.12
CA ASN A 416 -27.80 22.96 0.48
C ASN A 416 -27.89 23.08 -1.04
N CYS A 417 -28.72 22.24 -1.64
CA CYS A 417 -28.91 22.23 -3.09
C CYS A 417 -29.77 23.39 -3.58
N PHE A 418 -29.14 24.39 -4.21
CA PHE A 418 -29.88 25.52 -4.74
C PHE A 418 -30.49 25.22 -6.10
N GLY A 419 -30.44 23.93 -6.43
CA GLY A 419 -30.99 23.44 -7.67
C GLY A 419 -32.17 22.54 -7.37
N GLU A 420 -32.73 22.69 -6.15
CA GLU A 420 -33.88 21.93 -5.67
C GLU A 420 -35.16 22.33 -6.43
N GLY A 421 -35.27 23.62 -6.73
CA GLY A 421 -36.41 24.17 -7.45
C GLY A 421 -36.52 23.56 -8.84
N LEU A 422 -35.40 23.55 -9.57
CA LEU A 422 -35.32 22.97 -10.92
C LEU A 422 -35.47 21.45 -10.88
N ALA A 423 -34.82 20.82 -9.90
CA ALA A 423 -34.86 19.37 -9.75
C ALA A 423 -36.22 18.78 -9.47
N ARG A 424 -36.99 19.39 -8.56
CA ARG A 424 -38.34 18.91 -8.21
C ARG A 424 -39.35 19.13 -9.33
N MET A 425 -39.08 20.16 -10.14
CA MET A 425 -39.91 20.52 -11.29
C MET A 425 -39.71 19.51 -12.40
N GLU A 426 -38.42 19.24 -12.69
CA GLU A 426 -38.00 18.29 -13.71
C GLU A 426 -38.56 16.90 -13.44
N LEU A 427 -38.51 16.49 -12.18
CA LEU A 427 -39.01 15.20 -11.75
C LEU A 427 -40.53 15.09 -11.87
N PHE A 428 -41.23 16.21 -11.68
CA PHE A 428 -42.68 16.20 -11.81
C PHE A 428 -43.07 16.20 -13.27
N LEU A 429 -42.42 17.04 -14.08
CA LEU A 429 -42.73 17.12 -15.48
C LEU A 429 -42.22 15.99 -16.36
N PHE A 430 -41.29 15.18 -15.85
CA PHE A 430 -40.76 14.06 -16.62
C PHE A 430 -41.43 12.77 -16.24
N PHE A 431 -41.68 12.56 -14.94
CA PHE A 431 -42.34 11.34 -14.48
C PHE A 431 -43.78 11.31 -14.98
N THR A 432 -44.52 12.38 -14.72
CA THR A 432 -45.92 12.51 -15.11
C THR A 432 -46.24 12.41 -16.62
N THR A 433 -45.48 13.15 -17.44
CA THR A 433 -45.68 13.15 -18.89
C THR A 433 -45.40 11.78 -19.52
N VAL A 434 -44.39 11.08 -18.99
CA VAL A 434 -44.05 9.74 -19.48
C VAL A 434 -45.12 8.73 -19.01
N MET A 435 -45.66 8.95 -17.80
CA MET A 435 -46.68 8.06 -17.22
C MET A 435 -48.06 8.20 -17.86
N GLN A 436 -48.30 9.39 -18.44
CA GLN A 436 -49.55 9.72 -19.10
C GLN A 436 -49.64 9.06 -20.49
N ASN A 437 -48.57 9.18 -21.25
CA ASN A 437 -48.48 8.65 -22.61
C ASN A 437 -48.08 7.17 -22.67
N PHE A 438 -47.31 6.71 -21.68
CA PHE A 438 -46.83 5.32 -21.63
C PHE A 438 -47.11 4.50 -20.37
N ARG A 439 -47.15 3.19 -20.60
CA ARG A 439 -47.38 2.16 -19.59
C ARG A 439 -46.05 1.41 -19.63
N LEU A 440 -45.54 1.05 -18.46
CA LEU A 440 -44.24 0.38 -18.35
C LEU A 440 -44.28 -1.15 -18.31
N LYS A 441 -43.43 -1.76 -19.13
CA LYS A 441 -43.31 -3.22 -19.17
C LYS A 441 -41.85 -3.58 -19.04
N SER A 442 -41.57 -4.44 -18.06
CA SER A 442 -40.21 -4.90 -17.78
C SER A 442 -39.72 -5.97 -18.77
N SER A 443 -38.75 -6.76 -18.32
CA SER A 443 -38.17 -7.81 -19.12
C SER A 443 -38.34 -9.09 -18.31
N GLN A 444 -38.69 -8.92 -17.03
CA GLN A 444 -38.89 -9.99 -16.06
C GLN A 444 -40.02 -9.67 -15.09
N SER A 445 -40.51 -10.70 -14.42
CA SER A 445 -41.60 -10.59 -13.45
C SER A 445 -41.23 -9.70 -12.24
N PRO A 446 -42.16 -8.80 -11.82
CA PRO A 446 -41.94 -7.88 -10.69
C PRO A 446 -41.38 -8.48 -9.40
N LYS A 447 -41.58 -9.79 -9.20
CA LYS A 447 -41.06 -10.45 -7.99
C LYS A 447 -39.55 -10.76 -8.11
N ASP A 448 -39.02 -10.62 -9.33
CA ASP A 448 -37.60 -10.88 -9.61
C ASP A 448 -36.74 -9.63 -9.80
N ILE A 449 -37.38 -8.51 -10.19
CA ILE A 449 -36.69 -7.23 -10.42
C ILE A 449 -35.95 -6.84 -9.14
N ASP A 450 -34.63 -6.73 -9.26
CA ASP A 450 -33.75 -6.38 -8.14
C ASP A 450 -33.68 -4.85 -8.03
N VAL A 451 -34.12 -4.35 -6.89
CA VAL A 451 -34.16 -2.90 -6.60
C VAL A 451 -33.01 -2.39 -5.74
N SER A 452 -32.15 -3.30 -5.29
CA SER A 452 -30.98 -2.95 -4.48
C SER A 452 -29.94 -2.31 -5.41
N PRO A 453 -29.18 -1.32 -4.91
CA PRO A 453 -28.16 -0.66 -5.75
C PRO A 453 -26.99 -1.51 -6.20
N LYS A 454 -26.42 -1.15 -7.34
CA LYS A 454 -25.26 -1.84 -7.89
C LYS A 454 -24.00 -1.27 -7.22
N HIS A 455 -24.03 0.04 -6.93
CA HIS A 455 -22.92 0.73 -6.29
C HIS A 455 -23.42 1.78 -5.30
N VAL A 456 -22.77 1.86 -4.14
CA VAL A 456 -23.07 2.86 -3.10
C VAL A 456 -21.75 3.42 -2.59
N GLY A 457 -21.56 4.70 -2.84
CA GLY A 457 -20.37 5.40 -2.40
C GLY A 457 -20.78 6.85 -2.29
N PHE A 458 -20.33 7.68 -3.23
CA PHE A 458 -20.67 9.09 -3.25
C PHE A 458 -22.12 9.17 -3.72
N ALA A 459 -22.45 8.31 -4.68
CA ALA A 459 -23.79 8.25 -5.24
C ALA A 459 -24.33 6.83 -5.09
N THR A 460 -25.66 6.69 -5.20
CA THR A 460 -26.33 5.39 -5.12
C THR A 460 -26.79 5.16 -6.55
N ILE A 461 -26.31 4.09 -7.16
CA ILE A 461 -26.64 3.77 -8.55
C ILE A 461 -27.43 2.47 -8.71
N PRO A 462 -28.57 2.52 -9.43
CA PRO A 462 -29.38 1.32 -9.64
C PRO A 462 -28.72 0.32 -10.59
N ARG A 463 -29.30 -0.86 -10.68
CA ARG A 463 -28.78 -1.93 -11.53
C ARG A 463 -29.07 -1.67 -13.00
N ASN A 464 -28.27 -2.28 -13.87
CA ASN A 464 -28.44 -2.13 -15.30
C ASN A 464 -29.62 -3.02 -15.69
N TYR A 465 -30.64 -2.36 -16.23
CA TYR A 465 -31.87 -3.02 -16.65
C TYR A 465 -32.32 -2.51 -18.02
N THR A 466 -33.33 -3.20 -18.56
CA THR A 466 -33.93 -2.88 -19.84
C THR A 466 -35.45 -2.91 -19.68
N MET A 467 -36.14 -2.14 -20.51
CA MET A 467 -37.60 -2.05 -20.47
C MET A 467 -38.15 -1.56 -21.81
N SER A 468 -39.47 -1.61 -21.93
CA SER A 468 -40.17 -1.16 -23.12
C SER A 468 -41.26 -0.18 -22.70
N PHE A 469 -41.44 0.86 -23.51
CA PHE A 469 -42.45 1.90 -23.28
C PHE A 469 -43.60 1.71 -24.26
N LEU A 470 -44.71 1.15 -23.76
CA LEU A 470 -45.91 0.88 -24.55
C LEU A 470 -46.92 2.03 -24.41
N PRO A 471 -47.55 2.48 -25.52
CA PRO A 471 -48.54 3.56 -25.50
C PRO A 471 -49.90 3.24 -24.83
N ARG A 472 -50.70 4.29 -24.62
CA ARG A 472 -52.03 4.24 -23.98
C ARG A 472 -53.17 4.79 -24.88
N LYS B 10 21.54 -14.04 -17.35
CA LYS B 10 20.98 -15.41 -17.58
C LYS B 10 19.44 -15.47 -17.50
N LEU B 11 18.85 -14.86 -16.47
CA LEU B 11 17.37 -14.83 -16.31
C LEU B 11 16.88 -13.76 -17.32
N PRO B 12 15.71 -13.96 -18.00
CA PRO B 12 15.19 -12.98 -18.98
C PRO B 12 15.20 -11.51 -18.54
N PRO B 13 15.46 -10.56 -19.48
CA PRO B 13 15.49 -9.14 -19.14
C PRO B 13 14.10 -8.59 -18.80
N GLY B 14 14.08 -7.44 -18.13
CA GLY B 14 12.81 -6.84 -17.76
C GLY B 14 12.97 -5.53 -17.03
N PRO B 15 11.88 -4.74 -16.88
CA PRO B 15 11.95 -3.46 -16.17
C PRO B 15 12.27 -3.64 -14.69
N THR B 16 13.20 -2.82 -14.20
CA THR B 16 13.65 -2.87 -12.81
C THR B 16 12.52 -2.85 -11.77
N PRO B 17 12.38 -3.94 -11.00
CA PRO B 17 11.35 -4.03 -9.97
C PRO B 17 11.75 -3.33 -8.67
N LEU B 18 10.74 -2.83 -7.95
CA LEU B 18 10.96 -2.20 -6.66
C LEU B 18 10.57 -3.22 -5.61
N PRO B 19 11.17 -3.18 -4.40
CA PRO B 19 10.86 -4.13 -3.32
C PRO B 19 9.37 -4.33 -3.03
N PHE B 20 8.96 -5.60 -3.01
CA PHE B 20 7.58 -6.07 -2.76
C PHE B 20 6.55 -5.70 -3.82
N ILE B 21 6.46 -4.41 -4.18
CA ILE B 21 5.48 -3.95 -5.17
C ILE B 21 5.80 -4.35 -6.60
N GLY B 22 7.01 -4.89 -6.79
CA GLY B 22 7.48 -5.35 -8.08
C GLY B 22 7.42 -4.33 -9.19
N ASN B 23 6.52 -4.55 -10.15
CA ASN B 23 6.35 -3.66 -11.28
C ASN B 23 4.97 -3.03 -11.32
N TYR B 24 4.43 -2.71 -10.14
CA TYR B 24 3.12 -2.09 -10.00
C TYR B 24 3.01 -0.74 -10.71
N LEU B 25 4.01 0.10 -10.50
CA LEU B 25 4.06 1.45 -11.06
C LEU B 25 4.15 1.48 -12.59
N GLN B 26 4.56 0.34 -13.16
CA GLN B 26 4.72 0.20 -14.60
C GLN B 26 3.63 -0.63 -15.29
N LEU B 27 2.53 -0.90 -14.58
CA LEU B 27 1.41 -1.68 -15.11
C LEU B 27 0.07 -1.13 -14.66
N ASN B 28 -0.94 -1.32 -15.51
CA ASN B 28 -2.31 -0.91 -15.21
C ASN B 28 -3.11 -2.18 -14.92
N THR B 29 -3.81 -2.17 -13.78
CA THR B 29 -4.60 -3.31 -13.33
C THR B 29 -5.99 -3.40 -13.99
N GLU B 30 -6.17 -2.65 -15.07
CA GLU B 30 -7.43 -2.62 -15.80
C GLU B 30 -7.19 -3.18 -17.20
N GLN B 31 -5.94 -3.06 -17.65
CA GLN B 31 -5.52 -3.55 -18.96
C GLN B 31 -4.17 -4.25 -18.84
N MET B 32 -4.14 -5.34 -18.08
CA MET B 32 -2.92 -6.13 -17.87
C MET B 32 -2.29 -6.61 -19.17
N TYR B 33 -3.14 -7.01 -20.12
CA TYR B 33 -2.71 -7.51 -21.42
C TYR B 33 -1.92 -6.44 -22.19
N ASN B 34 -2.53 -5.28 -22.41
CA ASN B 34 -1.90 -4.16 -23.12
C ASN B 34 -0.64 -3.66 -22.42
N SER B 35 -0.72 -3.61 -21.09
CA SER B 35 0.38 -3.18 -20.23
C SER B 35 1.60 -4.06 -20.40
N LEU B 36 1.40 -5.38 -20.39
CA LEU B 36 2.49 -6.35 -20.57
C LEU B 36 3.01 -6.36 -22.00
N MET B 37 2.10 -6.12 -22.95
CA MET B 37 2.42 -6.07 -24.38
C MET B 37 3.27 -4.86 -24.74
N LYS B 38 3.04 -3.74 -24.05
CA LYS B 38 3.79 -2.51 -24.26
C LYS B 38 5.24 -2.75 -23.82
N ILE B 39 5.38 -3.51 -22.75
CA ILE B 39 6.68 -3.86 -22.20
C ILE B 39 7.43 -4.85 -23.11
N SER B 40 6.69 -5.63 -23.91
CA SER B 40 7.30 -6.59 -24.83
C SER B 40 7.93 -5.85 -26.01
N GLU B 41 7.30 -4.73 -26.38
CA GLU B 41 7.73 -3.86 -27.47
C GLU B 41 9.08 -3.22 -27.19
N ARG B 42 9.47 -3.22 -25.91
CA ARG B 42 10.72 -2.63 -25.46
C ARG B 42 11.75 -3.68 -25.01
N TYR B 43 11.31 -4.92 -24.75
CA TYR B 43 12.24 -5.97 -24.28
C TYR B 43 12.38 -7.23 -25.13
N GLY B 44 11.39 -7.49 -25.98
CA GLY B 44 11.41 -8.67 -26.84
C GLY B 44 10.22 -9.59 -26.56
N PRO B 45 10.16 -10.80 -27.18
CA PRO B 45 9.03 -11.72 -26.94
C PRO B 45 9.08 -12.51 -25.63
N VAL B 46 10.29 -12.68 -25.08
CA VAL B 46 10.47 -13.43 -23.83
C VAL B 46 11.11 -12.53 -22.79
N PHE B 47 10.28 -11.94 -21.93
CA PHE B 47 10.78 -11.08 -20.87
C PHE B 47 10.31 -11.49 -19.47
N THR B 48 10.85 -10.82 -18.45
CA THR B 48 10.51 -11.08 -17.06
C THR B 48 9.78 -9.88 -16.46
N ILE B 49 8.69 -10.17 -15.76
CA ILE B 49 7.91 -9.16 -15.07
C ILE B 49 7.75 -9.61 -13.62
N HIS B 50 7.55 -8.63 -12.74
CA HIS B 50 7.37 -8.92 -11.33
C HIS B 50 5.99 -8.43 -10.96
N LEU B 51 5.05 -9.37 -10.86
CA LEU B 51 3.67 -9.06 -10.48
C LEU B 51 3.65 -9.01 -8.95
N GLY B 52 4.20 -7.92 -8.43
CA GLY B 52 4.32 -7.76 -7.00
C GLY B 52 5.46 -8.68 -6.61
N PRO B 53 5.27 -9.55 -5.59
CA PRO B 53 6.33 -10.47 -5.18
C PRO B 53 6.57 -11.58 -6.22
N ARG B 54 5.54 -11.84 -7.02
CA ARG B 54 5.55 -12.89 -8.05
C ARG B 54 6.37 -12.56 -9.28
N ARG B 55 7.47 -13.28 -9.43
CA ARG B 55 8.34 -13.11 -10.58
C ARG B 55 7.84 -14.06 -11.65
N VAL B 56 7.40 -13.47 -12.76
CA VAL B 56 6.84 -14.21 -13.87
C VAL B 56 7.53 -13.91 -15.21
N VAL B 57 7.77 -14.98 -15.98
CA VAL B 57 8.38 -14.89 -17.32
C VAL B 57 7.23 -14.93 -18.32
N VAL B 58 7.12 -13.86 -19.11
CA VAL B 58 6.07 -13.71 -20.09
C VAL B 58 6.54 -14.18 -21.48
N LEU B 59 5.64 -14.83 -22.21
CA LEU B 59 5.92 -15.33 -23.54
C LEU B 59 4.94 -14.69 -24.53
N CYS B 60 5.47 -14.01 -25.54
CA CYS B 60 4.64 -13.34 -26.55
C CYS B 60 4.84 -13.86 -27.97
N GLY B 61 3.74 -13.95 -28.72
CA GLY B 61 3.77 -14.44 -30.10
C GLY B 61 3.74 -15.96 -30.17
N HIS B 62 3.41 -16.49 -31.36
CA HIS B 62 3.35 -17.94 -31.55
C HIS B 62 4.66 -18.68 -31.27
N ASP B 63 5.73 -18.27 -31.97
CA ASP B 63 7.06 -18.88 -31.86
C ASP B 63 7.52 -19.09 -30.43
N ALA B 64 7.33 -18.07 -29.60
CA ALA B 64 7.72 -18.09 -28.19
C ALA B 64 6.92 -19.06 -27.33
N VAL B 65 5.59 -19.06 -27.46
CA VAL B 65 4.71 -19.93 -26.68
C VAL B 65 4.86 -21.40 -27.08
N ARG B 66 5.00 -21.66 -28.38
CA ARG B 66 5.14 -23.03 -28.89
C ARG B 66 6.49 -23.67 -28.59
N GLU B 67 7.57 -22.88 -28.67
CA GLU B 67 8.91 -23.38 -28.37
C GLU B 67 8.99 -23.86 -26.93
N ALA B 68 8.27 -23.15 -26.07
CA ALA B 68 8.20 -23.42 -24.64
C ALA B 68 7.23 -24.53 -24.27
N LEU B 69 5.94 -24.31 -24.55
CA LEU B 69 4.89 -25.26 -24.18
C LEU B 69 4.78 -26.58 -24.95
N VAL B 70 5.39 -26.67 -26.14
CA VAL B 70 5.34 -27.90 -26.94
C VAL B 70 6.70 -28.62 -27.08
N ASP B 71 7.71 -27.90 -27.59
CA ASP B 71 9.04 -28.45 -27.82
C ASP B 71 9.79 -28.82 -26.53
N GLN B 72 9.51 -28.04 -25.48
CA GLN B 72 10.09 -28.26 -24.16
C GLN B 72 8.91 -28.48 -23.20
N ALA B 73 7.92 -29.21 -23.70
CA ALA B 73 6.67 -29.55 -23.00
C ALA B 73 6.69 -29.97 -21.54
N GLU B 74 7.49 -30.99 -21.22
CA GLU B 74 7.60 -31.51 -19.85
C GLU B 74 8.34 -30.56 -18.90
N GLU B 75 9.06 -29.60 -19.47
CA GLU B 75 9.81 -28.65 -18.66
C GLU B 75 8.90 -27.51 -18.20
N PHE B 76 7.89 -27.18 -19.01
CA PHE B 76 6.93 -26.12 -18.73
C PHE B 76 5.58 -26.71 -18.32
N SER B 77 5.59 -27.96 -17.86
CA SER B 77 4.38 -28.67 -17.46
C SER B 77 3.80 -28.32 -16.10
N GLY B 78 4.50 -27.49 -15.34
CA GLY B 78 4.02 -27.13 -14.01
C GLY B 78 2.91 -26.11 -14.03
N ARG B 79 2.07 -26.13 -13.00
CA ARG B 79 0.94 -25.20 -12.88
C ARG B 79 1.28 -24.02 -11.98
N GLY B 80 1.04 -22.82 -12.50
CA GLY B 80 1.28 -21.60 -11.75
C GLY B 80 0.11 -21.32 -10.84
N GLU B 81 -0.01 -20.09 -10.37
CA GLU B 81 -1.11 -19.74 -9.48
C GLU B 81 -2.06 -18.72 -10.10
N GLN B 82 -3.32 -18.77 -9.68
CA GLN B 82 -4.32 -17.79 -10.10
C GLN B 82 -4.96 -17.47 -8.75
N ALA B 83 -4.31 -16.57 -8.03
CA ALA B 83 -4.68 -16.12 -6.69
C ALA B 83 -6.12 -16.15 -6.19
N THR B 84 -7.05 -15.65 -6.99
CA THR B 84 -8.47 -15.60 -6.63
C THR B 84 -9.02 -17.01 -6.51
N PHE B 85 -8.64 -17.87 -7.44
CA PHE B 85 -9.07 -19.26 -7.46
C PHE B 85 -8.33 -20.08 -6.40
N ASP B 86 -7.02 -19.81 -6.25
CA ASP B 86 -6.19 -20.48 -5.27
C ASP B 86 -6.56 -20.15 -3.82
N TRP B 87 -7.64 -19.36 -3.66
CA TRP B 87 -8.14 -18.97 -2.34
C TRP B 87 -8.97 -20.12 -1.80
N VAL B 88 -9.83 -20.66 -2.67
CA VAL B 88 -10.72 -21.76 -2.34
C VAL B 88 -10.15 -23.12 -2.68
N PHE B 89 -9.37 -23.19 -3.77
CA PHE B 89 -8.76 -24.44 -4.22
C PHE B 89 -7.51 -24.85 -3.47
N LYS B 90 -6.76 -23.86 -2.97
CA LYS B 90 -5.52 -24.07 -2.20
C LYS B 90 -4.60 -25.22 -2.65
N GLY B 91 -4.49 -25.40 -3.97
CA GLY B 91 -3.65 -26.43 -4.54
C GLY B 91 -4.29 -27.79 -4.76
N TYR B 92 -5.59 -27.87 -4.47
CA TYR B 92 -6.37 -29.11 -4.61
C TYR B 92 -7.18 -29.02 -5.89
N GLY B 93 -7.63 -30.17 -6.37
CA GLY B 93 -8.40 -30.24 -7.60
C GLY B 93 -7.50 -30.51 -8.78
N VAL B 94 -8.09 -30.85 -9.93
CA VAL B 94 -7.31 -31.18 -11.13
C VAL B 94 -6.61 -30.00 -11.81
N VAL B 95 -7.29 -28.87 -11.87
CA VAL B 95 -6.75 -27.70 -12.53
C VAL B 95 -5.60 -27.04 -11.79
N PHE B 96 -5.78 -26.70 -10.51
CA PHE B 96 -4.75 -26.00 -9.75
C PHE B 96 -3.79 -26.80 -8.87
N SER B 97 -3.29 -27.91 -9.42
CA SER B 97 -2.37 -28.78 -8.70
C SER B 97 -1.14 -29.17 -9.51
N ASN B 98 -0.18 -29.82 -8.84
CA ASN B 98 1.06 -30.26 -9.48
C ASN B 98 1.46 -31.68 -9.09
N GLY B 99 2.60 -32.12 -9.63
CA GLY B 99 3.18 -33.43 -9.35
C GLY B 99 2.29 -34.64 -9.58
N GLU B 100 2.19 -35.48 -8.54
CA GLU B 100 1.36 -36.67 -8.59
C GLU B 100 -0.10 -36.29 -8.60
N ARG B 101 -0.45 -35.29 -7.78
CA ARG B 101 -1.83 -34.80 -7.67
C ARG B 101 -2.48 -34.49 -9.00
N ALA B 102 -1.84 -33.65 -9.81
CA ALA B 102 -2.38 -33.29 -11.12
C ALA B 102 -2.39 -34.45 -12.12
N LYS B 103 -1.25 -35.17 -12.22
CA LYS B 103 -1.07 -36.32 -13.12
C LYS B 103 -2.11 -37.42 -12.87
N GLN B 104 -2.29 -37.77 -11.59
CA GLN B 104 -3.24 -38.79 -11.13
C GLN B 104 -4.68 -38.34 -11.41
N LEU B 105 -4.98 -37.09 -11.07
CA LEU B 105 -6.32 -36.51 -11.25
C LEU B 105 -6.68 -36.11 -12.67
N ARG B 106 -5.67 -35.86 -13.50
CA ARG B 106 -5.92 -35.50 -14.89
C ARG B 106 -6.31 -36.76 -15.65
N ARG B 107 -5.56 -37.85 -15.43
CA ARG B 107 -5.83 -39.14 -16.10
C ARG B 107 -7.24 -39.62 -15.84
N PHE B 108 -7.65 -39.56 -14.56
CA PHE B 108 -8.98 -39.96 -14.11
C PHE B 108 -10.05 -39.12 -14.79
N SER B 109 -9.88 -37.80 -14.75
CA SER B 109 -10.83 -36.87 -15.36
C SER B 109 -11.02 -37.05 -16.86
N ILE B 110 -9.93 -37.25 -17.62
CA ILE B 110 -10.00 -37.47 -19.08
C ILE B 110 -10.66 -38.83 -19.35
N ALA B 111 -10.35 -39.81 -18.51
CA ALA B 111 -10.90 -41.17 -18.61
C ALA B 111 -12.39 -41.21 -18.30
N THR B 112 -12.77 -40.71 -17.12
CA THR B 112 -14.16 -40.66 -16.63
C THR B 112 -15.09 -39.89 -17.57
N LEU B 113 -14.52 -38.91 -18.26
CA LEU B 113 -15.23 -38.09 -19.23
C LEU B 113 -15.70 -38.94 -20.42
N ARG B 114 -14.87 -39.93 -20.83
CA ARG B 114 -15.22 -40.82 -21.95
C ARG B 114 -16.34 -41.84 -21.62
N ASP B 115 -16.61 -42.01 -20.32
CA ASP B 115 -17.66 -42.93 -19.85
C ASP B 115 -19.03 -42.31 -19.79
N PHE B 116 -19.08 -41.00 -19.69
CA PHE B 116 -20.37 -40.29 -19.66
C PHE B 116 -20.66 -39.63 -21.00
N GLY B 117 -19.87 -40.06 -22.00
CA GLY B 117 -20.05 -39.59 -23.36
C GLY B 117 -19.10 -38.65 -24.10
N VAL B 118 -18.05 -38.09 -23.48
CA VAL B 118 -17.14 -37.17 -24.21
C VAL B 118 -16.39 -37.85 -25.36
N GLY B 119 -16.81 -37.47 -26.57
CA GLY B 119 -16.26 -38.04 -27.80
C GLY B 119 -17.31 -38.96 -28.41
N LYS B 120 -18.00 -39.70 -27.55
CA LYS B 120 -19.06 -40.66 -27.93
C LYS B 120 -20.40 -39.97 -28.23
N ARG B 121 -21.34 -40.74 -28.79
CA ARG B 121 -22.68 -40.27 -29.16
C ARG B 121 -23.58 -39.89 -27.97
N GLY B 122 -23.37 -40.55 -26.83
CA GLY B 122 -24.15 -40.32 -25.60
C GLY B 122 -24.24 -38.89 -25.08
N ILE B 123 -23.17 -38.10 -25.23
CA ILE B 123 -23.20 -36.71 -24.77
C ILE B 123 -23.82 -35.84 -25.85
N GLU B 124 -23.59 -36.22 -27.11
CA GLU B 124 -24.13 -35.51 -28.25
C GLU B 124 -25.66 -35.50 -28.14
N GLU B 125 -26.21 -36.58 -27.57
CA GLU B 125 -27.65 -36.73 -27.32
C GLU B 125 -28.13 -35.61 -26.39
N ARG B 126 -27.40 -35.44 -25.29
CA ARG B 126 -27.70 -34.42 -24.29
C ARG B 126 -27.43 -33.00 -24.76
N ILE B 127 -26.42 -32.82 -25.64
CA ILE B 127 -26.12 -31.50 -26.18
C ILE B 127 -27.21 -31.15 -27.20
N GLN B 128 -27.69 -32.18 -27.91
CA GLN B 128 -28.76 -32.02 -28.92
C GLN B 128 -30.12 -31.76 -28.28
N GLU B 129 -30.35 -32.36 -27.11
CA GLU B 129 -31.60 -32.16 -26.38
C GLU B 129 -31.60 -30.77 -25.72
N GLU B 130 -30.43 -30.36 -25.21
CA GLU B 130 -30.26 -29.06 -24.57
C GLU B 130 -30.31 -27.95 -25.61
N ALA B 131 -29.88 -28.26 -26.83
CA ALA B 131 -29.91 -27.30 -27.94
C ALA B 131 -31.36 -26.99 -28.27
N GLY B 132 -32.20 -28.03 -28.23
CA GLY B 132 -33.63 -27.89 -28.49
C GLY B 132 -34.32 -27.07 -27.41
N PHE B 133 -33.86 -27.23 -26.17
CA PHE B 133 -34.39 -26.49 -25.02
C PHE B 133 -34.04 -25.01 -25.11
N LEU B 134 -32.90 -24.70 -25.72
CA LEU B 134 -32.49 -23.31 -25.90
C LEU B 134 -33.35 -22.72 -27.02
N ILE B 135 -33.77 -23.57 -27.97
CA ILE B 135 -34.61 -23.15 -29.09
C ILE B 135 -36.01 -22.78 -28.60
N ASP B 136 -36.55 -23.57 -27.66
CA ASP B 136 -37.89 -23.32 -27.10
C ASP B 136 -37.90 -22.01 -26.31
N ALA B 137 -36.82 -21.80 -25.57
CA ALA B 137 -36.58 -20.62 -24.73
C ALA B 137 -36.42 -19.35 -25.57
N LEU B 138 -35.90 -19.51 -26.79
CA LEU B 138 -35.71 -18.39 -27.69
C LEU B 138 -36.95 -18.11 -28.57
N ARG B 139 -37.88 -19.06 -28.64
CA ARG B 139 -39.13 -18.86 -29.38
C ARG B 139 -40.02 -18.08 -28.41
N GLY B 140 -39.91 -18.46 -27.13
CA GLY B 140 -40.66 -17.84 -26.04
C GLY B 140 -40.44 -16.36 -25.86
N THR B 141 -39.34 -15.85 -26.44
CA THR B 141 -38.98 -14.43 -26.38
C THR B 141 -39.89 -13.61 -27.29
N GLY B 142 -40.49 -14.28 -28.27
CA GLY B 142 -41.40 -13.65 -29.22
C GLY B 142 -40.75 -12.67 -30.19
N GLY B 143 -39.43 -12.78 -30.33
CA GLY B 143 -38.69 -11.90 -31.21
C GLY B 143 -38.31 -10.55 -30.59
N ALA B 144 -38.40 -10.48 -29.25
CA ALA B 144 -38.09 -9.26 -28.51
C ALA B 144 -36.60 -9.13 -28.19
N ASN B 145 -36.16 -7.91 -27.90
CA ASN B 145 -34.77 -7.63 -27.55
C ASN B 145 -34.53 -8.12 -26.13
N ILE B 146 -33.57 -9.04 -26.01
CA ILE B 146 -33.21 -9.63 -24.70
C ILE B 146 -31.69 -9.58 -24.49
N ASP B 147 -31.27 -9.87 -23.25
CA ASP B 147 -29.87 -9.96 -22.88
C ASP B 147 -29.64 -11.48 -22.94
N PRO B 148 -29.04 -11.98 -24.04
CA PRO B 148 -28.78 -13.41 -24.23
C PRO B 148 -27.85 -14.14 -23.27
N THR B 149 -27.21 -13.39 -22.36
CA THR B 149 -26.27 -13.89 -21.35
C THR B 149 -26.81 -15.09 -20.58
N PHE B 150 -27.93 -14.88 -19.90
CA PHE B 150 -28.54 -15.93 -19.10
C PHE B 150 -29.24 -17.08 -19.77
N PHE B 151 -29.45 -16.98 -21.07
CA PHE B 151 -30.08 -18.06 -21.83
C PHE B 151 -28.95 -19.00 -22.27
N LEU B 152 -27.85 -18.38 -22.69
CA LEU B 152 -26.65 -19.09 -23.14
C LEU B 152 -25.92 -19.77 -22.00
N SER B 153 -25.90 -19.11 -20.84
CA SER B 153 -25.24 -19.65 -19.65
C SER B 153 -26.03 -20.85 -19.11
N ARG B 154 -27.37 -20.71 -19.07
CA ARG B 154 -28.27 -21.77 -18.60
C ARG B 154 -28.10 -23.04 -19.43
N THR B 155 -27.91 -22.85 -20.74
CA THR B 155 -27.74 -23.93 -21.70
C THR B 155 -26.42 -24.70 -21.54
N VAL B 156 -25.31 -23.97 -21.52
CA VAL B 156 -23.99 -24.55 -21.40
C VAL B 156 -23.76 -25.24 -20.05
N SER B 157 -24.09 -24.55 -18.97
CA SER B 157 -23.93 -25.03 -17.60
C SER B 157 -24.62 -26.36 -17.37
N ASN B 158 -25.71 -26.57 -18.11
CA ASN B 158 -26.51 -27.78 -18.03
C ASN B 158 -25.85 -29.03 -18.64
N VAL B 159 -24.97 -28.80 -19.62
CA VAL B 159 -24.25 -29.86 -20.31
C VAL B 159 -23.21 -30.48 -19.38
N ILE B 160 -22.48 -29.62 -18.68
CA ILE B 160 -21.46 -30.05 -17.75
C ILE B 160 -22.10 -30.60 -16.47
N SER B 161 -23.29 -30.11 -16.14
CA SER B 161 -24.04 -30.55 -14.95
C SER B 161 -24.52 -31.97 -15.12
N SER B 162 -24.82 -32.32 -16.37
CA SER B 162 -25.27 -33.65 -16.75
C SER B 162 -24.17 -34.68 -16.58
N ILE B 163 -22.91 -34.23 -16.63
CA ILE B 163 -21.75 -35.10 -16.47
C ILE B 163 -21.36 -35.21 -15.00
N VAL B 164 -21.41 -34.08 -14.27
CA VAL B 164 -21.04 -34.07 -12.86
C VAL B 164 -22.12 -34.40 -11.84
N PHE B 165 -23.36 -33.98 -12.09
CA PHE B 165 -24.47 -34.24 -11.15
C PHE B 165 -25.46 -35.30 -11.67
N GLY B 166 -25.15 -35.86 -12.84
CA GLY B 166 -25.99 -36.89 -13.46
C GLY B 166 -27.08 -36.32 -14.31
N ASP B 167 -27.99 -35.65 -13.62
CA ASP B 167 -29.13 -35.00 -14.23
C ASP B 167 -28.75 -33.53 -14.40
N ARG B 168 -29.47 -32.84 -15.28
CA ARG B 168 -29.29 -31.42 -15.56
C ARG B 168 -30.24 -30.66 -14.63
N PHE B 169 -30.29 -29.34 -14.80
CA PHE B 169 -31.17 -28.50 -13.99
C PHE B 169 -32.32 -27.99 -14.84
N ASP B 170 -33.40 -27.61 -14.16
CA ASP B 170 -34.59 -27.05 -14.79
C ASP B 170 -34.31 -25.56 -14.92
N TYR B 171 -34.72 -24.97 -16.04
CA TYR B 171 -34.53 -23.54 -16.35
C TYR B 171 -35.13 -22.54 -15.36
N LYS B 172 -35.75 -23.04 -14.29
CA LYS B 172 -36.37 -22.21 -13.27
C LYS B 172 -35.95 -22.56 -11.85
N ASP B 173 -34.97 -23.46 -11.71
CA ASP B 173 -34.46 -23.86 -10.40
C ASP B 173 -33.67 -22.63 -9.92
N LYS B 174 -34.16 -21.97 -8.85
CA LYS B 174 -33.53 -20.76 -8.32
C LYS B 174 -32.10 -20.96 -7.76
N GLU B 175 -31.80 -22.22 -7.42
CA GLU B 175 -30.48 -22.62 -6.91
C GLU B 175 -29.51 -22.62 -8.08
N PHE B 176 -30.02 -22.98 -9.24
CA PHE B 176 -29.26 -23.01 -10.47
C PHE B 176 -28.94 -21.59 -10.91
N LEU B 177 -29.95 -20.72 -10.81
CA LEU B 177 -29.83 -19.31 -11.20
C LEU B 177 -28.75 -18.61 -10.37
N SER B 178 -28.70 -18.91 -9.07
CA SER B 178 -27.73 -18.32 -8.17
C SER B 178 -26.31 -18.79 -8.51
N LEU B 179 -26.20 -20.06 -8.94
CA LEU B 179 -24.92 -20.68 -9.33
C LEU B 179 -24.29 -19.99 -10.52
N LEU B 180 -25.13 -19.63 -11.49
CA LEU B 180 -24.71 -18.94 -12.71
C LEU B 180 -24.23 -17.49 -12.45
N ARG B 181 -24.89 -16.82 -11.50
CA ARG B 181 -24.56 -15.46 -11.07
C ARG B 181 -23.18 -15.50 -10.41
N MET B 182 -22.97 -16.54 -9.59
CA MET B 182 -21.73 -16.78 -8.86
C MET B 182 -20.58 -17.08 -9.83
N MET B 183 -20.84 -17.86 -10.88
CA MET B 183 -19.81 -18.19 -11.87
C MET B 183 -19.44 -17.00 -12.75
N LEU B 184 -20.43 -16.16 -13.05
CA LEU B 184 -20.21 -14.97 -13.86
C LEU B 184 -19.58 -13.85 -13.01
N GLY B 185 -20.03 -13.73 -11.77
CA GLY B 185 -19.51 -12.71 -10.86
C GLY B 185 -18.02 -12.85 -10.59
N ILE B 186 -17.60 -14.11 -10.49
CA ILE B 186 -16.22 -14.51 -10.26
C ILE B 186 -15.38 -14.16 -11.49
N PHE B 187 -15.84 -14.57 -12.67
CA PHE B 187 -15.15 -14.30 -13.93
C PHE B 187 -15.14 -12.81 -14.26
N GLN B 188 -16.07 -12.06 -13.67
CA GLN B 188 -16.17 -10.62 -13.88
C GLN B 188 -15.09 -9.94 -13.03
N PHE B 189 -15.04 -10.30 -11.74
CA PHE B 189 -14.06 -9.78 -10.78
C PHE B 189 -12.62 -10.10 -11.18
N THR B 190 -12.34 -11.37 -11.53
CA THR B 190 -10.97 -11.80 -11.89
C THR B 190 -10.40 -11.09 -13.10
N SER B 191 -11.25 -10.29 -13.74
CA SER B 191 -10.85 -9.53 -14.89
C SER B 191 -10.92 -8.01 -14.65
N THR B 192 -11.37 -7.58 -13.45
CA THR B 192 -11.43 -6.16 -13.14
C THR B 192 -10.17 -5.59 -12.52
N SER B 193 -10.31 -4.39 -11.95
CA SER B 193 -9.27 -3.56 -11.32
C SER B 193 -8.71 -4.28 -10.07
N THR B 194 -9.51 -4.32 -8.99
CA THR B 194 -9.17 -4.96 -7.72
C THR B 194 -8.81 -6.46 -7.89
N GLY B 195 -9.28 -7.07 -8.98
CA GLY B 195 -9.02 -8.47 -9.27
C GLY B 195 -7.62 -8.78 -9.74
N GLN B 196 -7.09 -7.94 -10.62
CA GLN B 196 -5.73 -8.10 -11.13
C GLN B 196 -4.68 -7.47 -10.19
N LEU B 197 -5.17 -6.67 -9.22
CA LEU B 197 -4.37 -6.05 -8.18
C LEU B 197 -4.16 -7.15 -7.14
N TYR B 198 -5.18 -8.00 -7.00
CA TYR B 198 -5.18 -9.14 -6.09
C TYR B 198 -4.13 -10.15 -6.52
N GLU B 199 -3.99 -10.36 -7.84
CA GLU B 199 -3.02 -11.29 -8.39
C GLU B 199 -1.58 -10.91 -8.09
N MET B 200 -1.42 -9.66 -7.66
CA MET B 200 -0.12 -9.10 -7.32
C MET B 200 0.06 -9.12 -5.80
N PHE B 201 -0.90 -8.51 -5.10
CA PHE B 201 -0.86 -8.39 -3.64
C PHE B 201 -1.79 -9.33 -2.85
N SER B 202 -1.93 -10.58 -3.30
CA SER B 202 -2.79 -11.58 -2.64
C SER B 202 -2.42 -11.87 -1.20
N SER B 203 -1.12 -11.96 -0.94
CA SER B 203 -0.56 -12.24 0.37
C SER B 203 -0.97 -11.27 1.50
N VAL B 204 -1.51 -10.11 1.10
CA VAL B 204 -1.95 -9.06 2.02
C VAL B 204 -3.46 -8.83 1.91
N MET B 205 -3.95 -8.69 0.68
CA MET B 205 -5.38 -8.44 0.42
C MET B 205 -6.34 -9.51 0.94
N LYS B 206 -5.84 -10.73 1.02
CA LYS B 206 -6.56 -11.92 1.50
C LYS B 206 -7.21 -11.67 2.86
N HIS B 207 -6.54 -10.86 3.67
CA HIS B 207 -6.98 -10.50 5.00
C HIS B 207 -7.59 -9.11 5.11
N LEU B 208 -7.34 -8.26 4.12
CA LEU B 208 -7.88 -6.89 4.12
C LEU B 208 -9.34 -6.89 3.66
N PRO B 209 -10.17 -5.96 4.18
CA PRO B 209 -11.58 -5.91 3.77
C PRO B 209 -11.75 -5.24 2.39
N GLY B 210 -12.84 -5.57 1.71
CA GLY B 210 -13.09 -4.98 0.41
C GLY B 210 -13.93 -5.81 -0.55
N PRO B 211 -13.70 -5.66 -1.87
CA PRO B 211 -14.44 -6.39 -2.91
C PRO B 211 -14.04 -7.84 -3.02
N GLN B 212 -12.76 -8.11 -2.74
CA GLN B 212 -12.17 -9.44 -2.82
C GLN B 212 -12.91 -10.38 -1.92
N GLN B 213 -13.38 -9.84 -0.81
CA GLN B 213 -14.14 -10.60 0.18
C GLN B 213 -15.46 -11.13 -0.37
N GLN B 214 -16.14 -10.33 -1.20
CA GLN B 214 -17.40 -10.74 -1.81
C GLN B 214 -17.11 -11.77 -2.91
N ALA B 215 -15.95 -11.65 -3.55
CA ALA B 215 -15.55 -12.57 -4.60
C ALA B 215 -15.28 -13.94 -3.99
N PHE B 216 -14.72 -13.91 -2.77
CA PHE B 216 -14.40 -15.12 -2.00
C PHE B 216 -15.69 -15.86 -1.66
N GLN B 217 -16.69 -15.09 -1.22
CA GLN B 217 -18.00 -15.64 -0.84
C GLN B 217 -18.79 -16.25 -2.00
N LEU B 218 -18.40 -15.93 -3.23
CA LEU B 218 -19.05 -16.50 -4.41
C LEU B 218 -18.45 -17.88 -4.69
N LEU B 219 -17.17 -18.03 -4.34
CA LEU B 219 -16.42 -19.27 -4.49
C LEU B 219 -16.77 -20.22 -3.37
N GLN B 220 -17.19 -19.66 -2.24
CA GLN B 220 -17.58 -20.43 -1.06
C GLN B 220 -19.01 -20.95 -1.24
N GLY B 221 -19.88 -20.13 -1.82
CA GLY B 221 -21.25 -20.52 -2.06
C GLY B 221 -21.32 -21.63 -3.09
N LEU B 222 -20.40 -21.57 -4.06
CA LEU B 222 -20.24 -22.55 -5.12
C LEU B 222 -19.68 -23.83 -4.50
N GLU B 223 -18.75 -23.68 -3.55
CA GLU B 223 -18.16 -24.83 -2.87
C GLU B 223 -19.19 -25.51 -1.99
N ASP B 224 -19.96 -24.71 -1.24
CA ASP B 224 -21.01 -25.20 -0.35
C ASP B 224 -22.09 -25.96 -1.12
N PHE B 225 -22.20 -25.66 -2.41
CA PHE B 225 -23.16 -26.33 -3.30
C PHE B 225 -22.66 -27.72 -3.68
N ILE B 226 -21.41 -27.81 -4.14
CA ILE B 226 -20.82 -29.10 -4.55
C ILE B 226 -20.76 -30.04 -3.34
N ALA B 227 -20.59 -29.43 -2.16
CA ALA B 227 -20.54 -30.15 -0.89
C ALA B 227 -21.87 -30.88 -0.59
N LYS B 228 -22.98 -30.37 -1.15
CA LYS B 228 -24.30 -30.99 -0.97
C LYS B 228 -24.36 -32.23 -1.83
N LYS B 229 -24.10 -32.03 -3.13
CA LYS B 229 -24.12 -33.07 -4.15
C LYS B 229 -23.16 -34.24 -3.91
N VAL B 230 -21.99 -33.97 -3.32
CA VAL B 230 -21.01 -35.03 -3.02
C VAL B 230 -21.49 -35.85 -1.81
N GLU B 231 -22.08 -35.17 -0.84
CA GLU B 231 -22.62 -35.79 0.40
C GLU B 231 -23.82 -36.65 0.06
N HIS B 232 -24.71 -36.08 -0.76
CA HIS B 232 -25.97 -36.69 -1.22
C HIS B 232 -25.67 -37.95 -2.04
N ASN B 233 -24.79 -37.82 -3.04
CA ASN B 233 -24.40 -38.94 -3.89
C ASN B 233 -23.74 -40.07 -3.07
N GLN B 234 -23.11 -39.71 -1.95
CA GLN B 234 -22.46 -40.69 -1.07
C GLN B 234 -23.51 -41.39 -0.20
N ARG B 235 -24.50 -40.61 0.22
CA ARG B 235 -25.62 -41.06 1.05
C ARG B 235 -26.44 -42.11 0.31
N THR B 236 -26.58 -41.91 -1.00
CA THR B 236 -27.33 -42.81 -1.88
C THR B 236 -26.42 -43.38 -2.99
N LEU B 237 -25.23 -43.83 -2.58
CA LEU B 237 -24.23 -44.41 -3.49
C LEU B 237 -24.53 -45.83 -3.96
N ASP B 238 -24.52 -45.97 -5.29
CA ASP B 238 -24.75 -47.23 -5.97
C ASP B 238 -23.38 -47.66 -6.52
N PRO B 239 -22.64 -48.52 -5.79
CA PRO B 239 -21.31 -49.00 -6.20
C PRO B 239 -21.15 -49.61 -7.57
N ASN B 240 -22.21 -50.22 -8.09
CA ASN B 240 -22.18 -50.85 -9.41
C ASN B 240 -22.84 -50.06 -10.55
N SER B 241 -23.22 -48.82 -10.25
CA SER B 241 -23.84 -47.94 -11.23
C SER B 241 -23.40 -46.48 -11.06
N PRO B 242 -22.31 -46.07 -11.75
CA PRO B 242 -21.82 -44.69 -11.67
C PRO B 242 -22.80 -43.76 -12.40
N ARG B 243 -23.66 -43.09 -11.62
CA ARG B 243 -24.67 -42.16 -12.14
C ARG B 243 -24.04 -40.92 -12.76
N ASP B 244 -22.96 -40.44 -12.14
CA ASP B 244 -22.19 -39.28 -12.58
C ASP B 244 -20.73 -39.30 -12.14
N PHE B 245 -20.01 -38.25 -12.53
CA PHE B 245 -18.60 -38.05 -12.22
C PHE B 245 -18.31 -38.23 -10.73
N ILE B 246 -19.20 -37.68 -9.90
CA ILE B 246 -19.06 -37.77 -8.44
C ILE B 246 -19.08 -39.20 -7.91
N ASP B 247 -19.98 -40.02 -8.46
CA ASP B 247 -20.12 -41.43 -8.07
C ASP B 247 -18.85 -42.21 -8.40
N SER B 248 -18.34 -42.00 -9.61
CA SER B 248 -17.13 -42.63 -10.12
C SER B 248 -15.93 -42.37 -9.22
N PHE B 249 -15.85 -41.15 -8.68
CA PHE B 249 -14.77 -40.71 -7.77
C PHE B 249 -14.98 -41.33 -6.39
N LEU B 250 -16.24 -41.41 -5.94
CA LEU B 250 -16.57 -41.98 -4.62
C LEU B 250 -16.27 -43.47 -4.54
N ILE B 251 -16.26 -44.13 -5.70
CA ILE B 251 -15.95 -45.57 -5.84
C ILE B 251 -14.46 -45.75 -5.56
N ARG B 252 -13.67 -44.92 -6.24
CA ARG B 252 -12.23 -44.91 -6.12
C ARG B 252 -11.83 -44.51 -4.70
N MET B 253 -12.63 -43.66 -4.06
CA MET B 253 -12.35 -43.21 -2.69
C MET B 253 -12.54 -44.32 -1.67
N GLN B 254 -13.59 -45.11 -1.87
CA GLN B 254 -13.97 -46.26 -1.02
C GLN B 254 -12.88 -47.35 -1.10
N GLU B 255 -12.31 -47.53 -2.29
CA GLU B 255 -11.25 -48.51 -2.54
C GLU B 255 -9.94 -48.08 -1.88
N GLU B 256 -9.53 -46.86 -2.22
CA GLU B 256 -8.28 -46.26 -1.77
C GLU B 256 -8.29 -45.69 -0.36
N GLU B 257 -9.41 -45.86 0.34
CA GLU B 257 -9.63 -45.36 1.72
C GLU B 257 -8.50 -45.62 2.74
N LYS B 258 -7.92 -46.82 2.71
CA LYS B 258 -6.83 -47.19 3.60
C LYS B 258 -5.43 -46.97 3.02
N ASN B 259 -5.35 -46.46 1.79
CA ASN B 259 -4.09 -46.14 1.10
C ASN B 259 -3.74 -44.70 1.50
N PRO B 260 -2.75 -44.51 2.40
CA PRO B 260 -2.35 -43.16 2.86
C PRO B 260 -1.77 -42.21 1.80
N ASN B 261 -1.42 -42.74 0.63
CA ASN B 261 -0.84 -41.93 -0.45
C ASN B 261 -1.70 -41.77 -1.68
N THR B 262 -3.01 -41.79 -1.47
CA THR B 262 -3.97 -41.63 -2.56
C THR B 262 -4.30 -40.14 -2.69
N GLU B 263 -4.58 -39.71 -3.92
CA GLU B 263 -4.96 -38.32 -4.14
C GLU B 263 -6.47 -38.25 -4.09
N PHE B 264 -7.10 -39.44 -4.17
CA PHE B 264 -8.55 -39.60 -4.16
C PHE B 264 -9.20 -39.53 -2.79
N TYR B 265 -9.46 -38.30 -2.34
CA TYR B 265 -10.13 -38.05 -1.07
C TYR B 265 -11.17 -36.96 -1.29
N LEU B 266 -12.03 -36.74 -0.29
CA LEU B 266 -13.12 -35.74 -0.31
C LEU B 266 -12.77 -34.38 -0.92
N LYS B 267 -11.66 -33.80 -0.45
CA LYS B 267 -11.16 -32.50 -0.89
C LYS B 267 -10.79 -32.39 -2.37
N ASN B 268 -10.18 -33.44 -2.94
CA ASN B 268 -9.81 -33.43 -4.36
C ASN B 268 -11.00 -33.68 -5.26
N LEU B 269 -12.13 -34.05 -4.66
CA LEU B 269 -13.36 -34.30 -5.40
C LEU B 269 -14.13 -33.01 -5.48
N VAL B 270 -14.36 -32.39 -4.33
CA VAL B 270 -15.12 -31.15 -4.20
C VAL B 270 -14.53 -30.04 -5.08
N MET B 271 -13.21 -30.05 -5.20
CA MET B 271 -12.47 -29.06 -5.98
C MET B 271 -12.39 -29.35 -7.47
N THR B 272 -12.21 -30.63 -7.84
CA THR B 272 -12.13 -31.05 -9.25
C THR B 272 -13.48 -30.81 -9.92
N THR B 273 -14.54 -31.11 -9.19
CA THR B 273 -15.91 -30.93 -9.64
C THR B 273 -16.23 -29.46 -9.81
N LEU B 274 -15.81 -28.65 -8.83
CA LEU B 274 -16.02 -27.21 -8.84
C LEU B 274 -15.26 -26.54 -9.97
N GLN B 275 -14.10 -27.12 -10.29
CA GLN B 275 -13.25 -26.62 -11.37
C GLN B 275 -13.86 -26.99 -12.71
N LEU B 276 -14.35 -28.23 -12.82
CA LEU B 276 -14.99 -28.72 -14.05
C LEU B 276 -16.30 -28.01 -14.32
N PHE B 277 -16.97 -27.63 -13.24
CA PHE B 277 -18.24 -26.91 -13.29
C PHE B 277 -17.96 -25.47 -13.76
N VAL B 278 -17.01 -24.78 -13.12
CA VAL B 278 -16.67 -23.39 -13.48
C VAL B 278 -15.98 -23.29 -14.84
N GLY B 279 -14.92 -24.08 -15.01
CA GLY B 279 -14.14 -24.09 -16.24
C GLY B 279 -14.89 -24.58 -17.47
N GLY B 280 -15.93 -25.39 -17.23
CA GLY B 280 -16.74 -25.92 -18.31
C GLY B 280 -18.09 -25.27 -18.48
N THR B 281 -18.15 -23.96 -18.20
CA THR B 281 -19.38 -23.20 -18.30
C THR B 281 -19.11 -21.82 -18.83
N GLU B 282 -18.56 -20.98 -17.95
CA GLU B 282 -18.28 -19.59 -18.22
C GLU B 282 -17.36 -19.28 -19.39
N THR B 283 -16.58 -20.28 -19.80
CA THR B 283 -15.65 -20.14 -20.92
C THR B 283 -16.38 -20.28 -22.27
N VAL B 284 -17.23 -21.31 -22.36
CA VAL B 284 -18.04 -21.62 -23.54
C VAL B 284 -19.16 -20.58 -23.69
N SER B 285 -19.77 -20.21 -22.56
CA SER B 285 -20.86 -19.23 -22.48
C SER B 285 -20.44 -17.87 -23.02
N THR B 286 -19.21 -17.46 -22.69
CA THR B 286 -18.62 -16.19 -23.13
C THR B 286 -18.39 -16.21 -24.65
N THR B 287 -17.87 -17.34 -25.14
CA THR B 287 -17.55 -17.55 -26.56
C THR B 287 -18.82 -17.49 -27.39
N LEU B 288 -19.91 -18.02 -26.83
CA LEU B 288 -21.22 -18.02 -27.49
C LEU B 288 -21.76 -16.61 -27.54
N ARG B 289 -21.72 -15.93 -26.39
CA ARG B 289 -22.19 -14.56 -26.21
C ARG B 289 -21.43 -13.58 -27.10
N TYR B 290 -20.12 -13.81 -27.23
CA TYR B 290 -19.26 -12.98 -28.06
C TYR B 290 -19.52 -13.32 -29.52
N GLY B 291 -19.71 -14.60 -29.79
CA GLY B 291 -19.95 -15.10 -31.13
C GLY B 291 -21.12 -14.54 -31.90
N PHE B 292 -22.29 -14.43 -31.24
CA PHE B 292 -23.49 -13.89 -31.87
C PHE B 292 -23.30 -12.42 -32.20
N LEU B 293 -22.65 -11.70 -31.28
CA LEU B 293 -22.35 -10.28 -31.44
C LEU B 293 -21.59 -10.03 -32.76
N LEU B 294 -20.54 -10.84 -32.98
CA LEU B 294 -19.73 -10.77 -34.19
C LEU B 294 -20.50 -10.97 -35.50
N LEU B 295 -21.54 -11.82 -35.45
CA LEU B 295 -22.36 -12.11 -36.62
C LEU B 295 -23.39 -11.01 -36.92
N MET B 296 -23.80 -10.25 -35.90
CA MET B 296 -24.74 -9.14 -36.11
C MET B 296 -23.94 -8.02 -36.76
N LYS B 297 -22.70 -7.87 -36.29
CA LYS B 297 -21.75 -6.88 -36.78
C LYS B 297 -21.38 -7.17 -38.24
N HIS B 298 -21.38 -8.46 -38.61
CA HIS B 298 -21.06 -8.91 -39.98
C HIS B 298 -22.23 -9.73 -40.54
N PRO B 299 -23.26 -9.05 -41.13
CA PRO B 299 -24.42 -9.79 -41.68
C PRO B 299 -24.03 -10.66 -42.87
N GLU B 300 -22.96 -10.25 -43.55
CA GLU B 300 -22.42 -10.94 -44.74
C GLU B 300 -22.02 -12.38 -44.40
N VAL B 301 -21.53 -12.57 -43.17
CA VAL B 301 -21.10 -13.88 -42.67
C VAL B 301 -22.31 -14.74 -42.29
N GLU B 302 -23.29 -14.12 -41.62
CA GLU B 302 -24.53 -14.77 -41.18
C GLU B 302 -25.30 -15.36 -42.37
N ALA B 303 -25.16 -14.70 -43.53
CA ALA B 303 -25.82 -15.13 -44.77
C ALA B 303 -25.17 -16.39 -45.33
N LYS B 304 -23.84 -16.44 -45.32
CA LYS B 304 -23.09 -17.59 -45.83
C LYS B 304 -23.25 -18.79 -44.91
N VAL B 305 -23.39 -18.50 -43.61
CA VAL B 305 -23.61 -19.49 -42.56
C VAL B 305 -24.98 -20.14 -42.78
N HIS B 306 -26.00 -19.31 -43.02
CA HIS B 306 -27.37 -19.73 -43.26
C HIS B 306 -27.49 -20.66 -44.46
N GLU B 307 -26.77 -20.32 -45.54
CA GLU B 307 -26.75 -21.10 -46.79
C GLU B 307 -26.31 -22.55 -46.50
N GLU B 308 -25.10 -22.66 -45.95
CA GLU B 308 -24.48 -23.93 -45.62
C GLU B 308 -25.31 -24.86 -44.71
N ILE B 309 -26.08 -24.27 -43.79
CA ILE B 309 -26.90 -25.04 -42.86
C ILE B 309 -28.10 -25.65 -43.59
N ASP B 310 -28.80 -24.82 -44.36
CA ASP B 310 -29.98 -25.23 -45.12
C ASP B 310 -29.70 -26.29 -46.19
N ARG B 311 -28.50 -26.22 -46.77
CA ARG B 311 -28.03 -27.15 -47.82
C ARG B 311 -27.60 -28.53 -47.27
N VAL B 312 -26.68 -28.55 -46.31
CA VAL B 312 -26.17 -29.77 -45.72
C VAL B 312 -27.09 -30.39 -44.66
N ILE B 313 -27.61 -29.58 -43.73
CA ILE B 313 -28.49 -30.09 -42.67
C ILE B 313 -29.98 -30.03 -43.03
N GLY B 314 -30.45 -28.84 -43.40
CA GLY B 314 -31.84 -28.69 -43.79
C GLY B 314 -32.78 -28.12 -42.74
N LYS B 315 -34.03 -28.54 -42.83
CA LYS B 315 -35.11 -28.09 -41.94
C LYS B 315 -35.86 -29.29 -41.37
N ASN B 316 -35.46 -30.49 -41.79
CA ASN B 316 -36.13 -31.71 -41.35
C ASN B 316 -35.40 -32.49 -40.26
N ARG B 317 -34.29 -31.92 -39.79
CA ARG B 317 -33.47 -32.47 -38.71
C ARG B 317 -32.60 -31.42 -38.05
N GLN B 318 -32.25 -31.70 -36.80
CA GLN B 318 -31.40 -30.86 -35.96
C GLN B 318 -29.94 -31.24 -36.27
N PRO B 319 -28.98 -30.30 -36.12
CA PRO B 319 -27.58 -30.62 -36.41
C PRO B 319 -26.97 -31.71 -35.53
N LYS B 320 -25.94 -32.37 -36.07
CA LYS B 320 -25.20 -33.41 -35.36
C LYS B 320 -23.73 -33.12 -35.63
N PHE B 321 -22.86 -33.44 -34.66
CA PHE B 321 -21.42 -33.17 -34.73
C PHE B 321 -20.63 -33.62 -35.97
N GLU B 322 -21.09 -34.66 -36.65
CA GLU B 322 -20.39 -35.14 -37.84
C GLU B 322 -20.64 -34.32 -39.12
N ASP B 323 -21.60 -33.37 -39.05
CA ASP B 323 -21.94 -32.48 -40.17
C ASP B 323 -20.80 -31.50 -40.42
N ARG B 324 -20.00 -31.32 -39.36
CA ARG B 324 -18.84 -30.45 -39.31
C ARG B 324 -17.85 -30.67 -40.45
N ALA B 325 -17.70 -31.93 -40.86
CA ALA B 325 -16.80 -32.33 -41.94
C ALA B 325 -17.24 -31.84 -43.31
N LYS B 326 -18.53 -31.60 -43.49
CA LYS B 326 -19.09 -31.11 -44.76
C LYS B 326 -19.42 -29.63 -44.66
N MET B 327 -19.13 -29.05 -43.50
CA MET B 327 -19.40 -27.63 -43.24
C MET B 327 -18.13 -26.83 -42.90
N PRO B 328 -17.30 -26.49 -43.92
CA PRO B 328 -16.07 -25.73 -43.67
C PRO B 328 -16.21 -24.24 -43.36
N TYR B 329 -17.34 -23.64 -43.76
CA TYR B 329 -17.53 -22.22 -43.46
C TYR B 329 -17.90 -22.03 -42.00
N MET B 330 -18.80 -22.86 -41.50
CA MET B 330 -19.23 -22.79 -40.09
C MET B 330 -18.04 -23.04 -39.19
N GLU B 331 -17.22 -24.02 -39.57
CA GLU B 331 -16.00 -24.43 -38.85
C GLU B 331 -14.91 -23.34 -38.92
N ALA B 332 -15.03 -22.42 -39.87
CA ALA B 332 -14.09 -21.31 -40.04
C ALA B 332 -14.52 -20.15 -39.16
N VAL B 333 -15.84 -20.03 -39.00
CA VAL B 333 -16.46 -18.98 -38.18
C VAL B 333 -16.31 -19.31 -36.68
N ILE B 334 -16.51 -20.58 -36.28
CA ILE B 334 -16.37 -20.98 -34.86
C ILE B 334 -14.94 -20.73 -34.41
N HIS B 335 -13.99 -20.99 -35.30
CA HIS B 335 -12.57 -20.80 -35.04
C HIS B 335 -12.19 -19.33 -34.94
N GLU B 336 -12.85 -18.51 -35.75
CA GLU B 336 -12.61 -17.08 -35.76
C GLU B 336 -13.30 -16.39 -34.57
N ILE B 337 -14.36 -17.01 -34.07
CA ILE B 337 -15.08 -16.52 -32.90
C ILE B 337 -14.18 -16.76 -31.67
N GLN B 338 -13.43 -17.85 -31.70
CA GLN B 338 -12.53 -18.22 -30.61
C GLN B 338 -11.23 -17.41 -30.70
N ARG B 339 -10.83 -17.09 -31.93
CA ARG B 339 -9.61 -16.32 -32.17
C ARG B 339 -9.78 -14.86 -31.78
N PHE B 340 -10.88 -14.27 -32.21
CA PHE B 340 -11.21 -12.87 -31.91
C PHE B 340 -11.63 -12.77 -30.44
N GLY B 341 -12.54 -13.66 -30.05
CA GLY B 341 -13.08 -13.73 -28.71
C GLY B 341 -12.05 -13.74 -27.60
N ASP B 342 -10.95 -14.45 -27.83
CA ASP B 342 -9.82 -14.54 -26.90
C ASP B 342 -10.25 -14.73 -25.44
N VAL B 343 -11.19 -15.64 -25.22
CA VAL B 343 -11.76 -15.95 -23.90
C VAL B 343 -10.77 -15.94 -22.73
N ILE B 344 -9.65 -16.66 -22.83
CA ILE B 344 -8.64 -16.65 -21.76
C ILE B 344 -7.32 -16.16 -22.39
N PRO B 345 -7.10 -14.84 -22.45
CA PRO B 345 -5.92 -14.19 -23.03
C PRO B 345 -4.51 -14.46 -22.53
N MET B 346 -4.40 -14.87 -21.27
CA MET B 346 -3.11 -15.15 -20.66
C MET B 346 -3.00 -16.58 -20.21
N SER B 347 -3.98 -17.40 -20.60
CA SER B 347 -4.06 -18.84 -20.24
C SER B 347 -4.13 -18.93 -18.73
N LEU B 348 -3.83 -20.11 -18.21
CA LEU B 348 -3.74 -20.32 -16.78
C LEU B 348 -2.26 -20.55 -16.64
N ALA B 349 -1.64 -19.68 -15.83
CA ALA B 349 -0.21 -19.69 -15.57
C ALA B 349 0.47 -21.05 -15.39
N ARG B 350 1.62 -21.19 -16.03
CA ARG B 350 2.41 -22.41 -15.98
C ARG B 350 3.69 -22.09 -15.19
N ARG B 351 4.41 -23.14 -14.79
CA ARG B 351 5.69 -22.95 -14.11
C ARG B 351 6.67 -24.06 -14.46
N VAL B 352 7.97 -23.73 -14.40
CA VAL B 352 9.03 -24.69 -14.70
C VAL B 352 9.30 -25.67 -13.57
N LYS B 353 9.01 -26.94 -13.84
CA LYS B 353 9.17 -28.04 -12.88
C LYS B 353 10.61 -28.25 -12.43
N LYS B 354 11.56 -27.91 -13.30
CA LYS B 354 13.00 -28.02 -13.03
C LYS B 354 13.72 -26.81 -13.63
N ASP B 355 15.02 -26.71 -13.35
CA ASP B 355 15.89 -25.63 -13.86
C ASP B 355 15.94 -25.82 -15.37
N THR B 356 15.60 -24.76 -16.10
CA THR B 356 15.55 -24.84 -17.57
C THR B 356 16.17 -23.65 -18.29
N LYS B 357 16.95 -23.97 -19.33
CA LYS B 357 17.57 -22.96 -20.18
C LYS B 357 16.69 -22.83 -21.42
N PHE B 358 16.03 -21.67 -21.54
CA PHE B 358 15.13 -21.43 -22.66
C PHE B 358 15.75 -20.35 -23.53
N ARG B 359 16.05 -20.71 -24.80
CA ARG B 359 16.64 -19.84 -25.83
C ARG B 359 17.56 -18.67 -25.38
N ASP B 360 18.68 -19.06 -24.76
CA ASP B 360 19.75 -18.16 -24.21
C ASP B 360 19.47 -17.60 -22.82
N PHE B 361 18.31 -17.94 -22.27
CA PHE B 361 17.90 -17.49 -20.95
C PHE B 361 17.90 -18.65 -19.95
N PHE B 362 17.71 -18.33 -18.66
CA PHE B 362 17.66 -19.31 -17.59
C PHE B 362 16.44 -19.06 -16.71
N LEU B 363 15.57 -20.08 -16.66
CA LEU B 363 14.37 -20.05 -15.83
C LEU B 363 14.56 -21.05 -14.69
N PRO B 364 14.87 -20.54 -13.47
CA PRO B 364 15.09 -21.42 -12.31
C PRO B 364 13.81 -22.10 -11.82
N LYS B 365 13.98 -23.28 -11.23
CA LYS B 365 12.88 -24.10 -10.69
C LYS B 365 11.85 -23.28 -9.87
N GLY B 366 10.60 -23.33 -10.33
CA GLY B 366 9.51 -22.64 -9.65
C GLY B 366 9.02 -21.35 -10.30
N THR B 367 9.77 -20.82 -11.27
CA THR B 367 9.44 -19.58 -11.98
C THR B 367 8.13 -19.67 -12.76
N GLU B 368 7.23 -18.71 -12.51
CA GLU B 368 5.95 -18.67 -13.18
C GLU B 368 6.08 -18.18 -14.62
N VAL B 369 5.23 -18.73 -15.47
CA VAL B 369 5.19 -18.43 -16.90
C VAL B 369 3.77 -18.02 -17.27
N TYR B 370 3.65 -16.90 -17.99
CA TYR B 370 2.38 -16.36 -18.47
C TYR B 370 2.35 -16.53 -19.99
N PRO B 371 1.71 -17.62 -20.49
CA PRO B 371 1.64 -17.83 -21.95
C PRO B 371 0.57 -16.89 -22.52
N MET B 372 1.00 -15.78 -23.10
CA MET B 372 0.05 -14.81 -23.66
C MET B 372 -0.62 -15.34 -24.93
N LEU B 373 -1.73 -16.05 -24.72
CA LEU B 373 -2.52 -16.63 -25.79
C LEU B 373 -3.09 -15.62 -26.75
N GLY B 374 -3.36 -14.42 -26.25
CA GLY B 374 -3.91 -13.35 -27.07
C GLY B 374 -2.99 -12.93 -28.20
N SER B 375 -1.70 -12.81 -27.88
CA SER B 375 -0.67 -12.41 -28.83
C SER B 375 -0.41 -13.46 -29.89
N VAL B 376 -0.86 -14.68 -29.62
CA VAL B 376 -0.69 -15.80 -30.54
C VAL B 376 -1.87 -15.81 -31.50
N LEU B 377 -3.07 -15.55 -30.97
CA LEU B 377 -4.30 -15.52 -31.76
C LEU B 377 -4.32 -14.23 -32.61
N ARG B 378 -3.50 -13.26 -32.23
CA ARG B 378 -3.37 -11.98 -32.93
C ARG B 378 -1.96 -11.76 -33.50
N ASP B 379 -1.30 -12.86 -33.87
CA ASP B 379 0.05 -12.81 -34.44
C ASP B 379 -0.08 -12.38 -35.92
N PRO B 380 0.63 -11.31 -36.33
CA PRO B 380 0.55 -10.82 -37.72
C PRO B 380 1.28 -11.65 -38.77
N SER B 381 1.88 -12.76 -38.33
CA SER B 381 2.62 -13.65 -39.22
C SER B 381 1.80 -14.86 -39.65
N PHE B 382 0.69 -15.09 -38.95
CA PHE B 382 -0.21 -16.23 -39.20
C PHE B 382 -1.61 -15.87 -39.65
N PHE B 383 -1.97 -14.59 -39.47
CA PHE B 383 -3.28 -14.03 -39.85
C PHE B 383 -3.10 -12.70 -40.60
N SER B 384 -3.86 -12.53 -41.70
CA SER B 384 -3.79 -11.32 -42.56
C SER B 384 -4.02 -10.03 -41.80
N ASN B 385 -5.24 -9.85 -41.29
CA ASN B 385 -5.63 -8.68 -40.51
C ASN B 385 -6.05 -9.29 -39.18
N PRO B 386 -5.13 -9.35 -38.20
CA PRO B 386 -5.40 -9.91 -36.87
C PRO B 386 -6.44 -9.23 -36.00
N GLN B 387 -6.59 -7.91 -36.16
CA GLN B 387 -7.55 -7.12 -35.38
C GLN B 387 -8.98 -7.21 -35.88
N ASP B 388 -9.14 -7.40 -37.19
CA ASP B 388 -10.44 -7.51 -37.85
C ASP B 388 -10.98 -8.94 -37.80
N PHE B 389 -12.31 -9.05 -37.71
CA PHE B 389 -12.99 -10.34 -37.71
C PHE B 389 -13.14 -10.74 -39.17
N ASN B 390 -12.29 -11.67 -39.57
CA ASN B 390 -12.31 -12.16 -40.93
C ASN B 390 -12.34 -13.69 -40.87
N PRO B 391 -13.50 -14.31 -41.20
CA PRO B 391 -13.66 -15.77 -41.19
C PRO B 391 -12.76 -16.47 -42.19
N GLN B 392 -12.23 -15.68 -43.12
CA GLN B 392 -11.33 -16.16 -44.18
C GLN B 392 -9.92 -16.54 -43.65
N HIS B 393 -9.75 -16.40 -42.33
CA HIS B 393 -8.50 -16.70 -41.62
C HIS B 393 -8.27 -18.19 -41.46
N PHE B 394 -9.37 -18.93 -41.43
CA PHE B 394 -9.33 -20.38 -41.31
C PHE B 394 -9.98 -20.97 -42.54
N LEU B 395 -9.88 -20.24 -43.64
CA LEU B 395 -10.47 -20.65 -44.89
C LEU B 395 -9.53 -20.52 -46.06
N ASN B 396 -9.47 -21.59 -46.85
CA ASN B 396 -8.62 -21.75 -48.05
C ASN B 396 -8.99 -20.82 -49.20
N GLU B 397 -8.19 -20.88 -50.28
CA GLU B 397 -8.43 -20.09 -51.50
C GLU B 397 -9.66 -20.67 -52.21
N LYS B 398 -9.84 -21.99 -52.05
CA LYS B 398 -10.95 -22.75 -52.64
C LYS B 398 -12.15 -22.91 -51.67
N GLY B 399 -12.03 -22.31 -50.49
CA GLY B 399 -13.11 -22.37 -49.50
C GLY B 399 -13.12 -23.55 -48.55
N GLN B 400 -12.02 -24.31 -48.49
CA GLN B 400 -11.90 -25.47 -47.60
C GLN B 400 -11.43 -24.96 -46.24
N PHE B 401 -11.38 -25.84 -45.25
CA PHE B 401 -10.94 -25.47 -43.91
C PHE B 401 -9.41 -25.51 -43.83
N LYS B 402 -8.81 -24.36 -43.50
CA LYS B 402 -7.36 -24.23 -43.38
C LYS B 402 -6.96 -23.99 -41.92
N LYS B 403 -6.53 -25.06 -41.25
CA LYS B 403 -6.10 -25.02 -39.85
C LYS B 403 -4.79 -24.22 -39.65
N SER B 404 -4.70 -23.55 -38.51
CA SER B 404 -3.53 -22.74 -38.14
C SER B 404 -2.87 -23.26 -36.86
N ASP B 405 -1.59 -22.97 -36.75
CA ASP B 405 -0.78 -23.35 -35.60
C ASP B 405 -0.93 -22.30 -34.52
N ALA B 406 -1.35 -21.11 -34.92
CA ALA B 406 -1.55 -20.01 -34.01
C ALA B 406 -2.92 -20.02 -33.32
N PHE B 407 -3.68 -21.07 -33.61
CA PHE B 407 -5.00 -21.31 -33.03
C PHE B 407 -4.74 -22.07 -31.74
N VAL B 408 -4.72 -21.34 -30.63
CA VAL B 408 -4.45 -21.92 -29.31
C VAL B 408 -5.37 -21.41 -28.16
N PRO B 409 -6.70 -21.28 -28.36
CA PRO B 409 -7.54 -20.79 -27.26
C PRO B 409 -7.68 -21.76 -26.10
N PHE B 410 -7.27 -23.00 -26.36
CA PHE B 410 -7.29 -24.08 -25.38
C PHE B 410 -5.87 -24.34 -24.90
N SER B 411 -4.95 -23.53 -25.42
CA SER B 411 -3.50 -23.59 -25.15
C SER B 411 -2.91 -24.84 -25.80
N ILE B 412 -1.63 -25.09 -25.54
CA ILE B 412 -0.91 -26.24 -26.08
C ILE B 412 0.06 -26.74 -25.01
N GLY B 413 0.21 -28.07 -24.90
CA GLY B 413 1.12 -28.62 -23.91
C GLY B 413 0.56 -29.75 -23.09
N LYS B 414 1.33 -30.15 -22.07
CA LYS B 414 0.95 -31.24 -21.17
C LYS B 414 -0.27 -30.93 -20.30
N ARG B 415 -0.42 -29.66 -19.95
CA ARG B 415 -1.55 -29.23 -19.13
C ARG B 415 -2.58 -28.40 -19.89
N ASN B 416 -2.66 -28.60 -21.20
CA ASN B 416 -3.63 -27.88 -22.04
C ASN B 416 -5.06 -28.30 -21.67
N CYS B 417 -6.04 -27.56 -22.19
CA CYS B 417 -7.45 -27.85 -21.91
C CYS B 417 -7.84 -29.20 -22.43
N PHE B 418 -8.13 -30.12 -21.51
CA PHE B 418 -8.56 -31.45 -21.90
C PHE B 418 -10.06 -31.51 -22.14
N GLY B 419 -10.71 -30.37 -21.89
CA GLY B 419 -12.15 -30.26 -22.10
C GLY B 419 -12.44 -29.68 -23.46
N GLU B 420 -11.43 -29.72 -24.34
CA GLU B 420 -11.49 -29.23 -25.70
C GLU B 420 -12.55 -29.96 -26.51
N GLY B 421 -12.61 -31.27 -26.30
CA GLY B 421 -13.56 -32.12 -26.99
C GLY B 421 -15.01 -31.76 -26.70
N LEU B 422 -15.32 -31.50 -25.43
CA LEU B 422 -16.68 -31.15 -25.03
C LEU B 422 -17.05 -29.74 -25.49
N ALA B 423 -16.09 -28.82 -25.38
CA ALA B 423 -16.26 -27.43 -25.77
C ALA B 423 -16.55 -27.28 -27.26
N ARG B 424 -15.71 -27.90 -28.10
CA ARG B 424 -15.85 -27.86 -29.57
C ARG B 424 -17.19 -28.44 -30.02
N MET B 425 -17.64 -29.48 -29.31
CA MET B 425 -18.91 -30.13 -29.61
C MET B 425 -20.06 -29.19 -29.28
N GLU B 426 -20.00 -28.58 -28.09
CA GLU B 426 -20.99 -27.62 -27.61
C GLU B 426 -21.05 -26.39 -28.52
N LEU B 427 -19.88 -25.84 -28.83
CA LEU B 427 -19.76 -24.65 -29.68
C LEU B 427 -20.35 -24.87 -31.07
N PHE B 428 -20.00 -25.99 -31.71
CA PHE B 428 -20.52 -26.33 -33.03
C PHE B 428 -22.03 -26.61 -32.98
N LEU B 429 -22.48 -27.35 -31.97
CA LEU B 429 -23.90 -27.68 -31.83
C LEU B 429 -24.83 -26.55 -31.41
N PHE B 430 -24.38 -25.64 -30.55
CA PHE B 430 -25.21 -24.51 -30.12
C PHE B 430 -25.22 -23.37 -31.12
N PHE B 431 -24.10 -23.17 -31.80
CA PHE B 431 -24.00 -22.13 -32.81
C PHE B 431 -24.79 -22.46 -34.05
N THR B 432 -24.85 -23.74 -34.43
CA THR B 432 -25.59 -24.19 -35.62
C THR B 432 -27.09 -24.33 -35.43
N THR B 433 -27.51 -24.83 -34.27
CA THR B 433 -28.92 -25.04 -33.96
C THR B 433 -29.67 -23.72 -33.84
N VAL B 434 -29.01 -22.71 -33.27
CA VAL B 434 -29.60 -21.39 -33.13
C VAL B 434 -29.67 -20.72 -34.52
N MET B 435 -28.60 -20.89 -35.29
CA MET B 435 -28.52 -20.32 -36.63
C MET B 435 -29.41 -21.02 -37.65
N GLN B 436 -29.86 -22.23 -37.30
CA GLN B 436 -30.75 -23.02 -38.16
C GLN B 436 -32.16 -22.48 -38.02
N ASN B 437 -32.56 -22.29 -36.77
CA ASN B 437 -33.88 -21.81 -36.43
C ASN B 437 -34.12 -20.30 -36.46
N PHE B 438 -33.14 -19.50 -36.03
CA PHE B 438 -33.30 -18.05 -35.99
C PHE B 438 -32.28 -17.24 -36.77
N ARG B 439 -32.71 -16.04 -37.16
CA ARG B 439 -31.85 -15.08 -37.84
C ARG B 439 -31.67 -13.97 -36.79
N LEU B 440 -30.52 -13.32 -36.84
CA LEU B 440 -30.16 -12.30 -35.87
C LEU B 440 -30.47 -10.84 -36.23
N LYS B 441 -31.09 -10.13 -35.28
CA LYS B 441 -31.47 -8.72 -35.41
C LYS B 441 -30.97 -7.99 -34.16
N SER B 442 -30.07 -7.01 -34.37
CA SER B 442 -29.43 -6.26 -33.28
C SER B 442 -30.16 -5.04 -32.73
N SER B 443 -29.53 -4.36 -31.77
CA SER B 443 -30.07 -3.15 -31.14
C SER B 443 -29.78 -2.02 -32.12
N GLN B 444 -28.49 -1.73 -32.28
CA GLN B 444 -28.03 -0.68 -33.20
C GLN B 444 -27.78 -1.25 -34.59
N SER B 445 -27.16 -0.42 -35.44
CA SER B 445 -26.82 -0.78 -36.80
C SER B 445 -25.41 -1.40 -36.84
N PRO B 446 -25.18 -2.39 -37.74
CA PRO B 446 -23.89 -3.09 -37.90
C PRO B 446 -22.57 -2.32 -37.92
N LYS B 447 -22.63 -0.98 -37.93
CA LYS B 447 -21.43 -0.14 -37.92
C LYS B 447 -21.20 0.50 -36.55
N ASP B 448 -22.22 0.41 -35.69
CA ASP B 448 -22.13 1.00 -34.36
C ASP B 448 -21.97 0.00 -33.21
N ILE B 449 -21.69 -1.26 -33.53
CA ILE B 449 -21.49 -2.28 -32.49
C ILE B 449 -20.00 -2.40 -32.16
N ASP B 450 -19.68 -2.13 -30.89
CA ASP B 450 -18.31 -2.16 -30.37
C ASP B 450 -17.92 -3.60 -29.99
N VAL B 451 -17.29 -4.30 -30.93
CA VAL B 451 -16.86 -5.68 -30.77
C VAL B 451 -15.61 -5.89 -29.91
N SER B 452 -15.12 -4.78 -29.36
CA SER B 452 -13.95 -4.76 -28.48
C SER B 452 -14.38 -5.31 -27.11
N PRO B 453 -13.44 -5.59 -26.18
CA PRO B 453 -13.89 -6.10 -24.88
C PRO B 453 -14.33 -4.97 -23.94
N LYS B 454 -14.53 -5.33 -22.67
CA LYS B 454 -14.90 -4.38 -21.64
C LYS B 454 -13.77 -4.57 -20.61
N HIS B 455 -13.64 -5.80 -20.10
CA HIS B 455 -12.59 -6.18 -19.14
C HIS B 455 -11.70 -7.21 -19.83
N VAL B 456 -10.37 -7.06 -19.69
CA VAL B 456 -9.41 -7.98 -20.31
C VAL B 456 -8.34 -8.50 -19.30
N GLY B 457 -8.78 -8.98 -18.15
CA GLY B 457 -7.83 -9.51 -17.16
C GLY B 457 -7.56 -10.97 -17.41
N PHE B 458 -7.98 -11.83 -16.47
CA PHE B 458 -7.83 -13.30 -16.56
C PHE B 458 -8.61 -13.77 -17.78
N ALA B 459 -9.79 -13.19 -17.94
CA ALA B 459 -10.66 -13.49 -19.05
C ALA B 459 -11.01 -12.22 -19.82
N THR B 460 -11.51 -12.43 -21.04
CA THR B 460 -11.95 -11.36 -21.94
C THR B 460 -13.46 -11.51 -21.94
N ILE B 461 -14.14 -10.49 -21.42
CA ILE B 461 -15.60 -10.46 -21.34
C ILE B 461 -16.08 -9.43 -22.38
N PRO B 462 -17.08 -9.79 -23.22
CA PRO B 462 -17.60 -8.84 -24.23
C PRO B 462 -18.51 -7.78 -23.60
N ARG B 463 -18.77 -6.74 -24.36
CA ARG B 463 -19.62 -5.65 -23.88
C ARG B 463 -21.07 -6.12 -23.77
N ASN B 464 -21.81 -5.48 -22.86
CA ASN B 464 -23.23 -5.81 -22.64
C ASN B 464 -24.04 -5.35 -23.85
N TYR B 465 -24.95 -6.20 -24.31
CA TYR B 465 -25.78 -5.89 -25.47
C TYR B 465 -27.13 -6.60 -25.42
N THR B 466 -28.04 -6.12 -26.27
CA THR B 466 -29.38 -6.68 -26.39
C THR B 466 -29.52 -7.13 -27.84
N MET B 467 -30.34 -8.16 -28.07
CA MET B 467 -30.59 -8.67 -29.42
C MET B 467 -31.87 -9.51 -29.55
N SER B 468 -32.41 -9.51 -30.78
CA SER B 468 -33.63 -10.25 -31.13
C SER B 468 -33.39 -11.43 -32.06
N PHE B 469 -33.90 -12.59 -31.63
CA PHE B 469 -33.80 -13.86 -32.35
C PHE B 469 -35.11 -14.09 -33.12
N LEU B 470 -35.27 -13.36 -34.21
CA LEU B 470 -36.46 -13.45 -35.06
C LEU B 470 -36.45 -14.71 -35.92
N PRO B 471 -37.61 -15.41 -36.08
CA PRO B 471 -37.60 -16.61 -36.92
C PRO B 471 -37.34 -16.23 -38.37
N ARG B 472 -36.84 -17.19 -39.15
CA ARG B 472 -36.50 -16.98 -40.55
C ARG B 472 -37.43 -17.72 -41.50
N HIS B 473 -38.14 -18.73 -40.96
CA HIS B 473 -39.08 -19.57 -41.71
C HIS B 473 -40.49 -19.58 -41.07
N GLY C 9 -18.26 -18.26 22.27
CA GLY C 9 -16.97 -18.45 21.52
C GLY C 9 -16.21 -19.67 21.99
N LYS C 10 -15.95 -20.57 21.05
CA LYS C 10 -15.23 -21.83 21.29
C LYS C 10 -13.72 -21.66 21.46
N LEU C 11 -13.11 -20.75 20.71
CA LEU C 11 -11.66 -20.45 20.72
C LEU C 11 -11.29 -19.63 21.98
N PRO C 12 -10.03 -19.73 22.51
CA PRO C 12 -9.62 -18.95 23.70
C PRO C 12 -9.76 -17.42 23.55
N PRO C 13 -10.00 -16.68 24.67
CA PRO C 13 -10.14 -15.22 24.55
C PRO C 13 -8.82 -14.49 24.33
N GLY C 14 -8.91 -13.25 23.88
CA GLY C 14 -7.74 -12.44 23.62
C GLY C 14 -8.23 -11.09 23.12
N PRO C 15 -7.34 -10.09 22.97
CA PRO C 15 -7.74 -8.76 22.49
C PRO C 15 -8.19 -8.80 21.03
N THR C 16 -9.18 -7.97 20.71
CA THR C 16 -9.80 -7.88 19.38
C THR C 16 -8.78 -7.50 18.29
N PRO C 17 -8.53 -8.43 17.34
CA PRO C 17 -7.57 -8.14 16.27
C PRO C 17 -8.17 -7.26 15.17
N LEU C 18 -7.28 -6.63 14.43
CA LEU C 18 -7.67 -5.80 13.31
C LEU C 18 -7.18 -6.56 12.08
N PRO C 19 -7.88 -6.44 10.93
CA PRO C 19 -7.47 -7.14 9.71
C PRO C 19 -6.00 -6.96 9.29
N PHE C 20 -5.38 -8.09 8.99
CA PHE C 20 -3.98 -8.24 8.58
C PHE C 20 -2.92 -8.05 9.66
N ILE C 21 -2.95 -6.91 10.34
CA ILE C 21 -1.97 -6.57 11.38
C ILE C 21 -2.13 -7.33 12.69
N GLY C 22 -3.26 -8.02 12.82
CA GLY C 22 -3.57 -8.78 14.02
C GLY C 22 -3.62 -7.94 15.27
N ASN C 23 -2.92 -8.40 16.32
CA ASN C 23 -2.89 -7.69 17.58
C ASN C 23 -1.59 -6.91 17.77
N TYR C 24 -1.11 -6.33 16.67
CA TYR C 24 0.12 -5.53 16.60
C TYR C 24 0.12 -4.33 17.55
N LEU C 25 -1.05 -3.74 17.76
CA LEU C 25 -1.21 -2.58 18.65
C LEU C 25 -1.08 -2.95 20.14
N GLN C 26 -1.20 -4.23 20.44
CA GLN C 26 -1.12 -4.74 21.81
C GLN C 26 0.23 -5.41 22.08
N LEU C 27 1.07 -5.49 21.06
CA LEU C 27 2.37 -6.13 21.18
C LEU C 27 3.59 -5.25 20.92
N ASN C 28 4.62 -5.46 21.73
CA ASN C 28 5.89 -4.76 21.56
C ASN C 28 6.83 -5.85 21.06
N THR C 29 7.31 -5.67 19.84
CA THR C 29 8.20 -6.63 19.21
C THR C 29 9.59 -6.80 19.82
N GLU C 30 10.02 -5.84 20.64
CA GLU C 30 11.34 -5.91 21.29
C GLU C 30 11.26 -6.81 22.51
N GLN C 31 10.07 -6.83 23.11
CA GLN C 31 9.81 -7.63 24.30
C GLN C 31 8.56 -8.50 24.06
N MET C 32 8.68 -9.53 23.20
CA MET C 32 7.54 -10.41 22.91
C MET C 32 7.07 -11.25 24.07
N TYR C 33 8.00 -11.75 24.89
CA TYR C 33 7.66 -12.53 26.08
C TYR C 33 6.89 -11.65 27.07
N ASN C 34 7.46 -10.47 27.37
CA ASN C 34 6.86 -9.50 28.27
C ASN C 34 5.51 -8.98 27.81
N SER C 35 5.33 -8.89 26.50
CA SER C 35 4.07 -8.42 25.91
C SER C 35 2.97 -9.45 26.09
N LEU C 36 3.29 -10.70 25.78
CA LEU C 36 2.36 -11.83 25.90
C LEU C 36 2.00 -12.07 27.37
N MET C 37 2.95 -11.85 28.27
CA MET C 37 2.72 -12.02 29.70
C MET C 37 1.81 -10.95 30.27
N LYS C 38 1.95 -9.73 29.74
CA LYS C 38 1.16 -8.56 30.16
C LYS C 38 -0.31 -8.75 29.82
N ILE C 39 -0.56 -9.50 28.74
CA ILE C 39 -1.93 -9.77 28.33
C ILE C 39 -2.43 -11.10 28.91
N SER C 40 -1.52 -11.87 29.51
CA SER C 40 -1.84 -13.13 30.18
C SER C 40 -2.39 -12.74 31.55
N GLU C 41 -1.88 -11.61 32.05
CA GLU C 41 -2.29 -11.02 33.31
C GLU C 41 -3.72 -10.50 33.19
N ARG C 42 -4.21 -10.43 31.95
CA ARG C 42 -5.54 -9.90 31.66
C ARG C 42 -6.59 -10.91 31.20
N TYR C 43 -6.17 -11.88 30.38
CA TYR C 43 -7.11 -12.86 29.83
C TYR C 43 -7.00 -14.25 30.42
N GLY C 44 -5.84 -14.56 31.01
CA GLY C 44 -5.61 -15.86 31.59
C GLY C 44 -4.39 -16.56 31.04
N PRO C 45 -4.07 -17.78 31.51
CA PRO C 45 -2.91 -18.53 31.04
C PRO C 45 -2.98 -18.97 29.59
N VAL C 46 -4.20 -19.29 29.14
CA VAL C 46 -4.42 -19.72 27.77
C VAL C 46 -5.21 -18.63 27.07
N PHE C 47 -4.63 -18.09 26.00
CA PHE C 47 -5.27 -17.03 25.22
C PHE C 47 -4.95 -17.10 23.72
N THR C 48 -5.75 -16.40 22.91
CA THR C 48 -5.53 -16.35 21.47
C THR C 48 -4.91 -15.01 21.12
N ILE C 49 -3.84 -15.08 20.32
CA ILE C 49 -3.11 -13.89 19.90
C ILE C 49 -2.87 -13.94 18.40
N HIS C 50 -3.10 -12.82 17.72
CA HIS C 50 -2.91 -12.76 16.28
C HIS C 50 -1.63 -12.03 15.94
N LEU C 51 -0.61 -12.83 15.61
CA LEU C 51 0.70 -12.32 15.21
C LEU C 51 0.60 -11.97 13.73
N GLY C 52 -0.18 -10.94 13.45
CA GLY C 52 -0.42 -10.53 12.08
C GLY C 52 -1.49 -11.44 11.52
N PRO C 53 -1.26 -12.04 10.33
CA PRO C 53 -2.24 -12.95 9.74
C PRO C 53 -2.12 -14.35 10.33
N ARG C 54 -1.31 -14.47 11.38
CA ARG C 54 -1.06 -15.73 12.05
C ARG C 54 -1.77 -15.85 13.39
N ARG C 55 -2.78 -16.70 13.44
CA ARG C 55 -3.54 -16.94 14.66
C ARG C 55 -2.80 -17.99 15.48
N VAL C 56 -2.41 -17.57 16.69
CA VAL C 56 -1.66 -18.40 17.63
C VAL C 56 -2.31 -18.44 19.02
N VAL C 57 -2.36 -19.63 19.60
CA VAL C 57 -2.91 -19.85 20.94
C VAL C 57 -1.70 -20.01 21.86
N VAL C 58 -1.66 -19.18 22.89
CA VAL C 58 -0.54 -19.16 23.83
C VAL C 58 -0.81 -19.85 25.16
N LEU C 59 0.20 -20.58 25.65
CA LEU C 59 0.12 -21.30 26.92
C LEU C 59 1.13 -20.75 27.94
N CYS C 60 0.61 -20.17 29.02
CA CYS C 60 1.46 -19.61 30.08
C CYS C 60 1.33 -20.39 31.38
N GLY C 61 2.42 -20.49 32.12
CA GLY C 61 2.43 -21.21 33.39
C GLY C 61 2.69 -22.69 33.18
N HIS C 62 3.03 -23.41 34.26
CA HIS C 62 3.32 -24.84 34.17
C HIS C 62 2.10 -25.67 33.77
N ASP C 63 1.01 -25.50 34.51
CA ASP C 63 -0.23 -26.22 34.30
C ASP C 63 -0.70 -26.25 32.85
N ALA C 64 -0.84 -25.06 32.26
CA ALA C 64 -1.26 -24.92 30.85
C ALA C 64 -0.31 -25.53 29.82
N VAL C 65 0.99 -25.54 30.10
CA VAL C 65 1.98 -26.13 29.18
C VAL C 65 1.98 -27.65 29.27
N ARG C 66 2.00 -28.18 30.49
CA ARG C 66 2.02 -29.62 30.74
C ARG C 66 0.71 -30.31 30.36
N GLU C 67 -0.43 -29.63 30.63
CA GLU C 67 -1.76 -30.17 30.31
C GLU C 67 -2.00 -30.31 28.83
N ALA C 68 -1.26 -29.54 28.05
CA ALA C 68 -1.36 -29.54 26.62
C ALA C 68 -0.28 -30.39 25.97
N LEU C 69 0.97 -30.14 26.33
CA LEU C 69 2.11 -30.84 25.77
C LEU C 69 2.36 -32.29 26.24
N VAL C 70 1.87 -32.66 27.42
CA VAL C 70 2.04 -34.03 27.93
C VAL C 70 0.72 -34.81 28.05
N ASP C 71 -0.33 -34.16 28.56
CA ASP C 71 -1.63 -34.83 28.73
C ASP C 71 -2.35 -35.02 27.38
N GLN C 72 -2.39 -33.94 26.59
CA GLN C 72 -3.01 -33.98 25.26
C GLN C 72 -1.83 -33.88 24.29
N ALA C 73 -0.81 -34.70 24.57
CA ALA C 73 0.45 -34.78 23.82
C ALA C 73 0.38 -34.97 22.32
N GLU C 74 -0.37 -35.99 21.89
CA GLU C 74 -0.54 -36.34 20.49
C GLU C 74 -1.22 -35.22 19.73
N GLU C 75 -2.20 -34.62 20.41
CA GLU C 75 -3.00 -33.54 19.88
C GLU C 75 -2.20 -32.24 19.74
N PHE C 76 -1.15 -32.11 20.56
CA PHE C 76 -0.28 -30.94 20.52
C PHE C 76 1.10 -31.29 19.95
N SER C 77 1.19 -32.41 19.21
CA SER C 77 2.46 -32.86 18.64
C SER C 77 2.82 -32.31 17.25
N GLY C 78 1.99 -31.42 16.72
CA GLY C 78 2.28 -30.84 15.41
C GLY C 78 3.30 -29.73 15.50
N ARG C 79 4.18 -29.64 14.51
CA ARG C 79 5.19 -28.60 14.47
C ARG C 79 4.61 -27.34 13.89
N GLY C 80 5.00 -26.22 14.49
CA GLY C 80 4.57 -24.90 14.03
C GLY C 80 5.64 -24.31 13.14
N GLU C 81 5.50 -23.03 12.84
CA GLU C 81 6.45 -22.35 11.97
C GLU C 81 7.19 -21.26 12.71
N GLN C 82 8.43 -21.07 12.32
CA GLN C 82 9.29 -19.99 12.83
C GLN C 82 9.79 -19.48 11.49
N ALA C 83 9.13 -18.42 11.02
CA ALA C 83 9.36 -17.76 9.74
C ALA C 83 10.78 -17.58 9.22
N THR C 84 11.68 -17.10 10.08
CA THR C 84 13.09 -16.85 9.74
C THR C 84 13.78 -18.15 9.35
N PHE C 85 13.70 -19.15 10.22
CA PHE C 85 14.30 -20.47 9.95
C PHE C 85 13.61 -21.15 8.76
N ASP C 86 12.31 -20.91 8.61
CA ASP C 86 11.49 -21.48 7.53
C ASP C 86 11.79 -20.94 6.14
N TRP C 87 12.65 -19.93 6.07
CA TRP C 87 13.06 -19.33 4.80
C TRP C 87 13.99 -20.27 4.05
N VAL C 88 14.75 -21.07 4.80
CA VAL C 88 15.69 -22.01 4.21
C VAL C 88 15.27 -23.49 4.36
N PHE C 89 14.49 -23.79 5.40
CA PHE C 89 14.06 -25.16 5.65
C PHE C 89 12.80 -25.55 4.92
N LYS C 90 11.84 -24.62 4.82
CA LYS C 90 10.56 -24.79 4.13
C LYS C 90 9.81 -26.10 4.44
N GLY C 91 9.80 -26.47 5.73
CA GLY C 91 9.12 -27.69 6.16
C GLY C 91 9.90 -28.98 5.92
N TYR C 92 11.22 -28.87 5.79
CA TYR C 92 12.10 -30.04 5.58
C TYR C 92 13.06 -30.17 6.75
N GLY C 93 13.55 -31.40 6.95
CA GLY C 93 14.48 -31.67 8.03
C GLY C 93 13.73 -32.01 9.31
N VAL C 94 14.37 -32.78 10.19
CA VAL C 94 13.75 -33.22 11.44
C VAL C 94 13.07 -32.17 12.32
N VAL C 95 13.69 -31.01 12.45
CA VAL C 95 13.15 -29.96 13.31
C VAL C 95 11.88 -29.31 12.78
N PHE C 96 11.84 -28.98 11.48
CA PHE C 96 10.68 -28.29 10.90
C PHE C 96 9.65 -29.06 10.10
N SER C 97 9.61 -30.37 10.31
CA SER C 97 8.67 -31.22 9.59
C SER C 97 7.50 -31.73 10.42
N ASN C 98 6.50 -32.27 9.73
CA ASN C 98 5.30 -32.82 10.34
C ASN C 98 4.95 -34.20 9.77
N GLY C 99 3.96 -34.83 10.39
CA GLY C 99 3.45 -36.13 9.96
C GLY C 99 4.41 -37.30 9.82
N GLU C 100 4.36 -37.96 8.67
CA GLU C 100 5.21 -39.10 8.35
C GLU C 100 6.67 -38.67 8.18
N ARG C 101 6.89 -37.40 7.87
CA ARG C 101 8.24 -36.87 7.69
C ARG C 101 8.95 -36.68 9.03
N ALA C 102 8.22 -36.15 10.02
CA ALA C 102 8.74 -35.93 11.37
C ALA C 102 9.05 -37.28 12.03
N LYS C 103 8.02 -38.13 12.11
CA LYS C 103 8.09 -39.46 12.72
C LYS C 103 9.28 -40.25 12.18
N GLN C 104 9.41 -40.24 10.85
CA GLN C 104 10.47 -40.95 10.14
C GLN C 104 11.86 -40.38 10.37
N LEU C 105 11.98 -39.06 10.27
CA LEU C 105 13.25 -38.38 10.47
C LEU C 105 13.71 -38.37 11.93
N ARG C 106 12.76 -38.25 12.86
CA ARG C 106 13.09 -38.25 14.28
C ARG C 106 13.64 -39.58 14.74
N ARG C 107 12.94 -40.67 14.41
CA ARG C 107 13.33 -42.05 14.76
C ARG C 107 14.75 -42.35 14.28
N PHE C 108 15.05 -41.93 13.05
CA PHE C 108 16.36 -42.11 12.45
C PHE C 108 17.42 -41.33 13.24
N SER C 109 17.20 -40.01 13.33
CA SER C 109 18.11 -39.11 14.04
C SER C 109 18.45 -39.54 15.47
N ILE C 110 17.43 -39.87 16.29
CA ILE C 110 17.65 -40.32 17.69
C ILE C 110 18.55 -41.56 17.70
N ALA C 111 18.23 -42.51 16.82
CA ALA C 111 18.98 -43.75 16.70
C ALA C 111 20.42 -43.51 16.25
N THR C 112 20.60 -42.71 15.19
CA THR C 112 21.91 -42.40 14.60
C THR C 112 22.89 -41.63 15.49
N LEU C 113 22.33 -40.80 16.37
CA LEU C 113 23.10 -40.00 17.30
C LEU C 113 23.84 -40.91 18.29
N ARG C 114 23.15 -41.97 18.72
CA ARG C 114 23.67 -42.98 19.65
C ARG C 114 24.75 -43.86 19.00
N ASP C 115 24.51 -44.21 17.74
CA ASP C 115 25.41 -45.03 16.93
C ASP C 115 26.76 -44.34 16.70
N PHE C 116 26.77 -43.02 16.83
CA PHE C 116 27.98 -42.22 16.69
C PHE C 116 28.46 -41.62 17.99
N GLY C 117 27.78 -41.96 19.09
CA GLY C 117 28.21 -41.47 20.38
C GLY C 117 27.26 -41.18 21.54
N VAL C 118 26.29 -40.27 21.35
CA VAL C 118 25.34 -39.81 22.41
C VAL C 118 24.81 -40.84 23.40
N GLY C 119 25.18 -40.66 24.66
CA GLY C 119 24.77 -41.57 25.72
C GLY C 119 25.96 -42.43 26.07
N LYS C 120 26.45 -43.17 25.06
CA LYS C 120 27.60 -44.06 25.18
C LYS C 120 28.85 -43.26 25.61
N ARG C 121 29.86 -43.99 26.11
CA ARG C 121 31.11 -43.41 26.56
C ARG C 121 31.90 -42.80 25.39
N GLY C 122 31.46 -43.10 24.16
CA GLY C 122 32.08 -42.57 22.96
C GLY C 122 32.03 -41.05 22.87
N ILE C 123 30.90 -40.46 23.25
CA ILE C 123 30.75 -39.00 23.21
C ILE C 123 31.39 -38.36 24.43
N GLU C 124 31.31 -39.05 25.57
CA GLU C 124 31.91 -38.60 26.83
C GLU C 124 33.41 -38.41 26.55
N GLU C 125 34.00 -39.44 25.94
CA GLU C 125 35.41 -39.49 25.56
C GLU C 125 35.76 -38.32 24.64
N ARG C 126 34.83 -38.00 23.74
CA ARG C 126 35.01 -36.90 22.81
C ARG C 126 34.78 -35.50 23.39
N ILE C 127 33.90 -35.38 24.39
CA ILE C 127 33.61 -34.09 25.04
C ILE C 127 34.77 -33.74 25.97
N GLN C 128 35.36 -34.74 26.62
CA GLN C 128 36.49 -34.56 27.54
C GLN C 128 37.73 -34.15 26.78
N GLU C 129 37.97 -34.85 25.67
CA GLU C 129 39.13 -34.62 24.80
C GLU C 129 39.02 -33.23 24.14
N GLU C 130 37.79 -32.73 24.08
CA GLU C 130 37.46 -31.41 23.52
C GLU C 130 37.51 -30.36 24.63
N ALA C 131 37.13 -30.77 25.85
CA ALA C 131 37.12 -29.91 27.03
C ALA C 131 38.56 -29.53 27.41
N GLY C 132 39.49 -30.46 27.18
CA GLY C 132 40.89 -30.23 27.46
C GLY C 132 41.48 -29.21 26.50
N PHE C 133 40.89 -29.15 25.31
CA PHE C 133 41.31 -28.21 24.26
C PHE C 133 40.81 -26.81 24.56
N LEU C 134 39.71 -26.72 25.33
CA LEU C 134 39.14 -25.45 25.75
C LEU C 134 40.07 -24.84 26.77
N ILE C 135 40.61 -25.70 27.65
CA ILE C 135 41.54 -25.31 28.69
C ILE C 135 42.84 -24.89 28.02
N ASP C 136 43.30 -25.64 27.00
CA ASP C 136 44.54 -25.32 26.26
C ASP C 136 44.52 -23.91 25.65
N ALA C 137 43.32 -23.47 25.30
CA ALA C 137 43.09 -22.16 24.70
C ALA C 137 42.82 -21.08 25.76
N LEU C 138 42.33 -21.49 26.94
CA LEU C 138 42.06 -20.56 28.04
C LEU C 138 43.30 -20.35 28.92
N ARG C 139 44.33 -21.18 28.69
CA ARG C 139 45.61 -21.09 29.41
C ARG C 139 46.44 -20.08 28.60
N GLY C 140 46.27 -20.14 27.28
CA GLY C 140 46.98 -19.26 26.36
C GLY C 140 46.61 -17.79 26.42
N THR C 141 45.54 -17.48 27.17
CA THR C 141 45.08 -16.11 27.36
C THR C 141 45.99 -15.43 28.38
N GLY C 142 46.52 -16.24 29.30
CA GLY C 142 47.40 -15.77 30.35
C GLY C 142 46.67 -14.84 31.29
N GLY C 143 45.39 -15.15 31.50
CA GLY C 143 44.52 -14.37 32.36
C GLY C 143 44.11 -13.04 31.77
N ALA C 144 44.10 -12.95 30.44
CA ALA C 144 43.74 -11.71 29.73
C ALA C 144 42.25 -11.41 29.80
N ASN C 145 41.90 -10.14 29.58
CA ASN C 145 40.53 -9.69 29.62
C ASN C 145 39.95 -9.81 28.20
N ILE C 146 39.55 -11.02 27.86
CA ILE C 146 39.01 -11.34 26.53
C ILE C 146 37.53 -11.68 26.48
N ASP C 147 37.02 -11.86 25.27
CA ASP C 147 35.62 -12.21 25.01
C ASP C 147 35.52 -13.73 24.85
N PRO C 148 34.82 -14.42 25.79
CA PRO C 148 34.66 -15.88 25.76
C PRO C 148 33.71 -16.45 24.71
N THR C 149 32.91 -15.57 24.09
CA THR C 149 31.90 -15.92 23.07
C THR C 149 32.37 -16.95 22.05
N PHE C 150 33.55 -16.72 21.47
CA PHE C 150 34.07 -17.66 20.50
C PHE C 150 34.94 -18.78 21.04
N PHE C 151 35.47 -18.60 22.24
CA PHE C 151 36.30 -19.62 22.87
C PHE C 151 35.43 -20.80 23.29
N LEU C 152 34.19 -20.48 23.67
CA LEU C 152 33.18 -21.43 24.11
C LEU C 152 32.39 -22.08 22.98
N SER C 153 31.99 -21.29 21.99
CA SER C 153 31.22 -21.78 20.85
C SER C 153 32.01 -22.70 19.93
N ARG C 154 33.34 -22.55 19.95
CA ARG C 154 34.22 -23.37 19.13
C ARG C 154 34.35 -24.76 19.74
N THR C 155 34.26 -24.82 21.06
CA THR C 155 34.38 -26.08 21.82
C THR C 155 33.08 -26.87 21.82
N VAL C 156 31.96 -26.15 21.81
CA VAL C 156 30.65 -26.77 21.81
C VAL C 156 30.38 -27.38 20.44
N SER C 157 30.68 -26.61 19.40
CA SER C 157 30.44 -27.04 18.03
C SER C 157 31.14 -28.32 17.63
N ASN C 158 32.41 -28.45 18.05
CA ASN C 158 33.23 -29.61 17.72
C ASN C 158 32.77 -30.94 18.31
N VAL C 159 31.67 -30.89 19.06
CA VAL C 159 31.07 -32.08 19.67
C VAL C 159 30.00 -32.60 18.73
N ILE C 160 29.10 -31.71 18.34
CA ILE C 160 28.02 -32.04 17.43
C ILE C 160 28.57 -32.16 16.00
N SER C 161 29.67 -31.46 15.72
CA SER C 161 30.33 -31.48 14.41
C SER C 161 31.11 -32.77 14.15
N SER C 162 31.64 -33.35 15.23
CA SER C 162 32.41 -34.59 15.15
C SER C 162 31.51 -35.79 14.87
N ILE C 163 30.22 -35.63 15.19
CA ILE C 163 29.19 -36.64 14.96
C ILE C 163 28.68 -36.44 13.53
N VAL C 164 28.37 -35.19 13.20
CA VAL C 164 27.81 -34.80 11.92
C VAL C 164 28.75 -34.79 10.70
N PHE C 165 30.00 -34.37 10.88
CA PHE C 165 30.97 -34.31 9.78
C PHE C 165 32.07 -35.36 9.88
N GLY C 166 32.15 -36.03 11.04
CA GLY C 166 33.12 -37.09 11.25
C GLY C 166 34.50 -36.69 11.71
N ASP C 167 34.66 -35.43 12.11
CA ASP C 167 35.93 -34.89 12.59
C ASP C 167 35.67 -33.54 13.24
N ARG C 168 36.62 -33.11 14.08
CA ARG C 168 36.53 -31.81 14.73
C ARG C 168 37.18 -30.79 13.80
N PHE C 169 36.79 -29.53 13.94
CA PHE C 169 37.37 -28.46 13.15
C PHE C 169 38.59 -27.96 13.92
N ASP C 170 39.49 -27.27 13.22
CA ASP C 170 40.67 -26.70 13.84
C ASP C 170 40.23 -25.36 14.45
N TYR C 171 40.74 -25.04 15.63
CA TYR C 171 40.39 -23.78 16.34
C TYR C 171 40.86 -22.56 15.55
N LYS C 172 41.86 -22.78 14.69
CA LYS C 172 42.44 -21.73 13.87
C LYS C 172 41.93 -21.72 12.43
N ASP C 173 40.71 -22.23 12.22
CA ASP C 173 40.09 -22.25 10.90
C ASP C 173 39.19 -21.01 10.76
N LYS C 174 39.40 -20.26 9.69
CA LYS C 174 38.66 -19.03 9.42
C LYS C 174 37.24 -19.25 8.88
N GLU C 175 37.00 -20.45 8.35
CA GLU C 175 35.69 -20.84 7.81
C GLU C 175 34.81 -21.26 8.99
N PHE C 176 35.41 -21.95 9.95
CA PHE C 176 34.72 -22.44 11.16
C PHE C 176 34.26 -21.25 12.02
N LEU C 177 35.09 -20.21 12.06
CA LEU C 177 34.81 -18.99 12.82
C LEU C 177 33.62 -18.27 12.17
N SER C 178 33.56 -18.30 10.85
CA SER C 178 32.49 -17.65 10.09
C SER C 178 31.18 -18.40 10.23
N LEU C 179 31.25 -19.73 10.35
CA LEU C 179 30.07 -20.58 10.52
C LEU C 179 29.45 -20.35 11.89
N LEU C 180 30.29 -20.01 12.86
CA LEU C 180 29.84 -19.74 14.21
C LEU C 180 29.36 -18.32 14.34
N ARG C 181 29.78 -17.47 13.40
CA ARG C 181 29.36 -16.07 13.34
C ARG C 181 27.95 -16.03 12.79
N MET C 182 27.67 -16.96 11.89
CA MET C 182 26.37 -17.12 11.24
C MET C 182 25.30 -17.57 12.21
N MET C 183 25.60 -18.62 12.98
CA MET C 183 24.70 -19.17 13.99
C MET C 183 24.40 -18.16 15.09
N LEU C 184 25.43 -17.40 15.47
CA LEU C 184 25.34 -16.35 16.49
C LEU C 184 24.47 -15.22 15.97
N GLY C 185 24.62 -14.95 14.67
CA GLY C 185 23.89 -13.89 14.00
C GLY C 185 22.42 -14.17 13.78
N ILE C 186 22.09 -15.45 13.58
CA ILE C 186 20.71 -15.90 13.38
C ILE C 186 19.98 -15.79 14.70
N PHE C 187 20.59 -16.35 15.75
CA PHE C 187 20.03 -16.31 17.10
C PHE C 187 19.87 -14.88 17.60
N GLN C 188 20.82 -14.01 17.21
CA GLN C 188 20.79 -12.60 17.57
C GLN C 188 19.60 -11.94 16.86
N PHE C 189 19.44 -12.24 15.57
CA PHE C 189 18.34 -11.67 14.78
C PHE C 189 16.97 -12.12 15.23
N THR C 190 16.75 -13.43 15.34
CA THR C 190 15.45 -13.98 15.75
C THR C 190 14.99 -13.51 17.13
N SER C 191 15.88 -12.82 17.83
CA SER C 191 15.62 -12.30 19.16
C SER C 191 15.51 -10.77 19.16
N THR C 192 15.69 -10.16 18.00
CA THR C 192 15.62 -8.70 17.84
C THR C 192 14.17 -8.28 17.58
N SER C 193 13.93 -6.97 17.58
CA SER C 193 12.61 -6.40 17.34
C SER C 193 12.15 -6.71 15.92
N THR C 194 13.05 -6.52 14.95
CA THR C 194 12.77 -6.80 13.53
C THR C 194 12.56 -8.30 13.31
N GLY C 195 13.26 -9.13 14.07
CA GLY C 195 13.15 -10.58 13.96
C GLY C 195 11.80 -11.15 14.36
N GLN C 196 11.19 -10.50 15.34
CA GLN C 196 9.89 -10.88 15.85
C GLN C 196 8.77 -10.22 15.08
N LEU C 197 9.09 -9.12 14.39
CA LEU C 197 8.13 -8.42 13.55
C LEU C 197 8.05 -9.23 12.27
N TYR C 198 9.12 -9.97 11.98
CA TYR C 198 9.22 -10.83 10.82
C TYR C 198 8.26 -12.01 10.94
N GLU C 199 7.99 -12.46 12.17
CA GLU C 199 7.08 -13.57 12.41
C GLU C 199 5.64 -13.19 12.13
N MET C 200 5.40 -11.88 12.13
CA MET C 200 4.09 -11.31 11.88
C MET C 200 3.91 -10.94 10.42
N PHE C 201 4.91 -10.27 9.86
CA PHE C 201 4.82 -9.79 8.49
C PHE C 201 5.78 -10.41 7.45
N SER C 202 6.02 -11.71 7.56
CA SER C 202 6.90 -12.43 6.64
C SER C 202 6.44 -12.43 5.18
N SER C 203 5.15 -12.20 4.97
CA SER C 203 4.57 -12.15 3.63
C SER C 203 5.01 -10.91 2.86
N VAL C 204 5.35 -9.86 3.61
CA VAL C 204 5.81 -8.58 3.05
C VAL C 204 7.31 -8.36 3.27
N MET C 205 7.78 -8.60 4.50
CA MET C 205 9.18 -8.41 4.87
C MET C 205 10.23 -9.28 4.19
N LYS C 206 9.83 -10.40 3.60
CA LYS C 206 10.78 -11.29 2.91
C LYS C 206 11.19 -10.73 1.54
N HIS C 207 10.40 -9.78 1.05
CA HIS C 207 10.63 -9.15 -0.23
C HIS C 207 11.09 -7.69 -0.06
N LEU C 208 11.39 -7.31 1.18
CA LEU C 208 11.83 -5.94 1.53
C LEU C 208 13.25 -5.91 2.09
N PRO C 209 13.98 -4.77 1.93
CA PRO C 209 15.33 -4.73 2.48
C PRO C 209 15.29 -4.42 3.97
N GLY C 210 16.33 -4.84 4.67
CA GLY C 210 16.43 -4.63 6.10
C GLY C 210 17.29 -5.71 6.72
N PRO C 211 17.34 -5.83 8.07
CA PRO C 211 18.15 -6.84 8.76
C PRO C 211 17.79 -8.28 8.43
N GLN C 212 16.58 -8.46 7.89
CA GLN C 212 16.06 -9.77 7.52
C GLN C 212 16.87 -10.41 6.41
N GLN C 213 17.35 -9.59 5.48
CA GLN C 213 18.14 -10.05 4.34
C GLN C 213 19.53 -10.49 4.75
N GLN C 214 20.08 -9.83 5.77
CA GLN C 214 21.41 -10.15 6.28
C GLN C 214 21.32 -11.50 6.99
N ALA C 215 20.21 -11.70 7.67
CA ALA C 215 19.93 -12.94 8.40
C ALA C 215 19.72 -14.11 7.44
N PHE C 216 19.13 -13.83 6.28
CA PHE C 216 18.89 -14.84 5.26
C PHE C 216 20.20 -15.26 4.65
N GLN C 217 21.08 -14.29 4.42
CA GLN C 217 22.41 -14.52 3.85
C GLN C 217 23.27 -15.39 4.75
N LEU C 218 22.97 -15.34 6.05
CA LEU C 218 23.67 -16.15 7.05
C LEU C 218 23.10 -17.56 7.07
N LEU C 219 21.81 -17.70 6.78
CA LEU C 219 21.15 -19.00 6.71
C LEU C 219 21.55 -19.63 5.40
N GLN C 220 21.67 -18.80 4.37
CA GLN C 220 22.06 -19.26 3.03
C GLN C 220 23.49 -19.76 3.01
N GLY C 221 24.34 -19.11 3.82
CA GLY C 221 25.75 -19.47 3.91
C GLY C 221 25.96 -20.79 4.62
N LEU C 222 25.03 -21.11 5.51
CA LEU C 222 25.06 -22.35 6.27
C LEU C 222 24.58 -23.55 5.42
N GLU C 223 23.61 -23.31 4.52
CA GLU C 223 23.11 -24.37 3.65
C GLU C 223 24.20 -24.78 2.66
N ASP C 224 24.93 -23.77 2.19
CA ASP C 224 26.01 -23.94 1.23
C ASP C 224 27.12 -24.84 1.76
N PHE C 225 27.44 -24.67 3.05
CA PHE C 225 28.48 -25.45 3.71
C PHE C 225 28.08 -26.91 3.85
N ILE C 226 26.83 -27.14 4.27
CA ILE C 226 26.31 -28.49 4.46
C ILE C 226 26.24 -29.21 3.12
N ALA C 227 25.80 -28.51 2.08
CA ALA C 227 25.68 -29.05 0.72
C ALA C 227 27.06 -29.53 0.25
N LYS C 228 28.09 -28.71 0.51
CA LYS C 228 29.48 -29.00 0.16
C LYS C 228 29.99 -30.18 0.97
N LYS C 229 29.70 -30.20 2.27
CA LYS C 229 30.13 -31.30 3.12
C LYS C 229 29.37 -32.60 2.84
N VAL C 230 28.17 -32.46 2.27
CA VAL C 230 27.35 -33.61 1.90
C VAL C 230 27.90 -34.14 0.58
N GLU C 231 28.31 -33.23 -0.31
CA GLU C 231 28.85 -33.62 -1.60
C GLU C 231 30.18 -34.37 -1.46
N HIS C 232 31.08 -33.83 -0.65
CA HIS C 232 32.38 -34.46 -0.41
C HIS C 232 32.15 -35.86 0.21
N ASN C 233 31.19 -35.95 1.11
CA ASN C 233 30.84 -37.21 1.76
C ASN C 233 30.28 -38.22 0.76
N GLN C 234 29.46 -37.74 -0.20
CA GLN C 234 28.84 -38.56 -1.26
C GLN C 234 29.90 -39.20 -2.15
N ARG C 235 30.88 -38.38 -2.54
CA ARG C 235 31.97 -38.79 -3.41
C ARG C 235 33.04 -39.67 -2.75
N THR C 236 32.90 -39.94 -1.45
CA THR C 236 33.88 -40.76 -0.72
C THR C 236 33.28 -41.85 0.14
N LEU C 237 31.96 -41.81 0.29
CA LEU C 237 31.20 -42.76 1.12
C LEU C 237 31.49 -44.25 0.91
N ASP C 238 31.88 -44.90 2.02
CA ASP C 238 32.12 -46.35 2.04
C ASP C 238 30.81 -46.89 2.68
N PRO C 239 29.94 -47.61 1.91
CA PRO C 239 28.66 -48.16 2.40
C PRO C 239 28.66 -49.11 3.61
N ASN C 240 29.83 -49.59 3.99
CA ASN C 240 29.97 -50.53 5.10
C ASN C 240 30.81 -49.93 6.25
N SER C 241 31.16 -48.66 6.12
CA SER C 241 31.94 -47.96 7.13
C SER C 241 31.53 -46.48 7.23
N PRO C 242 30.33 -46.19 7.79
CA PRO C 242 29.90 -44.80 7.92
C PRO C 242 30.73 -44.03 8.94
N ARG C 243 31.30 -42.93 8.47
CA ARG C 243 32.16 -42.06 9.27
C ARG C 243 31.33 -41.09 10.12
N ASP C 244 30.17 -40.69 9.59
CA ASP C 244 29.30 -39.73 10.26
C ASP C 244 27.79 -39.91 10.04
N PHE C 245 27.03 -38.91 10.52
CA PHE C 245 25.57 -38.83 10.42
C PHE C 245 25.17 -38.74 8.94
N ILE C 246 25.87 -37.88 8.19
CA ILE C 246 25.63 -37.68 6.75
C ILE C 246 25.82 -39.00 6.02
N ASP C 247 26.90 -39.69 6.37
CA ASP C 247 27.26 -40.99 5.81
C ASP C 247 26.19 -42.03 6.08
N SER C 248 25.63 -42.00 7.29
CA SER C 248 24.58 -42.94 7.69
C SER C 248 23.20 -42.62 7.12
N PHE C 249 22.98 -41.36 6.76
CA PHE C 249 21.73 -40.91 6.15
C PHE C 249 21.80 -41.31 4.69
N LEU C 250 23.01 -41.16 4.13
CA LEU C 250 23.28 -41.50 2.74
C LEU C 250 23.10 -42.98 2.45
N ILE C 251 23.37 -43.81 3.47
CA ILE C 251 23.19 -45.28 3.39
C ILE C 251 21.70 -45.59 3.28
N ARG C 252 20.92 -45.00 4.19
CA ARG C 252 19.47 -45.20 4.24
C ARG C 252 18.83 -44.62 2.97
N MET C 253 19.41 -43.55 2.42
CA MET C 253 18.92 -42.91 1.20
C MET C 253 18.95 -43.91 0.08
N GLN C 254 20.09 -44.59 -0.03
CA GLN C 254 20.32 -45.60 -1.05
C GLN C 254 19.47 -46.85 -0.83
N GLU C 255 19.31 -47.23 0.44
CA GLU C 255 18.50 -48.39 0.85
C GLU C 255 17.00 -48.15 0.74
N GLU C 256 16.62 -46.97 0.29
CA GLU C 256 15.21 -46.61 0.12
C GLU C 256 14.88 -46.19 -1.33
N GLU C 257 15.79 -46.53 -2.26
CA GLU C 257 15.60 -46.23 -3.70
C GLU C 257 14.57 -47.20 -4.28
N LYS C 258 14.42 -48.33 -3.59
CA LYS C 258 13.48 -49.40 -3.92
C LYS C 258 12.12 -49.07 -3.27
N ASN C 259 11.94 -47.79 -2.89
CA ASN C 259 10.73 -47.28 -2.23
C ASN C 259 10.34 -45.89 -2.79
N PRO C 260 9.03 -45.70 -3.13
CA PRO C 260 8.55 -44.41 -3.66
C PRO C 260 8.36 -43.35 -2.58
N ASN C 261 7.49 -43.67 -1.62
CA ASN C 261 7.14 -42.80 -0.49
C ASN C 261 8.15 -42.82 0.66
N THR C 262 9.34 -42.30 0.36
CA THR C 262 10.41 -42.23 1.32
C THR C 262 10.70 -40.76 1.62
N GLU C 263 11.24 -40.52 2.80
CA GLU C 263 11.57 -39.17 3.22
C GLU C 263 13.07 -38.99 3.25
N PHE C 264 13.77 -40.08 2.95
CA PHE C 264 15.21 -40.10 2.94
C PHE C 264 15.79 -39.71 1.60
N TYR C 265 15.78 -38.40 1.33
CA TYR C 265 16.36 -37.84 0.11
C TYR C 265 17.39 -36.76 0.43
N LEU C 266 17.85 -36.03 -0.58
CA LEU C 266 18.86 -34.99 -0.37
C LEU C 266 18.37 -33.77 0.41
N LYS C 267 17.21 -33.22 0.03
CA LYS C 267 16.64 -32.03 0.69
C LYS C 267 16.33 -32.24 2.19
N ASN C 268 16.19 -33.49 2.60
CA ASN C 268 15.92 -33.81 4.00
C ASN C 268 17.22 -34.11 4.73
N LEU C 269 18.27 -34.43 3.97
CA LEU C 269 19.59 -34.69 4.53
C LEU C 269 20.25 -33.38 4.88
N VAL C 270 20.36 -32.50 3.87
CA VAL C 270 20.98 -31.19 4.01
C VAL C 270 20.36 -30.36 5.15
N MET C 271 19.03 -30.38 5.26
CA MET C 271 18.33 -29.62 6.29
C MET C 271 18.41 -30.21 7.69
N THR C 272 18.30 -31.53 7.85
CA THR C 272 18.38 -32.21 9.17
C THR C 272 19.79 -32.04 9.73
N THR C 273 20.79 -32.23 8.86
CA THR C 273 22.19 -32.08 9.21
C THR C 273 22.44 -30.63 9.64
N LEU C 274 21.89 -29.69 8.88
CA LEU C 274 22.03 -28.26 9.18
C LEU C 274 21.36 -27.90 10.51
N GLN C 275 20.17 -28.46 10.72
CA GLN C 275 19.39 -28.24 11.92
C GLN C 275 20.02 -28.80 13.19
N LEU C 276 20.76 -29.89 13.06
CA LEU C 276 21.44 -30.51 14.20
C LEU C 276 22.73 -29.78 14.52
N PHE C 277 23.36 -29.24 13.48
CA PHE C 277 24.61 -28.47 13.54
C PHE C 277 24.39 -27.10 14.21
N VAL C 278 23.24 -26.48 13.98
CA VAL C 278 22.89 -25.19 14.57
C VAL C 278 22.30 -25.43 15.96
N GLY C 279 21.31 -26.32 16.02
CA GLY C 279 20.64 -26.67 17.27
C GLY C 279 21.54 -27.23 18.34
N GLY C 280 22.61 -27.91 17.91
CA GLY C 280 23.56 -28.50 18.83
C GLY C 280 24.79 -27.67 19.09
N THR C 281 24.71 -26.39 18.73
CA THR C 281 25.82 -25.49 18.92
C THR C 281 25.45 -24.22 19.67
N GLU C 282 24.69 -23.36 18.99
CA GLU C 282 24.29 -22.08 19.54
C GLU C 282 23.43 -22.07 20.78
N THR C 283 22.75 -23.17 21.07
CA THR C 283 21.91 -23.27 22.27
C THR C 283 22.73 -23.60 23.52
N VAL C 284 23.73 -24.48 23.35
CA VAL C 284 24.61 -24.91 24.44
C VAL C 284 25.66 -23.83 24.69
N SER C 285 26.05 -23.13 23.62
CA SER C 285 27.01 -22.03 23.68
C SER C 285 26.44 -20.80 24.41
N THR C 286 25.17 -20.50 24.16
CA THR C 286 24.49 -19.36 24.80
C THR C 286 24.27 -19.67 26.29
N THR C 287 24.20 -20.95 26.62
CA THR C 287 24.01 -21.40 28.01
C THR C 287 25.31 -21.32 28.78
N LEU C 288 26.42 -21.68 28.13
CA LEU C 288 27.74 -21.61 28.75
C LEU C 288 28.13 -20.16 29.00
N ARG C 289 27.94 -19.33 27.98
CA ARG C 289 28.24 -17.88 28.02
C ARG C 289 27.38 -17.15 29.06
N TYR C 290 26.13 -17.59 29.24
CA TYR C 290 25.24 -16.96 30.20
C TYR C 290 25.64 -17.43 31.59
N GLY C 291 26.08 -18.68 31.66
CA GLY C 291 26.49 -19.30 32.92
C GLY C 291 27.64 -18.65 33.65
N PHE C 292 28.65 -18.19 32.90
CA PHE C 292 29.80 -17.53 33.50
C PHE C 292 29.46 -16.11 33.97
N LEU C 293 28.61 -15.42 33.22
CA LEU C 293 28.19 -14.07 33.58
C LEU C 293 27.34 -14.10 34.85
N LEU C 294 26.70 -15.24 35.08
CA LEU C 294 25.86 -15.46 36.25
C LEU C 294 26.72 -15.80 37.45
N LEU C 295 27.76 -16.60 37.22
CA LEU C 295 28.69 -17.04 38.26
C LEU C 295 29.60 -15.96 38.83
N MET C 296 29.95 -14.96 38.02
CA MET C 296 30.81 -13.84 38.45
C MET C 296 30.00 -12.81 39.24
N LYS C 297 28.68 -12.81 39.00
CA LYS C 297 27.72 -11.91 39.64
C LYS C 297 27.40 -12.44 41.05
N HIS C 298 27.71 -13.73 41.26
CA HIS C 298 27.50 -14.40 42.54
C HIS C 298 28.77 -15.20 42.88
N PRO C 299 29.82 -14.55 43.45
CA PRO C 299 31.07 -15.25 43.80
C PRO C 299 30.92 -16.27 44.91
N GLU C 300 29.81 -16.15 45.66
CA GLU C 300 29.49 -17.08 46.75
C GLU C 300 29.21 -18.44 46.13
N VAL C 301 28.44 -18.42 45.04
CA VAL C 301 28.06 -19.62 44.29
C VAL C 301 29.32 -20.25 43.64
N GLU C 302 30.22 -19.41 43.13
CA GLU C 302 31.48 -19.88 42.51
C GLU C 302 32.36 -20.58 43.55
N ALA C 303 32.36 -20.02 44.77
CA ALA C 303 33.14 -20.55 45.89
C ALA C 303 32.63 -21.91 46.33
N LYS C 304 31.31 -22.05 46.45
CA LYS C 304 30.68 -23.31 46.86
C LYS C 304 30.86 -24.40 45.80
N VAL C 305 30.87 -23.99 44.53
CA VAL C 305 31.07 -24.89 43.39
C VAL C 305 32.52 -25.40 43.45
N HIS C 306 33.46 -24.47 43.59
CA HIS C 306 34.89 -24.78 43.67
C HIS C 306 35.21 -25.71 44.84
N GLU C 307 34.42 -25.60 45.92
CA GLU C 307 34.61 -26.41 47.10
C GLU C 307 34.24 -27.85 46.73
N GLU C 308 33.02 -28.04 46.21
CA GLU C 308 32.53 -29.36 45.83
C GLU C 308 33.42 -30.09 44.83
N ILE C 309 33.97 -29.38 43.85
CA ILE C 309 34.83 -29.99 42.85
C ILE C 309 36.12 -30.58 43.43
N ASP C 310 36.88 -29.75 44.16
CA ASP C 310 38.14 -30.17 44.78
C ASP C 310 37.98 -31.24 45.87
N ARG C 311 36.76 -31.37 46.40
CA ARG C 311 36.47 -32.35 47.44
C ARG C 311 35.82 -33.64 46.88
N VAL C 312 35.50 -33.66 45.58
CA VAL C 312 34.90 -34.83 44.92
C VAL C 312 35.78 -35.32 43.75
N ILE C 313 36.27 -34.39 42.94
CA ILE C 313 37.11 -34.72 41.79
C ILE C 313 38.61 -34.47 42.05
N GLY C 314 38.94 -33.27 42.53
CA GLY C 314 40.33 -32.94 42.81
C GLY C 314 41.02 -32.07 41.79
N LYS C 315 42.23 -32.47 41.38
CA LYS C 315 43.05 -31.76 40.41
C LYS C 315 43.81 -32.76 39.52
N ASN C 316 44.05 -33.95 40.07
CA ASN C 316 44.77 -35.06 39.43
C ASN C 316 44.12 -35.66 38.16
N ARG C 317 42.81 -35.91 38.27
CA ARG C 317 42.03 -36.52 37.21
C ARG C 317 40.94 -35.58 36.66
N GLN C 318 40.79 -35.61 35.33
CA GLN C 318 39.80 -34.83 34.58
C GLN C 318 38.37 -35.28 34.90
N PRO C 319 37.38 -34.38 34.84
CA PRO C 319 36.00 -34.78 35.14
C PRO C 319 35.35 -35.74 34.13
N LYS C 320 34.49 -36.62 34.64
CA LYS C 320 33.76 -37.57 33.80
C LYS C 320 32.29 -37.54 34.20
N PHE C 321 31.44 -38.16 33.39
CA PHE C 321 29.99 -38.16 33.63
C PHE C 321 29.47 -38.78 34.93
N GLU C 322 30.18 -39.77 35.48
CA GLU C 322 29.79 -40.42 36.74
C GLU C 322 29.77 -39.45 37.92
N ASP C 323 30.74 -38.51 37.90
CA ASP C 323 30.92 -37.48 38.94
C ASP C 323 29.67 -36.67 39.27
N ARG C 324 28.73 -36.68 38.33
CA ARG C 324 27.46 -35.99 38.40
C ARG C 324 26.60 -36.42 39.59
N ALA C 325 26.54 -37.74 39.80
CA ALA C 325 25.76 -38.35 40.88
C ALA C 325 26.21 -37.91 42.26
N LYS C 326 27.53 -37.75 42.41
CA LYS C 326 28.15 -37.32 43.66
C LYS C 326 28.25 -35.79 43.79
N MET C 327 27.69 -35.06 42.82
CA MET C 327 27.73 -33.60 42.83
C MET C 327 26.37 -32.87 42.82
N PRO C 328 25.71 -32.72 44.01
CA PRO C 328 24.42 -32.04 44.07
C PRO C 328 24.40 -30.54 43.80
N TYR C 329 25.43 -29.81 44.28
CA TYR C 329 25.48 -28.36 44.06
C TYR C 329 25.74 -28.00 42.59
N MET C 330 26.72 -28.67 41.96
CA MET C 330 27.06 -28.40 40.56
C MET C 330 25.95 -28.78 39.59
N GLU C 331 25.17 -29.80 39.95
CA GLU C 331 24.04 -30.24 39.15
C GLU C 331 22.89 -29.22 39.32
N ALA C 332 22.82 -28.62 40.50
CA ALA C 332 21.81 -27.61 40.83
C ALA C 332 22.11 -26.24 40.23
N VAL C 333 23.39 -25.89 40.12
CA VAL C 333 23.82 -24.62 39.52
C VAL C 333 23.49 -24.63 38.03
N ILE C 334 23.81 -25.74 37.35
CA ILE C 334 23.56 -25.95 35.91
C ILE C 334 22.07 -25.83 35.62
N HIS C 335 21.26 -26.41 36.50
CA HIS C 335 19.81 -26.35 36.38
C HIS C 335 19.28 -24.95 36.52
N GLU C 336 19.93 -24.16 37.38
CA GLU C 336 19.53 -22.78 37.61
C GLU C 336 20.08 -21.87 36.50
N ILE C 337 21.19 -22.28 35.88
CA ILE C 337 21.79 -21.53 34.78
C ILE C 337 20.85 -21.60 33.57
N GLN C 338 20.22 -22.75 33.38
CA GLN C 338 19.28 -22.99 32.28
C GLN C 338 17.92 -22.36 32.56
N ARG C 339 17.55 -22.29 33.83
CA ARG C 339 16.28 -21.76 34.27
C ARG C 339 16.23 -20.23 34.16
N PHE C 340 17.24 -19.57 34.71
CA PHE C 340 17.36 -18.10 34.66
C PHE C 340 17.72 -17.75 33.22
N GLY C 341 18.53 -18.61 32.62
CA GLY C 341 19.00 -18.46 31.25
C GLY C 341 17.84 -18.34 30.29
N ASP C 342 16.92 -19.31 30.35
CA ASP C 342 15.72 -19.34 29.50
C ASP C 342 16.10 -19.12 28.03
N VAL C 343 17.11 -19.86 27.57
CA VAL C 343 17.65 -19.77 26.22
C VAL C 343 16.60 -19.72 25.09
N ILE C 344 15.57 -20.56 25.13
CA ILE C 344 14.48 -20.54 24.13
C ILE C 344 13.16 -20.35 24.91
N PRO C 345 12.73 -19.09 25.18
CA PRO C 345 11.51 -18.79 25.93
C PRO C 345 10.14 -19.17 25.42
N MET C 346 9.92 -19.04 24.12
CA MET C 346 8.62 -19.35 23.51
C MET C 346 8.69 -20.65 22.74
N SER C 347 9.66 -21.48 23.14
CA SER C 347 9.95 -22.79 22.56
C SER C 347 10.09 -22.66 21.05
N LEU C 348 9.72 -23.73 20.38
CA LEU C 348 9.70 -23.78 18.94
C LEU C 348 8.27 -24.22 18.77
N ALA C 349 7.46 -23.26 18.32
CA ALA C 349 6.03 -23.38 18.10
C ALA C 349 5.45 -24.75 17.80
N ARG C 350 4.30 -24.99 18.40
CA ARG C 350 3.58 -26.24 18.18
C ARG C 350 2.36 -25.93 17.32
N ARG C 351 1.61 -26.98 16.97
CA ARG C 351 0.40 -26.87 16.14
C ARG C 351 -0.47 -28.05 16.48
N VAL C 352 -1.79 -27.86 16.48
CA VAL C 352 -2.71 -28.97 16.76
C VAL C 352 -2.90 -29.81 15.51
N LYS C 353 -2.81 -31.13 15.68
CA LYS C 353 -2.95 -32.08 14.60
C LYS C 353 -4.37 -32.18 14.01
N LYS C 354 -5.37 -32.35 14.88
CA LYS C 354 -6.78 -32.42 14.47
C LYS C 354 -7.53 -31.39 15.31
N ASP C 355 -8.86 -31.34 15.17
CA ASP C 355 -9.72 -30.46 15.98
C ASP C 355 -9.54 -30.96 17.41
N THR C 356 -9.21 -30.04 18.32
CA THR C 356 -8.94 -30.39 19.71
C THR C 356 -9.77 -29.58 20.71
N LYS C 357 -10.13 -30.24 21.81
CA LYS C 357 -10.87 -29.62 22.90
C LYS C 357 -9.91 -29.56 24.08
N PHE C 358 -9.35 -28.37 24.28
CA PHE C 358 -8.41 -28.11 25.37
C PHE C 358 -9.15 -27.26 26.40
N ARG C 359 -9.19 -27.73 27.65
CA ARG C 359 -9.88 -27.10 28.78
C ARG C 359 -11.35 -26.86 28.41
N ASP C 360 -11.77 -25.60 28.28
CA ASP C 360 -13.14 -25.28 27.88
C ASP C 360 -13.10 -24.57 26.51
N PHE C 361 -11.99 -24.76 25.81
CA PHE C 361 -11.74 -24.15 24.51
C PHE C 361 -11.67 -25.16 23.37
N PHE C 362 -11.78 -24.65 22.13
CA PHE C 362 -11.74 -25.42 20.90
C PHE C 362 -10.74 -24.77 19.94
N LEU C 363 -9.72 -25.56 19.62
CA LEU C 363 -8.66 -25.14 18.71
C LEU C 363 -8.86 -25.96 17.43
N PRO C 364 -9.21 -25.29 16.30
CA PRO C 364 -9.43 -25.95 15.00
C PRO C 364 -8.16 -26.59 14.45
N LYS C 365 -8.30 -27.44 13.45
CA LYS C 365 -7.17 -28.11 12.80
C LYS C 365 -6.25 -27.05 12.17
N GLY C 366 -4.99 -27.09 12.55
CA GLY C 366 -4.00 -26.17 12.02
C GLY C 366 -3.69 -24.94 12.87
N THR C 367 -4.35 -24.81 14.02
CA THR C 367 -4.14 -23.67 14.92
C THR C 367 -2.78 -23.78 15.59
N GLU C 368 -1.94 -22.78 15.36
CA GLU C 368 -0.61 -22.73 15.94
C GLU C 368 -0.65 -22.50 17.45
N VAL C 369 0.34 -23.07 18.14
CA VAL C 369 0.43 -22.97 19.60
C VAL C 369 1.83 -22.51 20.01
N TYR C 370 1.86 -21.59 20.97
CA TYR C 370 3.10 -21.04 21.52
C TYR C 370 3.23 -21.45 22.99
N PRO C 371 4.12 -22.42 23.30
CA PRO C 371 4.34 -22.87 24.69
C PRO C 371 5.39 -21.97 25.36
N MET C 372 4.96 -21.15 26.32
CA MET C 372 5.87 -20.23 27.00
C MET C 372 6.70 -20.90 28.08
N LEU C 373 7.80 -21.53 27.67
CA LEU C 373 8.70 -22.21 28.58
C LEU C 373 9.25 -21.30 29.67
N GLY C 374 9.40 -20.02 29.32
CA GLY C 374 9.91 -19.01 30.23
C GLY C 374 9.00 -18.71 31.40
N SER C 375 7.69 -18.95 31.23
CA SER C 375 6.70 -18.71 32.28
C SER C 375 6.55 -19.93 33.18
N VAL C 376 7.05 -21.06 32.69
CA VAL C 376 7.04 -22.32 33.42
C VAL C 376 8.28 -22.28 34.30
N LEU C 377 9.39 -21.82 33.71
CA LEU C 377 10.68 -21.68 34.39
C LEU C 377 10.65 -20.57 35.43
N ARG C 378 9.67 -19.67 35.30
CA ARG C 378 9.49 -18.54 36.21
C ARG C 378 8.12 -18.55 36.91
N ASP C 379 7.49 -19.73 36.98
CA ASP C 379 6.17 -19.89 37.63
C ASP C 379 6.39 -19.73 39.14
N PRO C 380 5.81 -18.68 39.75
CA PRO C 380 5.95 -18.40 41.18
C PRO C 380 5.47 -19.49 42.18
N SER C 381 4.66 -20.42 41.69
CA SER C 381 4.15 -21.52 42.52
C SER C 381 5.07 -22.73 42.49
N PHE C 382 6.08 -22.68 41.60
CA PHE C 382 7.05 -23.77 41.46
C PHE C 382 8.46 -23.43 41.90
N PHE C 383 8.73 -22.13 42.04
CA PHE C 383 10.04 -21.58 42.47
C PHE C 383 9.78 -20.42 43.43
N SER C 384 10.50 -20.41 44.56
CA SER C 384 10.36 -19.39 45.59
C SER C 384 10.69 -17.97 45.14
N ASN C 385 11.83 -17.80 44.47
CA ASN C 385 12.29 -16.51 43.95
C ASN C 385 12.66 -16.61 42.45
N PRO C 386 11.66 -16.69 41.54
CA PRO C 386 11.88 -16.82 40.08
C PRO C 386 12.79 -15.83 39.35
N GLN C 387 12.76 -14.57 39.77
CA GLN C 387 13.55 -13.49 39.16
C GLN C 387 15.03 -13.43 39.57
N ASP C 388 15.42 -14.18 40.61
CA ASP C 388 16.79 -14.21 41.13
C ASP C 388 17.50 -15.48 40.71
N PHE C 389 18.84 -15.44 40.76
CA PHE C 389 19.66 -16.60 40.44
C PHE C 389 20.00 -17.21 41.81
N ASN C 390 19.23 -18.23 42.19
CA ASN C 390 19.42 -18.91 43.47
C ASN C 390 19.43 -20.43 43.26
N PRO C 391 20.65 -21.04 43.24
CA PRO C 391 20.83 -22.50 43.05
C PRO C 391 20.11 -23.40 44.04
N GLN C 392 19.51 -22.80 45.06
CA GLN C 392 18.77 -23.52 46.09
C GLN C 392 17.42 -24.00 45.58
N HIS C 393 16.98 -23.44 44.45
CA HIS C 393 15.71 -23.79 43.78
C HIS C 393 15.72 -25.28 43.41
N PHE C 394 16.93 -25.82 43.28
CA PHE C 394 17.15 -27.21 42.93
C PHE C 394 17.95 -27.95 44.02
N LEU C 395 17.71 -27.55 45.27
CA LEU C 395 18.37 -28.14 46.41
C LEU C 395 17.45 -28.25 47.63
N ASN C 396 17.42 -29.44 48.25
CA ASN C 396 16.62 -29.73 49.47
C ASN C 396 17.30 -29.12 50.69
N GLU C 397 16.53 -29.01 51.79
CA GLU C 397 17.01 -28.50 53.08
C GLU C 397 18.13 -29.43 53.57
N LYS C 398 17.99 -30.70 53.15
CA LYS C 398 18.92 -31.79 53.48
C LYS C 398 20.14 -31.83 52.53
N GLY C 399 20.36 -30.71 51.81
CA GLY C 399 21.46 -30.57 50.87
C GLY C 399 21.41 -31.38 49.57
N GLN C 400 20.36 -32.16 49.42
CA GLN C 400 20.14 -33.04 48.26
C GLN C 400 19.59 -32.33 47.01
N PHE C 401 19.75 -32.97 45.85
CA PHE C 401 19.24 -32.43 44.60
C PHE C 401 17.71 -32.59 44.51
N LYS C 402 17.02 -31.52 44.12
CA LYS C 402 15.56 -31.52 43.99
C LYS C 402 15.10 -31.12 42.59
N LYS C 403 14.40 -32.04 41.94
CA LYS C 403 13.85 -31.84 40.59
C LYS C 403 12.59 -30.99 40.66
N SER C 404 12.21 -30.41 39.53
CA SER C 404 11.01 -29.60 39.46
C SER C 404 10.38 -29.89 38.13
N ASP C 405 9.06 -30.11 38.14
CA ASP C 405 8.30 -30.38 36.93
C ASP C 405 8.22 -29.12 36.07
N ALA C 406 8.68 -28.00 36.65
CA ALA C 406 8.68 -26.72 35.97
C ALA C 406 9.98 -26.45 35.21
N PHE C 407 10.92 -27.38 35.31
CA PHE C 407 12.21 -27.29 34.61
C PHE C 407 11.99 -27.86 33.23
N VAL C 408 11.76 -26.97 32.26
CA VAL C 408 11.51 -27.34 30.87
C VAL C 408 12.21 -26.51 29.76
N PRO C 409 13.55 -26.25 29.86
CA PRO C 409 14.17 -25.47 28.79
C PRO C 409 14.37 -26.29 27.51
N PHE C 410 14.14 -27.59 27.65
CA PHE C 410 14.25 -28.56 26.57
C PHE C 410 12.83 -28.94 26.10
N SER C 411 11.83 -28.31 26.73
CA SER C 411 10.40 -28.52 26.50
C SER C 411 9.95 -29.92 26.93
N ILE C 412 8.67 -30.21 26.71
CA ILE C 412 8.06 -31.51 27.06
C ILE C 412 7.09 -31.94 25.96
N GLY C 413 6.91 -33.25 25.83
CA GLY C 413 6.00 -33.76 24.82
C GLY C 413 6.64 -34.62 23.78
N LYS C 414 5.86 -34.98 22.77
CA LYS C 414 6.29 -35.83 21.67
C LYS C 414 7.38 -35.22 20.78
N ARG C 415 7.37 -33.88 20.66
CA ARG C 415 8.35 -33.16 19.84
C ARG C 415 9.42 -32.41 20.63
N ASN C 416 9.69 -32.89 21.85
CA ASN C 416 10.68 -32.32 22.76
C ASN C 416 12.11 -32.40 22.19
N CYS C 417 13.07 -31.84 22.91
CA CYS C 417 14.46 -31.86 22.47
C CYS C 417 15.10 -33.20 22.71
N PHE C 418 15.39 -33.92 21.63
CA PHE C 418 16.05 -35.23 21.76
C PHE C 418 17.57 -35.03 21.84
N GLY C 419 17.95 -33.79 22.08
CA GLY C 419 19.34 -33.43 22.23
C GLY C 419 19.63 -33.15 23.69
N GLU C 420 18.64 -33.42 24.55
CA GLU C 420 18.73 -33.20 26.01
C GLU C 420 19.88 -33.97 26.63
N GLY C 421 20.12 -35.17 26.11
CA GLY C 421 21.19 -36.01 26.59
C GLY C 421 22.56 -35.41 26.35
N LEU C 422 22.89 -35.14 25.09
CA LEU C 422 24.18 -34.57 24.70
C LEU C 422 24.41 -33.18 25.30
N ALA C 423 23.37 -32.34 25.24
CA ALA C 423 23.43 -30.97 25.76
C ALA C 423 23.78 -30.93 27.23
N ARG C 424 23.07 -31.73 28.04
CA ARG C 424 23.32 -31.80 29.49
C ARG C 424 24.69 -32.39 29.80
N MET C 425 25.15 -33.33 28.96
CA MET C 425 26.46 -33.94 29.14
C MET C 425 27.54 -32.93 28.79
N GLU C 426 27.27 -32.11 27.77
CA GLU C 426 28.19 -31.07 27.33
C GLU C 426 28.30 -30.02 28.44
N LEU C 427 27.15 -29.66 29.02
CA LEU C 427 27.08 -28.67 30.09
C LEU C 427 27.76 -29.08 31.38
N PHE C 428 27.68 -30.37 31.74
CA PHE C 428 28.34 -30.84 32.96
C PHE C 428 29.85 -30.87 32.80
N LEU C 429 30.31 -31.49 31.70
CA LEU C 429 31.73 -31.60 31.42
C LEU C 429 32.44 -30.28 31.17
N PHE C 430 31.75 -29.34 30.52
CA PHE C 430 32.34 -28.02 30.26
C PHE C 430 32.35 -27.16 31.52
N PHE C 431 31.20 -27.01 32.18
CA PHE C 431 31.07 -26.19 33.41
C PHE C 431 31.95 -26.63 34.58
N THR C 432 32.41 -27.87 34.58
CA THR C 432 33.26 -28.37 35.66
C THR C 432 34.73 -28.16 35.36
N THR C 433 35.16 -28.57 34.16
CA THR C 433 36.56 -28.46 33.73
C THR C 433 37.09 -27.01 33.65
N VAL C 434 36.21 -26.05 33.35
CA VAL C 434 36.61 -24.63 33.30
C VAL C 434 36.76 -24.08 34.72
N MET C 435 35.85 -24.48 35.60
CA MET C 435 35.85 -24.05 36.99
C MET C 435 36.95 -24.74 37.82
N GLN C 436 37.13 -26.04 37.61
CA GLN C 436 38.14 -26.85 38.29
C GLN C 436 39.54 -26.34 37.98
N ASN C 437 39.75 -25.89 36.75
CA ASN C 437 41.04 -25.36 36.30
C ASN C 437 41.27 -23.88 36.47
N PHE C 438 40.21 -23.07 36.46
CA PHE C 438 40.31 -21.61 36.59
C PHE C 438 39.29 -20.98 37.53
N ARG C 439 39.60 -19.76 37.98
CA ARG C 439 38.69 -18.96 38.78
C ARG C 439 38.34 -17.82 37.82
N LEU C 440 37.14 -17.29 37.96
CA LEU C 440 36.68 -16.24 37.08
C LEU C 440 36.90 -14.83 37.64
N LYS C 441 37.37 -13.93 36.78
CA LYS C 441 37.59 -12.52 37.15
C LYS C 441 36.85 -11.64 36.14
N SER C 442 35.85 -10.92 36.64
CA SER C 442 35.05 -10.02 35.81
C SER C 442 35.73 -8.68 35.58
N SER C 443 35.53 -8.12 34.39
CA SER C 443 36.10 -6.82 34.04
C SER C 443 35.41 -5.75 34.88
N GLN C 444 34.15 -6.02 35.21
CA GLN C 444 33.33 -5.13 36.03
C GLN C 444 33.44 -5.59 37.49
N SER C 445 32.71 -4.90 38.38
CA SER C 445 32.66 -5.23 39.81
C SER C 445 31.45 -6.14 40.01
N PRO C 446 31.53 -7.18 40.89
CA PRO C 446 30.42 -8.12 41.17
C PRO C 446 29.02 -7.52 41.42
N LYS C 447 28.97 -6.26 41.86
CA LYS C 447 27.70 -5.57 42.11
C LYS C 447 27.21 -4.87 40.84
N ASP C 448 28.15 -4.42 40.02
CA ASP C 448 27.84 -3.68 38.78
C ASP C 448 27.49 -4.48 37.51
N ILE C 449 27.72 -5.80 37.54
CA ILE C 449 27.43 -6.67 36.39
C ILE C 449 25.91 -6.75 36.14
N ASP C 450 25.53 -6.65 34.87
CA ASP C 450 24.13 -6.72 34.45
C ASP C 450 23.87 -8.11 33.86
N VAL C 451 23.05 -8.90 34.54
CA VAL C 451 22.71 -10.24 34.07
C VAL C 451 21.42 -10.30 33.26
N SER C 452 20.74 -9.15 33.14
CA SER C 452 19.51 -9.05 32.39
C SER C 452 19.84 -9.21 30.89
N PRO C 453 19.00 -9.95 30.15
CA PRO C 453 19.22 -10.17 28.71
C PRO C 453 19.24 -8.91 27.84
N LYS C 454 19.95 -9.02 26.72
CA LYS C 454 20.08 -7.92 25.77
C LYS C 454 18.92 -7.98 24.79
N HIS C 455 18.69 -9.18 24.25
CA HIS C 455 17.63 -9.45 23.27
C HIS C 455 16.77 -10.65 23.68
N VAL C 456 15.44 -10.47 23.64
CA VAL C 456 14.49 -11.54 23.98
C VAL C 456 13.43 -11.65 22.89
N GLY C 457 13.43 -12.78 22.21
CA GLY C 457 12.45 -13.05 21.17
C GLY C 457 12.31 -14.55 21.10
N PHE C 458 12.93 -15.16 20.09
CA PHE C 458 12.94 -16.61 19.91
C PHE C 458 13.90 -17.16 20.95
N ALA C 459 15.02 -16.46 21.12
CA ALA C 459 16.07 -16.82 22.07
C ALA C 459 16.41 -15.69 23.04
N THR C 460 16.94 -16.07 24.19
CA THR C 460 17.38 -15.12 25.21
C THR C 460 18.91 -15.15 25.12
N ILE C 461 19.47 -13.98 24.82
CA ILE C 461 20.92 -13.79 24.66
C ILE C 461 21.47 -12.78 25.68
N PRO C 462 22.58 -13.15 26.37
CA PRO C 462 23.19 -12.25 27.37
C PRO C 462 23.98 -11.09 26.71
N ARG C 463 24.10 -10.00 27.45
CA ARG C 463 24.82 -8.81 26.99
C ARG C 463 26.28 -9.10 26.78
N ASN C 464 26.89 -8.38 25.83
CA ASN C 464 28.29 -8.52 25.50
C ASN C 464 29.16 -8.13 26.69
N TYR C 465 30.09 -9.02 27.04
CA TYR C 465 31.01 -8.79 28.15
C TYR C 465 32.40 -9.35 27.84
N THR C 466 33.31 -9.11 28.78
CA THR C 466 34.69 -9.55 28.73
C THR C 466 35.02 -10.12 30.09
N MET C 467 35.93 -11.08 30.12
CA MET C 467 36.34 -11.72 31.37
C MET C 467 37.74 -12.32 31.27
N SER C 468 38.26 -12.72 32.43
CA SER C 468 39.58 -13.34 32.53
C SER C 468 39.50 -14.70 33.19
N PHE C 469 40.39 -15.59 32.76
CA PHE C 469 40.46 -16.95 33.29
C PHE C 469 41.82 -17.16 33.97
N LEU C 470 41.82 -16.93 35.30
CA LEU C 470 43.01 -17.05 36.15
C LEU C 470 43.17 -18.45 36.77
N PRO C 471 44.34 -19.12 36.55
CA PRO C 471 44.64 -20.46 37.09
C PRO C 471 44.53 -20.59 38.61
N ARG C 472 44.36 -21.83 39.08
CA ARG C 472 44.24 -22.12 40.52
C ARG C 472 45.48 -22.78 41.12
N GLY D 9 7.26 24.17 -26.10
CA GLY D 9 8.35 23.19 -26.48
C GLY D 9 8.45 21.98 -25.56
N LYS D 10 9.67 21.63 -25.18
CA LYS D 10 9.90 20.47 -24.31
C LYS D 10 10.40 20.86 -22.93
N LEU D 11 10.15 19.97 -21.96
CA LEU D 11 10.62 20.14 -20.59
C LEU D 11 12.11 19.73 -20.71
N PRO D 12 12.99 20.27 -19.82
CA PRO D 12 14.42 19.89 -19.91
C PRO D 12 14.60 18.36 -19.79
N PRO D 13 15.67 17.77 -20.37
CA PRO D 13 15.85 16.32 -20.24
C PRO D 13 16.07 15.86 -18.80
N GLY D 14 16.05 14.55 -18.57
CA GLY D 14 16.22 14.04 -17.22
C GLY D 14 15.89 12.57 -17.20
N PRO D 15 16.30 11.83 -16.16
CA PRO D 15 16.02 10.39 -16.07
C PRO D 15 14.52 10.07 -16.01
N THR D 16 14.14 9.00 -16.71
CA THR D 16 12.76 8.53 -16.83
C THR D 16 12.14 8.25 -15.45
N PRO D 17 11.14 9.05 -15.04
CA PRO D 17 10.52 8.81 -13.74
C PRO D 17 9.57 7.62 -13.72
N LEU D 18 9.24 7.21 -12.51
CA LEU D 18 8.32 6.11 -12.29
C LEU D 18 7.22 6.76 -11.45
N PRO D 19 5.95 6.36 -11.65
CA PRO D 19 4.80 6.91 -10.91
C PRO D 19 4.91 7.03 -9.39
N PHE D 20 4.61 8.23 -8.89
CA PHE D 20 4.65 8.63 -7.47
C PHE D 20 6.03 8.76 -6.87
N ILE D 21 6.87 7.75 -7.09
CA ILE D 21 8.22 7.76 -6.54
C ILE D 21 9.20 8.62 -7.31
N GLY D 22 8.82 8.96 -8.54
CA GLY D 22 9.65 9.77 -9.41
C GLY D 22 10.99 9.15 -9.74
N ASN D 23 12.05 9.90 -9.47
CA ASN D 23 13.40 9.45 -9.74
C ASN D 23 14.10 8.93 -8.50
N TYR D 24 13.33 8.21 -7.67
CA TYR D 24 13.82 7.62 -6.43
C TYR D 24 15.03 6.72 -6.65
N LEU D 25 14.96 5.89 -7.69
CA LEU D 25 16.02 4.95 -8.05
C LEU D 25 17.33 5.59 -8.49
N GLN D 26 17.26 6.86 -8.88
CA GLN D 26 18.42 7.61 -9.33
C GLN D 26 18.94 8.59 -8.28
N LEU D 27 18.17 8.75 -7.20
CA LEU D 27 18.52 9.68 -6.11
C LEU D 27 18.88 9.05 -4.79
N ASN D 28 19.96 9.52 -4.18
CA ASN D 28 20.41 9.07 -2.86
C ASN D 28 20.04 10.23 -1.95
N THR D 29 19.10 9.99 -1.05
CA THR D 29 18.62 11.02 -0.15
C THR D 29 19.59 11.48 0.92
N GLU D 30 20.67 10.73 1.07
CA GLU D 30 21.71 11.04 2.05
C GLU D 30 22.62 12.11 1.47
N GLN D 31 22.89 11.97 0.17
CA GLN D 31 23.74 12.88 -0.58
C GLN D 31 22.95 13.34 -1.79
N MET D 32 21.98 14.23 -1.57
CA MET D 32 21.13 14.74 -2.65
C MET D 32 21.87 15.57 -3.67
N TYR D 33 22.84 16.36 -3.21
CA TYR D 33 23.66 17.20 -4.09
C TYR D 33 24.52 16.31 -5.00
N ASN D 34 25.23 15.35 -4.40
CA ASN D 34 26.08 14.41 -5.13
C ASN D 34 25.28 13.59 -6.14
N SER D 35 24.00 13.37 -5.82
CA SER D 35 23.10 12.64 -6.68
C SER D 35 22.67 13.44 -7.89
N LEU D 36 22.27 14.69 -7.64
CA LEU D 36 21.83 15.59 -8.69
C LEU D 36 22.94 15.99 -9.64
N MET D 37 24.17 16.11 -9.11
CA MET D 37 25.34 16.45 -9.91
C MET D 37 25.81 15.31 -10.81
N LYS D 38 25.55 14.07 -10.42
CA LYS D 38 25.94 12.90 -11.21
C LYS D 38 24.99 12.72 -12.39
N ILE D 39 23.82 13.35 -12.28
CA ILE D 39 22.80 13.34 -13.31
C ILE D 39 23.16 14.44 -14.34
N SER D 40 23.77 15.52 -13.83
CA SER D 40 24.21 16.66 -14.63
C SER D 40 25.38 16.28 -15.55
N GLU D 41 26.16 15.29 -15.14
CA GLU D 41 27.30 14.78 -15.92
C GLU D 41 26.81 14.13 -17.19
N ARG D 42 25.60 13.57 -17.12
CA ARG D 42 24.94 12.84 -18.21
C ARG D 42 23.88 13.63 -19.00
N TYR D 43 23.05 14.40 -18.29
CA TYR D 43 21.99 15.15 -18.95
C TYR D 43 22.30 16.59 -19.31
N GLY D 44 23.21 17.21 -18.56
CA GLY D 44 23.59 18.59 -18.83
C GLY D 44 23.41 19.52 -17.65
N PRO D 45 23.64 20.85 -17.82
CA PRO D 45 23.51 21.82 -16.74
C PRO D 45 22.08 22.03 -16.25
N VAL D 46 21.12 21.94 -17.17
CA VAL D 46 19.71 22.11 -16.84
C VAL D 46 18.96 20.81 -17.13
N PHE D 47 18.40 20.22 -16.07
CA PHE D 47 17.64 18.98 -16.17
C PHE D 47 16.40 18.94 -15.28
N THR D 48 15.47 18.04 -15.63
CA THR D 48 14.23 17.84 -14.88
C THR D 48 14.32 16.60 -14.01
N ILE D 49 13.96 16.77 -12.74
CA ILE D 49 13.97 15.67 -11.78
C ILE D 49 12.62 15.62 -11.11
N HIS D 50 12.19 14.39 -10.80
CA HIS D 50 10.93 14.17 -10.12
C HIS D 50 11.22 13.67 -8.72
N LEU D 51 11.18 14.62 -7.78
CA LEU D 51 11.41 14.34 -6.38
C LEU D 51 10.07 13.83 -5.90
N GLY D 52 9.82 12.55 -6.22
CA GLY D 52 8.57 11.92 -5.89
C GLY D 52 7.55 12.46 -6.87
N PRO D 53 6.45 13.04 -6.37
CA PRO D 53 5.41 13.61 -7.25
C PRO D 53 5.75 15.04 -7.66
N ARG D 54 6.76 15.59 -7.01
CA ARG D 54 7.21 16.96 -7.27
C ARG D 54 8.17 17.04 -8.44
N ARG D 55 7.71 17.68 -9.51
CA ARG D 55 8.51 17.85 -10.71
C ARG D 55 9.30 19.13 -10.52
N VAL D 56 10.62 18.99 -10.54
CA VAL D 56 11.52 20.10 -10.32
C VAL D 56 12.61 20.19 -11.39
N VAL D 57 12.91 21.41 -11.81
CA VAL D 57 13.95 21.69 -12.79
C VAL D 57 15.16 22.17 -11.98
N VAL D 58 16.30 21.57 -12.27
CA VAL D 58 17.55 21.86 -11.59
C VAL D 58 18.47 22.68 -12.49
N LEU D 59 19.19 23.62 -11.89
CA LEU D 59 20.15 24.48 -12.59
C LEU D 59 21.55 24.31 -11.99
N CYS D 60 22.45 23.69 -12.74
CA CYS D 60 23.83 23.44 -12.28
C CYS D 60 24.83 24.36 -12.98
N GLY D 61 25.79 24.87 -12.20
CA GLY D 61 26.81 25.77 -12.73
C GLY D 61 26.38 27.24 -12.74
N HIS D 62 27.37 28.14 -12.67
CA HIS D 62 27.14 29.59 -12.66
C HIS D 62 26.28 30.12 -13.82
N ASP D 63 26.73 29.79 -15.04
CA ASP D 63 26.09 30.20 -16.29
C ASP D 63 24.60 29.89 -16.26
N ALA D 64 24.28 28.68 -15.80
CA ALA D 64 22.90 28.22 -15.69
C ALA D 64 22.05 28.95 -14.63
N VAL D 65 22.61 29.15 -13.43
CA VAL D 65 21.89 29.81 -12.35
C VAL D 65 21.66 31.30 -12.59
N ARG D 66 22.70 32.01 -13.05
CA ARG D 66 22.61 33.44 -13.31
C ARG D 66 21.69 33.80 -14.47
N GLU D 67 21.73 33.01 -15.56
CA GLU D 67 20.87 33.25 -16.73
C GLU D 67 19.39 33.15 -16.40
N ALA D 68 19.08 32.39 -15.36
CA ALA D 68 17.72 32.18 -14.92
C ALA D 68 17.32 33.20 -13.89
N LEU D 69 17.98 33.16 -12.73
CA LEU D 69 17.67 34.04 -11.61
C LEU D 69 17.90 35.53 -11.81
N VAL D 70 18.79 35.90 -12.73
CA VAL D 70 19.06 37.33 -12.98
C VAL D 70 18.59 37.81 -14.35
N ASP D 71 19.11 37.23 -15.43
CA ASP D 71 18.77 37.65 -16.81
C ASP D 71 17.28 37.52 -17.15
N GLN D 72 16.62 36.58 -16.50
CA GLN D 72 15.19 36.31 -16.66
C GLN D 72 14.61 36.28 -15.23
N ALA D 73 15.03 37.27 -14.44
CA ALA D 73 14.65 37.44 -13.03
C ALA D 73 13.18 37.29 -12.67
N GLU D 74 12.33 38.13 -13.26
CA GLU D 74 10.90 38.13 -13.01
C GLU D 74 10.19 36.80 -13.22
N GLU D 75 10.65 36.06 -14.22
CA GLU D 75 10.07 34.77 -14.58
C GLU D 75 10.43 33.65 -13.58
N PHE D 76 11.54 33.84 -12.87
CA PHE D 76 12.01 32.86 -11.88
C PHE D 76 11.89 33.38 -10.44
N SER D 77 11.07 34.44 -10.27
CA SER D 77 10.87 35.08 -8.96
C SER D 77 9.80 34.46 -8.07
N GLY D 78 9.33 33.27 -8.42
CA GLY D 78 8.32 32.62 -7.61
C GLY D 78 8.95 31.82 -6.50
N ARG D 79 8.24 31.65 -5.40
CA ARG D 79 8.75 30.88 -4.27
C ARG D 79 8.23 29.45 -4.33
N GLY D 80 9.16 28.49 -4.26
CA GLY D 80 8.82 27.09 -4.31
C GLY D 80 8.36 26.60 -2.96
N GLU D 81 8.94 25.49 -2.51
CA GLU D 81 8.58 24.93 -1.22
C GLU D 81 9.74 24.21 -0.56
N GLN D 82 9.50 23.79 0.67
CA GLN D 82 10.43 23.04 1.50
C GLN D 82 9.44 22.42 2.46
N ALA D 83 9.04 21.19 2.16
CA ALA D 83 8.04 20.43 2.91
C ALA D 83 8.10 20.42 4.45
N THR D 84 9.32 20.49 5.01
CA THR D 84 9.52 20.51 6.46
C THR D 84 9.11 21.86 7.02
N PHE D 85 9.66 22.92 6.45
CA PHE D 85 9.37 24.28 6.88
C PHE D 85 7.92 24.65 6.58
N ASP D 86 7.36 24.05 5.53
CA ASP D 86 5.98 24.32 5.12
C ASP D 86 4.93 23.61 5.97
N TRP D 87 5.37 22.76 6.91
CA TRP D 87 4.46 22.06 7.80
C TRP D 87 3.95 23.06 8.84
N VAL D 88 4.80 24.03 9.19
CA VAL D 88 4.45 25.06 10.16
C VAL D 88 4.09 26.41 9.50
N PHE D 89 4.76 26.73 8.39
CA PHE D 89 4.54 27.99 7.70
C PHE D 89 3.34 28.05 6.77
N LYS D 90 3.04 26.92 6.12
CA LYS D 90 1.90 26.75 5.19
C LYS D 90 1.71 27.84 4.11
N GLY D 91 2.82 28.37 3.59
CA GLY D 91 2.73 29.40 2.58
C GLY D 91 2.56 30.81 3.12
N TYR D 92 2.67 30.94 4.44
CA TYR D 92 2.56 32.23 5.13
C TYR D 92 3.94 32.70 5.58
N GLY D 93 4.16 34.02 5.52
CA GLY D 93 5.43 34.58 5.94
C GLY D 93 6.20 35.23 4.80
N VAL D 94 7.15 36.09 5.13
CA VAL D 94 7.97 36.82 4.15
C VAL D 94 8.82 35.90 3.26
N VAL D 95 9.32 34.83 3.85
CA VAL D 95 10.17 33.89 3.13
C VAL D 95 9.42 32.92 2.24
N PHE D 96 8.39 32.27 2.77
CA PHE D 96 7.61 31.28 2.01
C PHE D 96 6.31 31.78 1.40
N SER D 97 6.38 32.88 0.64
CA SER D 97 5.19 33.44 0.02
C SER D 97 5.37 33.89 -1.40
N ASN D 98 4.25 34.07 -2.09
CA ASN D 98 4.22 34.51 -3.48
C ASN D 98 3.24 35.66 -3.66
N GLY D 99 3.13 36.13 -4.91
CA GLY D 99 2.20 37.20 -5.27
C GLY D 99 2.24 38.46 -4.42
N GLU D 100 1.05 38.97 -4.09
CA GLU D 100 0.86 40.19 -3.28
C GLU D 100 1.38 40.00 -1.86
N ARG D 101 1.46 38.74 -1.41
CA ARG D 101 1.96 38.44 -0.07
C ARG D 101 3.46 38.65 -0.02
N ALA D 102 4.14 38.28 -1.12
CA ALA D 102 5.60 38.45 -1.24
C ALA D 102 5.95 39.93 -1.28
N LYS D 103 5.51 40.63 -2.34
CA LYS D 103 5.77 42.05 -2.56
C LYS D 103 5.54 42.97 -1.33
N GLN D 104 4.48 42.71 -0.56
CA GLN D 104 4.21 43.50 0.63
C GLN D 104 5.22 43.22 1.76
N LEU D 105 5.21 41.97 2.23
CA LEU D 105 6.08 41.52 3.31
C LEU D 105 7.57 41.63 3.03
N ARG D 106 7.96 41.46 1.76
CA ARG D 106 9.37 41.55 1.34
C ARG D 106 9.85 42.99 1.50
N ARG D 107 9.09 43.94 0.96
CA ARG D 107 9.40 45.36 1.05
C ARG D 107 9.41 45.81 2.50
N PHE D 108 8.33 45.48 3.21
CA PHE D 108 8.19 45.85 4.62
C PHE D 108 9.37 45.40 5.47
N SER D 109 9.75 44.13 5.32
CA SER D 109 10.86 43.56 6.09
C SER D 109 12.17 44.25 5.81
N ILE D 110 12.47 44.55 4.54
CA ILE D 110 13.72 45.25 4.19
C ILE D 110 13.67 46.66 4.78
N ALA D 111 12.53 47.32 4.66
CA ALA D 111 12.33 48.68 5.18
C ALA D 111 12.42 48.79 6.70
N THR D 112 11.86 47.81 7.42
CA THR D 112 11.85 47.80 8.88
C THR D 112 13.17 47.37 9.52
N LEU D 113 13.74 46.29 8.98
CA LEU D 113 15.01 45.71 9.43
C LEU D 113 16.12 46.76 9.34
N ARG D 114 16.02 47.58 8.29
CA ARG D 114 16.93 48.67 7.96
C ARG D 114 16.86 49.83 8.95
N ASP D 115 15.64 50.23 9.31
CA ASP D 115 15.39 51.32 10.26
C ASP D 115 15.88 51.00 11.66
N PHE D 116 15.88 49.71 12.01
CA PHE D 116 16.36 49.27 13.32
C PHE D 116 17.87 49.03 13.33
N GLY D 117 18.52 49.30 12.19
CA GLY D 117 19.96 49.15 12.12
C GLY D 117 20.68 48.55 10.93
N VAL D 118 20.14 47.49 10.32
CA VAL D 118 20.78 46.78 9.19
C VAL D 118 21.27 47.70 8.06
N GLY D 119 22.59 47.64 7.84
CA GLY D 119 23.24 48.45 6.82
C GLY D 119 23.84 49.76 7.33
N LYS D 120 23.52 50.16 8.56
CA LYS D 120 24.04 51.40 9.15
C LYS D 120 24.77 51.26 10.51
N ARG D 121 25.01 52.39 11.18
CA ARG D 121 25.73 52.47 12.47
C ARG D 121 25.07 51.80 13.68
N GLY D 122 23.75 52.01 13.83
CA GLY D 122 22.98 51.46 14.95
C GLY D 122 23.11 49.97 15.23
N ILE D 123 23.36 49.16 14.19
CA ILE D 123 23.53 47.73 14.37
C ILE D 123 25.00 47.40 14.58
N GLU D 124 25.90 48.17 13.96
CA GLU D 124 27.34 47.91 14.08
C GLU D 124 27.79 47.90 15.55
N GLU D 125 27.34 48.91 16.31
CA GLU D 125 27.66 49.05 17.74
C GLU D 125 27.02 47.92 18.55
N ARG D 126 25.82 47.51 18.14
CA ARG D 126 25.06 46.43 18.79
C ARG D 126 25.67 45.05 18.46
N ILE D 127 26.35 44.94 17.32
CA ILE D 127 27.02 43.69 16.92
C ILE D 127 28.34 43.66 17.70
N GLN D 128 29.05 44.80 17.71
CA GLN D 128 30.34 44.98 18.40
C GLN D 128 30.26 44.68 19.89
N GLU D 129 29.21 45.19 20.53
CA GLU D 129 28.95 45.01 21.97
C GLU D 129 28.68 43.54 22.30
N GLU D 130 28.00 42.86 21.37
CA GLU D 130 27.66 41.45 21.50
C GLU D 130 28.90 40.63 21.19
N ALA D 131 29.77 41.18 20.35
CA ALA D 131 31.04 40.54 19.97
C ALA D 131 31.99 40.56 21.15
N GLY D 132 31.81 41.56 22.02
CA GLY D 132 32.61 41.69 23.22
C GLY D 132 32.15 40.68 24.25
N PHE D 133 30.87 40.30 24.18
CA PHE D 133 30.26 39.33 25.08
C PHE D 133 30.71 37.92 24.73
N LEU D 134 31.05 37.73 23.45
CA LEU D 134 31.54 36.44 22.95
C LEU D 134 32.93 36.22 23.52
N ILE D 135 33.72 37.29 23.55
CA ILE D 135 35.08 37.25 24.08
C ILE D 135 35.04 36.95 25.58
N ASP D 136 34.05 37.54 26.28
CA ASP D 136 33.85 37.33 27.72
C ASP D 136 33.62 35.84 28.00
N ALA D 137 32.70 35.24 27.27
CA ALA D 137 32.37 33.82 27.44
C ALA D 137 33.51 32.87 27.09
N LEU D 138 34.32 33.23 26.09
CA LEU D 138 35.45 32.40 25.67
C LEU D 138 36.64 32.53 26.65
N ARG D 139 36.77 33.71 27.28
CA ARG D 139 37.80 33.92 28.31
C ARG D 139 37.31 33.25 29.58
N GLY D 140 35.99 33.09 29.66
CA GLY D 140 35.34 32.47 30.80
C GLY D 140 35.59 30.98 30.85
N THR D 141 35.84 30.39 29.69
CA THR D 141 36.13 28.96 29.58
C THR D 141 37.56 28.74 30.07
N GLY D 142 38.37 29.79 29.91
CA GLY D 142 39.76 29.77 30.34
C GLY D 142 40.61 28.86 29.49
N GLY D 143 40.41 28.94 28.18
CA GLY D 143 41.17 28.14 27.23
C GLY D 143 40.97 26.64 27.33
N ALA D 144 39.82 26.24 27.88
CA ALA D 144 39.49 24.82 28.03
C ALA D 144 39.05 24.17 26.73
N ASN D 145 38.89 22.85 26.78
CA ASN D 145 38.46 22.05 25.64
C ASN D 145 36.91 22.00 25.60
N ILE D 146 36.32 22.91 24.82
CA ILE D 146 34.84 23.02 24.72
C ILE D 146 34.21 23.00 23.32
N ASP D 147 32.90 22.77 23.30
CA ASP D 147 32.08 22.74 22.07
C ASP D 147 31.65 24.20 21.81
N PRO D 148 32.09 24.79 20.67
CA PRO D 148 31.75 26.19 20.33
C PRO D 148 30.38 26.49 19.70
N THR D 149 29.56 25.44 19.50
CA THR D 149 28.23 25.54 18.87
C THR D 149 27.30 26.55 19.52
N PHE D 150 27.14 26.45 20.84
CA PHE D 150 26.26 27.37 21.55
C PHE D 150 26.86 28.68 22.02
N PHE D 151 28.17 28.83 21.83
CA PHE D 151 28.85 30.06 22.19
C PHE D 151 28.66 31.03 21.01
N LEU D 152 28.72 30.45 19.80
CA LEU D 152 28.55 31.20 18.57
C LEU D 152 27.10 31.54 18.26
N SER D 153 26.22 30.53 18.35
CA SER D 153 24.80 30.71 18.07
C SER D 153 24.11 31.69 19.00
N ARG D 154 24.57 31.77 20.25
CA ARG D 154 24.01 32.70 21.23
C ARG D 154 24.36 34.13 20.86
N THR D 155 25.59 34.31 20.40
CA THR D 155 26.09 35.62 20.00
C THR D 155 25.40 36.07 18.72
N VAL D 156 25.28 35.15 17.77
CA VAL D 156 24.65 35.42 16.48
C VAL D 156 23.16 35.74 16.62
N SER D 157 22.44 34.88 17.35
CA SER D 157 21.00 35.04 17.56
C SER D 157 20.62 36.34 18.22
N ASN D 158 21.47 36.82 19.11
CA ASN D 158 21.22 38.05 19.82
C ASN D 158 21.24 39.30 18.96
N VAL D 159 21.81 39.20 17.76
CA VAL D 159 21.87 40.31 16.82
C VAL D 159 20.51 40.46 16.12
N ILE D 160 19.99 39.36 15.59
CA ILE D 160 18.68 39.37 14.92
C ILE D 160 17.56 39.55 15.96
N SER D 161 17.80 39.04 17.17
CA SER D 161 16.84 39.14 18.29
C SER D 161 16.71 40.56 18.80
N SER D 162 17.78 41.36 18.64
CA SER D 162 17.78 42.75 19.06
C SER D 162 16.78 43.52 18.21
N ILE D 163 16.81 43.22 16.91
CA ILE D 163 15.93 43.83 15.91
C ILE D 163 14.50 43.32 16.09
N VAL D 164 14.37 42.01 16.16
CA VAL D 164 13.10 41.31 16.28
C VAL D 164 12.35 41.32 17.62
N PHE D 165 13.06 41.20 18.75
CA PHE D 165 12.41 41.18 20.07
C PHE D 165 12.64 42.44 20.92
N GLY D 166 13.48 43.35 20.43
CA GLY D 166 13.76 44.58 21.17
C GLY D 166 15.08 44.56 21.91
N ASP D 167 15.33 43.49 22.65
CA ASP D 167 16.56 43.34 23.41
C ASP D 167 17.24 42.00 23.10
N ARG D 168 18.22 41.64 23.93
CA ARG D 168 18.98 40.40 23.81
C ARG D 168 18.59 39.52 24.99
N PHE D 169 18.85 38.22 24.88
CA PHE D 169 18.57 37.31 25.98
C PHE D 169 19.90 37.15 26.72
N ASP D 170 19.85 36.80 28.00
CA ASP D 170 21.05 36.56 28.79
C ASP D 170 21.63 35.22 28.34
N TYR D 171 22.96 35.06 28.40
CA TYR D 171 23.62 33.82 27.98
C TYR D 171 23.23 32.61 28.84
N LYS D 172 22.66 32.91 30.01
CA LYS D 172 22.22 31.91 30.99
C LYS D 172 20.72 31.65 30.98
N ASP D 173 20.03 32.06 29.92
CA ASP D 173 18.58 31.83 29.80
C ASP D 173 18.40 30.43 29.18
N LYS D 174 17.83 29.52 29.97
CA LYS D 174 17.59 28.13 29.55
C LYS D 174 16.56 28.03 28.42
N GLU D 175 15.70 29.05 28.31
CA GLU D 175 14.68 29.08 27.25
C GLU D 175 15.37 29.43 25.94
N PHE D 176 16.34 30.35 26.01
CA PHE D 176 17.11 30.80 24.85
C PHE D 176 17.93 29.64 24.28
N LEU D 177 18.51 28.84 25.19
CA LEU D 177 19.29 27.65 24.80
C LEU D 177 18.36 26.64 24.12
N SER D 178 17.14 26.53 24.66
CA SER D 178 16.11 25.62 24.14
C SER D 178 15.75 25.98 22.69
N LEU D 179 15.63 27.29 22.42
CA LEU D 179 15.29 27.79 21.08
C LEU D 179 16.40 27.57 20.05
N LEU D 180 17.65 27.65 20.50
CA LEU D 180 18.80 27.43 19.63
C LEU D 180 18.89 25.95 19.32
N ARG D 181 18.56 25.11 20.31
CA ARG D 181 18.56 23.65 20.16
C ARG D 181 17.51 23.22 19.14
N MET D 182 16.46 24.03 19.03
CA MET D 182 15.38 23.78 18.08
C MET D 182 15.87 24.09 16.67
N MET D 183 16.45 25.28 16.49
CA MET D 183 16.99 25.73 15.19
C MET D 183 18.07 24.81 14.65
N LEU D 184 18.86 24.22 15.56
CA LEU D 184 19.95 23.32 15.21
C LEU D 184 19.40 21.98 14.71
N GLY D 185 18.44 21.42 15.46
CA GLY D 185 17.81 20.16 15.11
C GLY D 185 17.04 20.25 13.82
N ILE D 186 16.50 21.45 13.53
CA ILE D 186 15.74 21.72 12.31
C ILE D 186 16.67 21.67 11.11
N PHE D 187 17.79 22.37 11.22
CA PHE D 187 18.78 22.39 10.15
C PHE D 187 19.46 21.06 9.98
N GLN D 188 19.52 20.28 11.07
CA GLN D 188 20.12 18.95 11.02
C GLN D 188 19.19 17.97 10.30
N PHE D 189 17.93 17.96 10.70
CA PHE D 189 16.92 17.07 10.09
C PHE D 189 16.82 17.28 8.59
N THR D 190 16.54 18.50 8.15
CA THR D 190 16.38 18.83 6.74
C THR D 190 17.63 18.54 5.89
N SER D 191 18.70 18.15 6.56
CA SER D 191 19.95 17.84 5.91
C SER D 191 20.36 16.36 5.96
N THR D 192 19.54 15.55 6.62
CA THR D 192 19.80 14.11 6.74
C THR D 192 19.11 13.36 5.61
N SER D 193 19.19 12.03 5.64
CA SER D 193 18.57 11.18 4.63
C SER D 193 17.05 11.29 4.71
N THR D 194 16.52 11.10 5.92
CA THR D 194 15.09 11.15 6.20
C THR D 194 14.47 12.51 5.88
N GLY D 195 15.26 13.58 6.06
CA GLY D 195 14.82 14.93 5.79
C GLY D 195 14.59 15.27 4.33
N GLN D 196 15.48 14.76 3.47
CA GLN D 196 15.40 14.98 2.04
C GLN D 196 14.47 14.01 1.38
N LEU D 197 14.17 12.93 2.10
CA LEU D 197 13.24 11.90 1.66
C LEU D 197 11.87 12.48 1.93
N TYR D 198 11.78 13.34 2.96
CA TYR D 198 10.55 14.00 3.34
C TYR D 198 10.13 15.06 2.33
N GLU D 199 11.06 15.51 1.50
CA GLU D 199 10.74 16.50 0.47
C GLU D 199 10.05 15.83 -0.69
N MET D 200 10.29 14.52 -0.77
CA MET D 200 9.74 13.67 -1.81
C MET D 200 8.42 13.03 -1.39
N PHE D 201 8.38 12.45 -0.19
CA PHE D 201 7.20 11.74 0.28
C PHE D 201 6.44 12.36 1.43
N SER D 202 6.37 13.70 1.41
CA SER D 202 5.65 14.50 2.42
C SER D 202 4.18 14.14 2.55
N SER D 203 3.56 13.81 1.43
CA SER D 203 2.16 13.44 1.37
C SER D 203 1.80 12.20 2.23
N VAL D 204 2.80 11.38 2.51
CA VAL D 204 2.64 10.17 3.33
C VAL D 204 3.32 10.32 4.69
N MET D 205 4.61 10.67 4.65
CA MET D 205 5.44 10.82 5.86
C MET D 205 4.98 11.81 6.93
N LYS D 206 4.15 12.79 6.53
CA LYS D 206 3.59 13.80 7.42
C LYS D 206 2.64 13.15 8.43
N HIS D 207 2.18 11.96 8.11
CA HIS D 207 1.27 11.20 8.97
C HIS D 207 1.88 9.91 9.52
N LEU D 208 3.19 9.74 9.36
CA LEU D 208 3.91 8.56 9.84
C LEU D 208 4.92 8.91 10.94
N PRO D 209 5.26 7.94 11.83
CA PRO D 209 6.24 8.24 12.88
C PRO D 209 7.67 8.19 12.35
N GLY D 210 8.56 8.86 13.05
CA GLY D 210 9.97 8.89 12.66
C GLY D 210 10.53 10.26 12.94
N PRO D 211 11.78 10.57 12.52
CA PRO D 211 12.43 11.86 12.74
C PRO D 211 11.69 13.10 12.22
N GLN D 212 10.62 12.88 11.44
CA GLN D 212 9.78 13.95 10.89
C GLN D 212 9.08 14.64 12.03
N GLN D 213 8.47 13.82 12.90
CA GLN D 213 7.70 14.26 14.05
C GLN D 213 8.52 15.02 15.08
N GLN D 214 9.77 14.59 15.26
CA GLN D 214 10.70 15.22 16.20
C GLN D 214 11.03 16.64 15.77
N ALA D 215 11.15 16.81 14.45
CA ALA D 215 11.46 18.09 13.82
C ALA D 215 10.23 18.98 13.86
N PHE D 216 9.05 18.36 13.76
CA PHE D 216 7.78 19.07 13.79
C PHE D 216 7.60 19.68 15.17
N GLN D 217 7.84 18.86 16.20
CA GLN D 217 7.74 19.27 17.59
C GLN D 217 8.63 20.48 17.84
N LEU D 218 9.84 20.46 17.25
CA LEU D 218 10.78 21.56 17.39
C LEU D 218 10.35 22.82 16.66
N LEU D 219 9.73 22.66 15.48
CA LEU D 219 9.21 23.78 14.69
C LEU D 219 7.98 24.37 15.36
N GLN D 220 7.22 23.48 16.01
CA GLN D 220 6.00 23.82 16.75
C GLN D 220 6.38 24.63 17.99
N GLY D 221 7.46 24.22 18.65
CA GLY D 221 7.95 24.88 19.84
C GLY D 221 8.54 26.25 19.56
N LEU D 222 8.91 26.46 18.30
CA LEU D 222 9.47 27.72 17.85
C LEU D 222 8.36 28.73 17.55
N GLU D 223 7.19 28.22 17.13
CA GLU D 223 6.04 29.07 16.83
C GLU D 223 5.40 29.51 18.15
N ASP D 224 5.29 28.57 19.10
CA ASP D 224 4.72 28.83 20.42
C ASP D 224 5.39 30.03 21.10
N PHE D 225 6.72 30.09 20.97
CA PHE D 225 7.52 31.17 21.54
C PHE D 225 7.18 32.52 20.91
N ILE D 226 7.25 32.59 19.58
CA ILE D 226 6.95 33.81 18.82
C ILE D 226 5.55 34.31 19.18
N ALA D 227 4.62 33.35 19.27
CA ALA D 227 3.21 33.60 19.61
C ALA D 227 3.10 34.34 20.95
N LYS D 228 3.83 33.86 21.96
CA LYS D 228 3.81 34.46 23.31
C LYS D 228 4.51 35.83 23.37
N LYS D 229 5.49 36.05 22.50
CA LYS D 229 6.22 37.32 22.44
C LYS D 229 5.38 38.37 21.76
N VAL D 230 4.59 37.94 20.77
CA VAL D 230 3.70 38.82 20.01
C VAL D 230 2.54 39.20 20.93
N GLU D 231 2.02 38.19 21.62
CA GLU D 231 0.92 38.32 22.58
C GLU D 231 1.30 39.27 23.74
N HIS D 232 2.57 39.21 24.15
CA HIS D 232 3.07 40.07 25.22
C HIS D 232 3.39 41.48 24.70
N ASN D 233 3.96 41.55 23.49
CA ASN D 233 4.30 42.85 22.87
C ASN D 233 3.05 43.70 22.65
N GLN D 234 1.89 43.05 22.57
CA GLN D 234 0.58 43.68 22.37
C GLN D 234 0.14 44.56 23.56
N ARG D 235 0.22 43.97 24.76
CA ARG D 235 -0.16 44.61 26.03
C ARG D 235 0.62 45.89 26.34
N THR D 236 1.92 45.86 26.02
CA THR D 236 2.82 46.98 26.25
C THR D 236 3.09 47.79 24.98
N LEU D 237 2.28 47.56 23.94
CA LEU D 237 2.45 48.29 22.68
C LEU D 237 2.10 49.77 22.79
N ASP D 238 3.03 50.59 22.32
CA ASP D 238 2.88 52.03 22.31
C ASP D 238 2.86 52.41 20.81
N PRO D 239 1.66 52.58 20.22
CA PRO D 239 1.49 52.95 18.79
C PRO D 239 2.35 54.06 18.19
N ASN D 240 2.85 54.93 19.06
CA ASN D 240 3.68 56.06 18.63
C ASN D 240 5.19 55.78 18.72
N SER D 241 5.56 54.88 19.64
CA SER D 241 6.97 54.50 19.85
C SER D 241 7.22 52.99 19.70
N PRO D 242 7.71 52.53 18.51
CA PRO D 242 7.99 51.11 18.25
C PRO D 242 9.35 50.66 18.82
N ARG D 243 9.30 49.57 19.58
CA ARG D 243 10.49 48.99 20.21
C ARG D 243 11.23 48.08 19.23
N ASP D 244 10.47 47.22 18.55
CA ASP D 244 11.02 46.23 17.61
C ASP D 244 10.22 46.02 16.33
N PHE D 245 10.60 44.96 15.61
CA PHE D 245 10.00 44.52 14.35
C PHE D 245 8.55 44.14 14.60
N ILE D 246 8.31 43.37 15.68
CA ILE D 246 6.97 42.92 16.06
C ILE D 246 6.07 44.14 16.29
N ASP D 247 6.64 45.17 16.91
CA ASP D 247 5.94 46.42 17.18
C ASP D 247 5.61 47.17 15.89
N SER D 248 6.57 47.23 14.96
CA SER D 248 6.37 47.89 13.68
C SER D 248 5.31 47.20 12.82
N PHE D 249 5.19 45.88 12.99
CA PHE D 249 4.21 45.07 12.26
C PHE D 249 2.83 45.23 12.91
N LEU D 250 2.83 45.39 14.24
CA LEU D 250 1.59 45.60 15.00
C LEU D 250 0.97 46.95 14.69
N ILE D 251 1.82 47.93 14.35
CA ILE D 251 1.39 49.28 13.97
C ILE D 251 0.63 49.17 12.65
N ARG D 252 1.19 48.37 11.74
CA ARG D 252 0.59 48.15 10.43
C ARG D 252 -0.66 47.26 10.52
N MET D 253 -0.70 46.37 11.51
CA MET D 253 -1.84 45.48 11.71
C MET D 253 -3.08 46.22 12.16
N GLN D 254 -2.91 47.52 12.42
CA GLN D 254 -4.00 48.39 12.83
C GLN D 254 -4.47 49.18 11.62
N GLU D 255 -3.53 49.87 10.99
CA GLU D 255 -3.75 50.74 9.81
C GLU D 255 -4.32 50.04 8.58
N GLU D 256 -4.35 48.71 8.67
CA GLU D 256 -4.83 47.84 7.61
C GLU D 256 -6.07 47.01 8.01
N GLU D 257 -6.76 47.42 9.09
CA GLU D 257 -7.96 46.74 9.57
C GLU D 257 -9.14 47.00 8.61
N LYS D 258 -9.09 48.17 7.95
CA LYS D 258 -10.10 48.63 7.00
C LYS D 258 -9.93 48.10 5.57
N ASN D 259 -8.90 47.26 5.38
CA ASN D 259 -8.63 46.62 4.08
C ASN D 259 -8.66 45.12 4.38
N PRO D 260 -9.71 44.41 3.94
CA PRO D 260 -9.83 42.97 4.18
C PRO D 260 -8.90 42.12 3.30
N ASN D 261 -8.21 42.80 2.40
CA ASN D 261 -7.29 42.20 1.44
C ASN D 261 -5.85 42.51 1.78
N THR D 262 -5.62 42.85 3.04
CA THR D 262 -4.29 43.17 3.50
C THR D 262 -3.52 41.91 3.85
N GLU D 263 -2.20 41.99 3.77
CA GLU D 263 -1.35 40.86 4.11
C GLU D 263 -0.81 41.00 5.52
N PHE D 264 -1.13 42.14 6.14
CA PHE D 264 -0.67 42.42 7.49
C PHE D 264 -1.66 41.95 8.56
N TYR D 265 -1.60 40.65 8.85
CA TYR D 265 -2.45 40.02 9.86
C TYR D 265 -1.65 39.18 10.84
N LEU D 266 -2.34 38.53 11.79
CA LEU D 266 -1.73 37.70 12.83
C LEU D 266 -0.75 36.61 12.38
N LYS D 267 -1.19 35.70 11.53
CA LYS D 267 -0.35 34.59 11.07
C LYS D 267 0.86 35.05 10.29
N ASN D 268 0.72 36.13 9.53
CA ASN D 268 1.80 36.69 8.73
C ASN D 268 2.81 37.48 9.54
N LEU D 269 2.55 37.61 10.84
CA LEU D 269 3.44 38.32 11.75
C LEU D 269 4.31 37.27 12.40
N VAL D 270 3.63 36.25 12.91
CA VAL D 270 4.24 35.13 13.60
C VAL D 270 5.24 34.41 12.71
N MET D 271 4.82 34.08 11.49
CA MET D 271 5.68 33.37 10.53
C MET D 271 6.84 34.19 10.02
N THR D 272 6.60 35.48 9.70
CA THR D 272 7.63 36.42 9.23
C THR D 272 8.73 36.57 10.28
N THR D 273 8.30 36.71 11.53
CA THR D 273 9.19 36.88 12.68
C THR D 273 10.01 35.63 12.92
N LEU D 274 9.35 34.47 12.85
CA LEU D 274 10.00 33.17 13.05
C LEU D 274 11.05 32.89 11.96
N GLN D 275 10.76 33.37 10.76
CA GLN D 275 11.65 33.20 9.61
C GLN D 275 12.90 34.09 9.67
N LEU D 276 12.77 35.26 10.30
CA LEU D 276 13.89 36.17 10.48
C LEU D 276 14.74 35.68 11.64
N PHE D 277 14.07 35.21 12.69
CA PHE D 277 14.71 34.67 13.90
C PHE D 277 15.54 33.42 13.59
N VAL D 278 15.01 32.50 12.78
CA VAL D 278 15.71 31.26 12.41
C VAL D 278 16.71 31.51 11.27
N GLY D 279 16.26 32.24 10.26
CA GLY D 279 17.08 32.55 9.10
C GLY D 279 18.21 33.52 9.38
N GLY D 280 18.08 34.30 10.45
CA GLY D 280 19.10 35.25 10.83
C GLY D 280 20.02 34.74 11.91
N THR D 281 19.82 33.47 12.28
CA THR D 281 20.61 32.83 13.32
C THR D 281 21.46 31.68 12.83
N GLU D 282 20.80 30.55 12.58
CA GLU D 282 21.43 29.31 12.18
C GLU D 282 22.32 29.31 10.97
N THR D 283 22.02 30.20 10.03
CA THR D 283 22.80 30.34 8.80
C THR D 283 24.16 31.01 9.04
N VAL D 284 24.15 32.08 9.84
CA VAL D 284 25.37 32.82 10.21
C VAL D 284 26.13 32.00 11.27
N SER D 285 25.39 31.23 12.07
CA SER D 285 25.96 30.38 13.11
C SER D 285 26.69 29.17 12.51
N THR D 286 26.11 28.58 11.46
CA THR D 286 26.71 27.44 10.78
C THR D 286 27.96 27.87 10.01
N THR D 287 28.00 29.14 9.61
CA THR D 287 29.14 29.68 8.88
C THR D 287 30.34 29.86 9.81
N LEU D 288 30.10 30.43 11.00
CA LEU D 288 31.15 30.65 11.99
C LEU D 288 31.75 29.33 12.49
N ARG D 289 30.88 28.37 12.81
CA ARG D 289 31.29 27.03 13.28
C ARG D 289 32.18 26.34 12.27
N TYR D 290 31.79 26.44 10.99
CA TYR D 290 32.55 25.83 9.92
C TYR D 290 33.83 26.61 9.69
N GLY D 291 33.78 27.91 9.94
CA GLY D 291 34.93 28.77 9.76
C GLY D 291 36.09 28.47 10.69
N PHE D 292 35.78 28.28 11.95
CA PHE D 292 36.79 27.99 12.95
C PHE D 292 37.40 26.60 12.81
N LEU D 293 36.63 25.69 12.21
CA LEU D 293 37.10 24.32 11.99
C LEU D 293 38.10 24.33 10.83
N LEU D 294 37.81 25.18 9.85
CA LEU D 294 38.63 25.36 8.66
C LEU D 294 39.98 26.00 9.00
N LEU D 295 39.95 26.92 9.97
CA LEU D 295 41.15 27.63 10.43
C LEU D 295 42.11 26.79 11.28
N MET D 296 41.59 25.77 11.97
CA MET D 296 42.43 24.87 12.77
C MET D 296 43.08 23.83 11.87
N LYS D 297 42.41 23.54 10.76
CA LYS D 297 42.86 22.59 9.75
C LYS D 297 43.97 23.25 8.91
N HIS D 298 43.93 24.58 8.85
CA HIS D 298 44.93 25.35 8.10
C HIS D 298 45.62 26.44 8.98
N PRO D 299 46.63 26.04 9.82
CA PRO D 299 47.33 27.00 10.70
C PRO D 299 48.04 28.14 9.98
N GLU D 300 48.38 27.90 8.71
CA GLU D 300 49.05 28.89 7.86
C GLU D 300 48.13 30.09 7.62
N VAL D 301 46.86 29.81 7.32
CA VAL D 301 45.84 30.83 7.07
C VAL D 301 45.53 31.62 8.34
N GLU D 302 45.55 30.91 9.48
CA GLU D 302 45.30 31.50 10.80
C GLU D 302 46.43 32.46 11.18
N ALA D 303 47.67 32.09 10.82
CA ALA D 303 48.86 32.90 11.10
C ALA D 303 48.86 34.18 10.28
N LYS D 304 48.49 34.03 8.99
CA LYS D 304 48.43 35.16 8.05
C LYS D 304 47.25 36.07 8.39
N VAL D 305 46.29 35.53 9.15
CA VAL D 305 45.11 36.27 9.61
C VAL D 305 45.58 37.09 10.82
N HIS D 306 46.36 36.46 11.71
CA HIS D 306 46.90 37.11 12.90
C HIS D 306 47.82 38.27 12.51
N GLU D 307 48.72 38.00 11.56
CA GLU D 307 49.69 38.97 11.02
C GLU D 307 48.97 40.24 10.55
N GLU D 308 47.88 40.06 9.82
CA GLU D 308 47.10 41.16 9.29
C GLU D 308 46.36 41.93 10.39
N ILE D 309 45.77 41.19 11.33
CA ILE D 309 45.03 41.81 12.42
C ILE D 309 45.92 42.66 13.33
N ASP D 310 47.10 42.11 13.70
CA ASP D 310 48.06 42.79 14.57
C ASP D 310 48.80 43.94 13.89
N ARG D 311 48.60 44.06 12.58
CA ARG D 311 49.19 45.12 11.76
C ARG D 311 48.17 46.24 11.54
N VAL D 312 46.91 45.84 11.32
CA VAL D 312 45.84 46.79 11.06
C VAL D 312 45.03 47.23 12.30
N ILE D 313 44.59 46.28 13.13
CA ILE D 313 43.80 46.61 14.32
C ILE D 313 44.67 46.88 15.56
N GLY D 314 45.50 45.90 15.89
CA GLY D 314 46.35 45.96 17.06
C GLY D 314 45.79 44.98 18.08
N LYS D 315 45.63 45.43 19.33
CA LYS D 315 45.11 44.59 20.40
C LYS D 315 44.36 45.37 21.49
N ASN D 316 43.95 46.60 21.18
CA ASN D 316 43.23 47.44 22.15
C ASN D 316 41.86 47.90 21.63
N ARG D 317 41.81 48.17 20.33
CA ARG D 317 40.60 48.64 19.64
C ARG D 317 39.75 47.45 19.15
N GLN D 318 38.49 47.38 19.58
CA GLN D 318 37.58 46.33 19.12
C GLN D 318 37.25 46.71 17.66
N PRO D 319 37.39 45.76 16.69
CA PRO D 319 37.14 45.98 15.25
C PRO D 319 35.85 46.71 14.81
N LYS D 320 36.01 47.56 13.80
CA LYS D 320 34.91 48.32 13.19
C LYS D 320 34.64 47.68 11.84
N PHE D 321 33.62 48.14 11.11
CA PHE D 321 33.33 47.58 9.79
C PHE D 321 34.25 48.16 8.70
N GLU D 322 34.76 49.39 8.94
CA GLU D 322 35.66 50.10 8.02
C GLU D 322 36.97 49.37 7.71
N ASP D 323 37.41 48.54 8.65
CA ASP D 323 38.65 47.75 8.56
C ASP D 323 38.73 46.77 7.36
N ARG D 324 37.56 46.42 6.81
CA ARG D 324 37.45 45.50 5.67
C ARG D 324 38.13 45.97 4.40
N ALA D 325 38.07 47.28 4.17
CA ALA D 325 38.65 47.93 3.01
C ALA D 325 40.18 47.78 3.02
N LYS D 326 40.75 47.85 4.22
CA LYS D 326 42.20 47.72 4.41
C LYS D 326 42.64 46.32 4.83
N MET D 327 41.71 45.37 4.84
CA MET D 327 42.01 43.99 5.21
C MET D 327 41.64 42.98 4.10
N PRO D 328 42.48 42.87 3.06
CA PRO D 328 42.16 41.93 1.97
C PRO D 328 42.19 40.44 2.29
N TYR D 329 43.21 39.98 3.03
CA TYR D 329 43.31 38.57 3.37
C TYR D 329 42.16 38.08 4.25
N MET D 330 41.67 38.92 5.16
CA MET D 330 40.55 38.54 6.05
C MET D 330 39.26 38.48 5.24
N GLU D 331 39.09 39.46 4.36
CA GLU D 331 37.90 39.54 3.50
C GLU D 331 37.87 38.30 2.60
N ALA D 332 39.06 37.81 2.24
CA ALA D 332 39.22 36.63 1.39
C ALA D 332 38.96 35.32 2.13
N VAL D 333 39.24 35.30 3.43
CA VAL D 333 39.04 34.12 4.27
C VAL D 333 37.55 33.86 4.57
N ILE D 334 36.81 34.92 4.89
CA ILE D 334 35.37 34.85 5.18
C ILE D 334 34.59 34.38 3.95
N HIS D 335 34.94 34.93 2.79
CA HIS D 335 34.33 34.59 1.51
C HIS D 335 34.62 33.15 1.12
N GLU D 336 35.80 32.68 1.52
CA GLU D 336 36.26 31.33 1.24
C GLU D 336 35.65 30.33 2.23
N ILE D 337 35.17 30.85 3.36
CA ILE D 337 34.52 30.04 4.38
C ILE D 337 33.09 29.81 3.91
N GLN D 338 32.50 30.85 3.31
CA GLN D 338 31.13 30.76 2.79
C GLN D 338 31.05 29.98 1.50
N ARG D 339 32.17 29.90 0.78
CA ARG D 339 32.24 29.19 -0.48
C ARG D 339 32.51 27.70 -0.28
N PHE D 340 33.47 27.38 0.60
CA PHE D 340 33.81 26.00 0.92
C PHE D 340 32.71 25.43 1.81
N GLY D 341 32.26 26.26 2.76
CA GLY D 341 31.22 25.89 3.70
C GLY D 341 29.94 25.56 2.99
N ASP D 342 29.53 26.45 2.08
CA ASP D 342 28.32 26.30 1.26
C ASP D 342 27.12 25.93 2.15
N VAL D 343 26.81 26.85 3.07
CA VAL D 343 25.74 26.72 4.05
C VAL D 343 24.44 26.15 3.49
N ILE D 344 23.88 26.77 2.45
CA ILE D 344 22.64 26.29 1.80
C ILE D 344 22.96 25.96 0.32
N PRO D 345 23.32 24.68 0.02
CA PRO D 345 23.67 24.20 -1.32
C PRO D 345 22.65 24.21 -2.44
N MET D 346 21.37 24.21 -2.08
CA MET D 346 20.31 24.19 -3.07
C MET D 346 19.38 25.39 -2.96
N SER D 347 19.87 26.43 -2.28
CA SER D 347 19.13 27.69 -2.03
C SER D 347 17.82 27.32 -1.36
N LEU D 348 16.80 28.11 -1.66
CA LEU D 348 15.49 27.87 -1.18
C LEU D 348 14.74 27.89 -2.50
N ALA D 349 14.13 26.74 -2.81
CA ALA D 349 13.37 26.51 -4.03
C ALA D 349 12.60 27.68 -4.61
N ARG D 350 12.74 27.85 -5.92
CA ARG D 350 12.04 28.88 -6.64
C ARG D 350 10.93 28.24 -7.46
N ARG D 351 10.14 29.07 -8.13
CA ARG D 351 9.02 28.62 -8.96
C ARG D 351 8.88 29.60 -10.11
N VAL D 352 8.35 29.15 -11.26
CA VAL D 352 8.13 30.03 -12.40
C VAL D 352 6.78 30.71 -12.28
N LYS D 353 6.77 32.03 -12.46
CA LYS D 353 5.57 32.86 -12.35
C LYS D 353 4.54 32.55 -13.44
N LYS D 354 4.99 32.64 -14.70
CA LYS D 354 4.15 32.36 -15.87
C LYS D 354 4.93 31.32 -16.70
N ASP D 355 4.33 30.84 -17.80
CA ASP D 355 5.00 29.87 -18.68
C ASP D 355 6.27 30.56 -19.20
N THR D 356 7.38 29.84 -19.12
CA THR D 356 8.67 30.42 -19.50
C THR D 356 9.50 29.57 -20.46
N LYS D 357 10.19 30.28 -21.37
CA LYS D 357 11.09 29.64 -22.33
C LYS D 357 12.53 29.92 -21.93
N PHE D 358 13.04 29.05 -21.05
CA PHE D 358 14.41 29.13 -20.59
C PHE D 358 15.25 28.33 -21.57
N ARG D 359 16.23 29.00 -22.18
CA ARG D 359 17.14 28.46 -23.20
C ARG D 359 16.34 27.83 -24.34
N ASP D 360 16.50 26.53 -24.56
CA ASP D 360 15.78 25.84 -25.62
C ASP D 360 14.59 25.06 -25.06
N PHE D 361 14.35 25.22 -23.76
CA PHE D 361 13.28 24.50 -23.07
C PHE D 361 12.08 25.35 -22.66
N PHE D 362 10.96 24.67 -22.41
CA PHE D 362 9.70 25.25 -22.00
C PHE D 362 9.42 24.82 -20.56
N LEU D 363 9.24 25.81 -19.69
CA LEU D 363 8.96 25.58 -18.27
C LEU D 363 7.56 26.08 -17.94
N PRO D 364 6.58 25.15 -17.78
CA PRO D 364 5.17 25.43 -17.46
C PRO D 364 4.96 26.23 -16.18
N LYS D 365 3.92 27.05 -16.17
CA LYS D 365 3.54 27.88 -15.02
C LYS D 365 3.32 27.00 -13.79
N GLY D 366 4.19 27.18 -12.80
CA GLY D 366 4.10 26.42 -11.56
C GLY D 366 5.25 25.48 -11.29
N THR D 367 6.07 25.20 -12.31
CA THR D 367 7.22 24.30 -12.22
C THR D 367 8.25 24.79 -11.19
N GLU D 368 8.59 23.93 -10.24
CA GLU D 368 9.57 24.27 -9.21
C GLU D 368 10.99 24.27 -9.77
N VAL D 369 11.78 25.22 -9.29
CA VAL D 369 13.16 25.39 -9.73
C VAL D 369 14.10 25.25 -8.54
N TYR D 370 15.19 24.52 -8.75
CA TYR D 370 16.21 24.28 -7.73
C TYR D 370 17.54 24.92 -8.14
N PRO D 371 17.89 26.10 -7.60
CA PRO D 371 19.16 26.76 -7.96
C PRO D 371 20.29 26.15 -7.13
N MET D 372 21.14 25.34 -7.77
CA MET D 372 22.25 24.68 -7.08
C MET D 372 23.43 25.60 -6.83
N LEU D 373 23.33 26.39 -5.76
CA LEU D 373 24.36 27.36 -5.39
C LEU D 373 25.70 26.69 -5.16
N GLY D 374 25.67 25.50 -4.58
CA GLY D 374 26.88 24.74 -4.30
C GLY D 374 27.74 24.46 -5.52
N SER D 375 27.08 24.23 -6.66
CA SER D 375 27.75 23.96 -7.93
C SER D 375 28.32 25.21 -8.58
N VAL D 376 27.84 26.35 -8.10
CA VAL D 376 28.27 27.66 -8.57
C VAL D 376 29.50 28.03 -7.74
N LEU D 377 29.42 27.75 -6.45
CA LEU D 377 30.51 28.02 -5.50
C LEU D 377 31.67 27.08 -5.73
N ARG D 378 31.41 25.98 -6.45
CA ARG D 378 32.43 25.01 -6.77
C ARG D 378 32.56 24.79 -8.29
N ASP D 379 32.25 25.84 -9.07
CA ASP D 379 32.36 25.82 -10.54
C ASP D 379 33.83 25.94 -10.93
N PRO D 380 34.39 24.93 -11.64
CA PRO D 380 35.81 24.97 -12.04
C PRO D 380 36.23 26.07 -13.01
N SER D 381 35.24 26.76 -13.60
CA SER D 381 35.50 27.85 -14.54
C SER D 381 35.72 29.19 -13.82
N PHE D 382 35.50 29.20 -12.50
CA PHE D 382 35.64 30.41 -11.67
C PHE D 382 36.62 30.27 -10.51
N PHE D 383 36.92 29.01 -10.14
CA PHE D 383 37.84 28.71 -9.04
C PHE D 383 38.83 27.62 -9.48
N SER D 384 40.13 27.87 -9.23
CA SER D 384 41.23 26.96 -9.62
C SER D 384 41.24 25.58 -8.95
N ASN D 385 40.93 25.55 -7.66
CA ASN D 385 40.85 24.33 -6.88
C ASN D 385 39.57 24.48 -6.05
N PRO D 386 38.41 24.11 -6.63
CA PRO D 386 37.10 24.21 -5.97
C PRO D 386 36.86 23.36 -4.71
N GLN D 387 37.40 22.15 -4.71
CA GLN D 387 37.25 21.21 -3.60
C GLN D 387 38.20 21.51 -2.42
N ASP D 388 39.18 22.40 -2.64
CA ASP D 388 40.16 22.78 -1.61
C ASP D 388 39.88 24.14 -0.96
N PHE D 389 40.29 24.26 0.31
CA PHE D 389 40.16 25.51 1.08
C PHE D 389 41.47 26.23 0.81
N ASN D 390 41.39 27.29 0.00
CA ASN D 390 42.55 28.07 -0.40
C ASN D 390 42.07 29.50 -0.62
N PRO D 391 42.26 30.41 0.36
CA PRO D 391 41.84 31.82 0.28
C PRO D 391 42.26 32.64 -0.94
N GLN D 392 43.11 32.06 -1.78
CA GLN D 392 43.62 32.70 -3.02
C GLN D 392 42.53 32.93 -4.08
N HIS D 393 41.42 32.19 -3.93
CA HIS D 393 40.24 32.24 -4.81
C HIS D 393 39.63 33.66 -4.87
N PHE D 394 39.85 34.42 -3.79
CA PHE D 394 39.33 35.78 -3.67
C PHE D 394 40.50 36.76 -3.47
N LEU D 395 41.62 36.46 -4.13
CA LEU D 395 42.82 37.28 -4.00
C LEU D 395 43.59 37.48 -5.30
N ASN D 396 44.15 38.66 -5.46
CA ASN D 396 44.96 39.04 -6.62
C ASN D 396 46.35 38.32 -6.56
N GLU D 397 47.31 38.90 -7.27
CA GLU D 397 48.70 38.44 -7.29
C GLU D 397 49.39 39.43 -6.34
N LYS D 398 48.80 40.63 -6.29
CA LYS D 398 49.23 41.75 -5.45
C LYS D 398 48.71 41.59 -4.03
N GLY D 399 47.85 40.59 -3.83
CA GLY D 399 47.30 40.32 -2.51
C GLY D 399 46.02 41.07 -2.19
N GLN D 400 45.47 41.78 -3.17
CA GLN D 400 44.21 42.55 -3.01
C GLN D 400 43.01 41.62 -3.16
N PHE D 401 41.91 41.98 -2.51
CA PHE D 401 40.66 41.20 -2.56
C PHE D 401 40.07 41.27 -3.97
N LYS D 402 39.74 40.10 -4.52
CA LYS D 402 39.16 39.96 -5.86
C LYS D 402 37.80 39.26 -5.79
N LYS D 403 36.78 39.92 -6.36
CA LYS D 403 35.42 39.40 -6.40
C LYS D 403 35.29 38.24 -7.40
N SER D 404 34.16 37.55 -7.36
CA SER D 404 33.87 36.44 -8.26
C SER D 404 32.36 36.37 -8.39
N ASP D 405 31.88 36.37 -9.64
CA ASP D 405 30.45 36.31 -9.94
C ASP D 405 29.79 35.03 -9.46
N ALA D 406 30.61 34.01 -9.21
CA ALA D 406 30.15 32.72 -8.73
C ALA D 406 29.94 32.64 -7.22
N PHE D 407 30.17 33.75 -6.53
CA PHE D 407 29.98 33.83 -5.09
C PHE D 407 28.52 34.16 -4.86
N VAL D 408 27.73 33.11 -4.66
CA VAL D 408 26.27 33.23 -4.45
C VAL D 408 25.68 32.49 -3.22
N PRO D 409 26.35 32.51 -2.04
CA PRO D 409 25.75 31.79 -0.91
C PRO D 409 24.46 32.40 -0.36
N PHE D 410 24.17 33.60 -0.85
CA PHE D 410 22.99 34.37 -0.46
C PHE D 410 21.99 34.34 -1.61
N SER D 411 22.41 33.68 -2.70
CA SER D 411 21.66 33.53 -3.96
C SER D 411 21.60 34.85 -4.73
N ILE D 412 20.86 34.84 -5.83
CA ILE D 412 20.69 36.00 -6.70
C ILE D 412 19.24 36.07 -7.18
N GLY D 413 18.83 37.23 -7.69
CA GLY D 413 17.48 37.39 -8.21
C GLY D 413 16.57 38.24 -7.36
N LYS D 414 15.29 38.29 -7.74
CA LYS D 414 14.30 39.09 -7.03
C LYS D 414 13.88 38.58 -5.66
N ARG D 415 14.21 37.32 -5.36
CA ARG D 415 13.88 36.73 -4.08
C ARG D 415 15.14 36.35 -3.29
N ASN D 416 16.26 37.01 -3.62
CA ASN D 416 17.57 36.78 -2.97
C ASN D 416 17.52 37.12 -1.48
N CYS D 417 18.57 36.75 -0.76
CA CYS D 417 18.64 37.02 0.67
C CYS D 417 18.86 38.50 0.91
N PHE D 418 17.91 39.14 1.59
CA PHE D 418 18.04 40.55 1.91
C PHE D 418 18.70 40.76 3.26
N GLY D 419 19.21 39.66 3.79
CA GLY D 419 19.92 39.68 5.05
C GLY D 419 21.40 39.64 4.80
N GLU D 420 21.80 39.71 3.51
CA GLU D 420 23.20 39.71 3.06
C GLU D 420 24.00 40.81 3.74
N GLY D 421 23.39 41.99 3.82
CA GLY D 421 24.01 43.14 4.45
C GLY D 421 24.27 42.89 5.92
N LEU D 422 23.29 42.29 6.61
CA LEU D 422 23.43 41.98 8.03
C LEU D 422 24.38 40.81 8.25
N ALA D 423 24.25 39.79 7.40
CA ALA D 423 25.08 38.59 7.50
C ALA D 423 26.56 38.81 7.34
N ARG D 424 26.96 39.54 6.29
CA ARG D 424 28.37 39.86 6.01
C ARG D 424 29.02 40.67 7.13
N MET D 425 28.27 41.65 7.65
CA MET D 425 28.71 42.54 8.73
C MET D 425 29.03 41.78 10.02
N GLU D 426 28.15 40.84 10.35
CA GLU D 426 28.27 39.98 11.52
C GLU D 426 29.47 39.06 11.39
N LEU D 427 29.64 38.51 10.18
CA LEU D 427 30.74 37.59 9.87
C LEU D 427 32.10 38.24 10.01
N PHE D 428 32.16 39.51 9.61
CA PHE D 428 33.40 40.27 9.71
C PHE D 428 33.74 40.60 11.18
N LEU D 429 32.73 40.92 11.99
CA LEU D 429 32.94 41.29 13.38
C LEU D 429 33.12 40.17 14.39
N PHE D 430 32.63 38.97 14.06
CA PHE D 430 32.80 37.84 14.97
C PHE D 430 34.11 37.16 14.66
N PHE D 431 34.44 37.02 13.37
CA PHE D 431 35.70 36.40 12.96
C PHE D 431 36.91 37.20 13.41
N THR D 432 36.94 38.50 13.11
CA THR D 432 38.06 39.36 13.49
C THR D 432 38.26 39.48 14.99
N THR D 433 37.20 39.79 15.74
CA THR D 433 37.28 39.95 17.20
C THR D 433 37.70 38.66 17.91
N VAL D 434 37.26 37.51 17.41
CA VAL D 434 37.64 36.23 17.98
C VAL D 434 39.10 35.93 17.62
N MET D 435 39.50 36.21 16.38
CA MET D 435 40.87 35.99 15.92
C MET D 435 41.89 36.91 16.53
N GLN D 436 41.41 38.12 16.86
CA GLN D 436 42.21 39.18 17.46
C GLN D 436 42.60 38.80 18.89
N ASN D 437 41.64 38.22 19.61
CA ASN D 437 41.85 37.85 20.99
C ASN D 437 42.25 36.41 21.23
N PHE D 438 41.99 35.53 20.26
CA PHE D 438 42.29 34.11 20.43
C PHE D 438 42.96 33.38 19.27
N ARG D 439 43.87 32.47 19.62
CA ARG D 439 44.52 31.62 18.64
C ARG D 439 43.83 30.28 18.89
N LEU D 440 43.63 29.53 17.82
CA LEU D 440 42.93 28.25 17.88
C LEU D 440 43.76 27.00 18.13
N LYS D 441 43.25 26.14 19.01
CA LYS D 441 43.89 24.87 19.35
C LYS D 441 42.87 23.74 19.35
N SER D 442 42.97 22.87 18.34
CA SER D 442 42.08 21.73 18.21
C SER D 442 42.53 20.61 19.12
N SER D 443 41.60 19.70 19.37
CA SER D 443 41.83 18.54 20.23
C SER D 443 42.39 17.35 19.44
N GLN D 444 42.94 17.69 18.26
CA GLN D 444 43.54 16.76 17.30
C GLN D 444 44.47 17.57 16.39
N SER D 445 45.46 16.89 15.78
CA SER D 445 46.45 17.51 14.90
C SER D 445 45.87 17.86 13.52
N PRO D 446 46.30 18.97 12.87
CA PRO D 446 45.84 19.45 11.55
C PRO D 446 45.84 18.49 10.34
N LYS D 447 46.24 17.24 10.54
CA LYS D 447 46.27 16.24 9.48
C LYS D 447 45.11 15.26 9.69
N ASP D 448 44.46 15.36 10.85
CA ASP D 448 43.33 14.49 11.21
C ASP D 448 41.95 15.13 11.20
N ILE D 449 41.90 16.46 11.32
CA ILE D 449 40.64 17.20 11.36
C ILE D 449 39.82 17.08 10.07
N ASP D 450 38.69 16.39 10.17
CA ASP D 450 37.80 16.16 9.04
C ASP D 450 36.95 17.40 8.70
N VAL D 451 37.41 18.11 7.67
CA VAL D 451 36.85 19.33 7.12
C VAL D 451 35.61 19.10 6.25
N SER D 452 35.31 17.83 5.97
CA SER D 452 34.16 17.45 5.15
C SER D 452 32.88 17.47 5.98
N PRO D 453 31.73 17.76 5.35
CA PRO D 453 30.46 17.81 6.08
C PRO D 453 29.92 16.47 6.56
N LYS D 454 29.03 16.54 7.55
CA LYS D 454 28.38 15.37 8.14
C LYS D 454 27.04 15.09 7.46
N HIS D 455 26.32 16.17 7.15
CA HIS D 455 25.01 16.12 6.52
C HIS D 455 24.91 17.21 5.45
N VAL D 456 24.43 16.87 4.25
CA VAL D 456 24.26 17.83 3.15
C VAL D 456 22.90 17.60 2.51
N GLY D 457 21.94 18.45 2.85
CA GLY D 457 20.61 18.34 2.28
C GLY D 457 20.16 19.72 1.92
N PHE D 458 19.33 20.30 2.78
CA PHE D 458 18.84 21.67 2.62
C PHE D 458 20.04 22.54 2.96
N ALA D 459 20.73 22.16 4.03
CA ALA D 459 21.93 22.85 4.49
C ALA D 459 23.12 21.92 4.60
N THR D 460 24.30 22.51 4.78
CA THR D 460 25.56 21.78 4.94
C THR D 460 25.94 21.95 6.41
N ILE D 461 26.08 20.84 7.11
CA ILE D 461 26.42 20.86 8.52
C ILE D 461 27.81 20.24 8.76
N PRO D 462 28.73 20.99 9.42
CA PRO D 462 30.08 20.48 9.72
C PRO D 462 30.01 19.41 10.81
N ARG D 463 31.11 18.66 10.98
CA ARG D 463 31.15 17.60 12.00
C ARG D 463 31.23 18.16 13.41
N ASN D 464 30.79 17.33 14.36
CA ASN D 464 30.79 17.69 15.78
C ASN D 464 32.23 17.74 16.24
N TYR D 465 32.63 18.88 16.81
CA TYR D 465 33.99 19.05 17.28
C TYR D 465 34.10 19.86 18.57
N THR D 466 35.25 19.71 19.21
CA THR D 466 35.62 20.40 20.44
C THR D 466 36.89 21.17 20.12
N MET D 467 37.05 22.32 20.77
CA MET D 467 38.22 23.17 20.55
C MET D 467 38.59 24.02 21.78
N SER D 468 39.75 24.68 21.68
CA SER D 468 40.25 25.53 22.73
C SER D 468 40.59 26.90 22.20
N PHE D 469 40.06 27.92 22.88
CA PHE D 469 40.29 29.32 22.53
C PHE D 469 41.35 29.85 23.50
N LEU D 470 42.62 29.73 23.09
CA LEU D 470 43.77 30.17 23.89
C LEU D 470 44.06 31.68 23.71
N PRO D 471 44.44 32.40 24.79
CA PRO D 471 44.73 33.84 24.71
C PRO D 471 45.97 34.19 23.87
N ARG D 472 46.01 35.40 23.34
CA ARG D 472 47.14 35.84 22.52
C ARG D 472 48.00 36.85 23.27
CHA HEM E . -25.39 20.49 -3.98
CHB HEM E . -28.14 16.70 -4.40
CHC HEM E . -30.05 18.46 -8.26
CHD HEM E . -26.99 21.99 -8.11
C1A HEM E . -26.07 19.34 -3.61
C2A HEM E . -25.92 18.62 -2.43
C3A HEM E . -26.71 17.50 -2.60
C4A HEM E . -27.26 17.60 -3.86
CMA HEM E . -26.95 16.30 -1.61
CAA HEM E . -25.07 19.03 -1.21
CBA HEM E . -25.77 19.84 -0.16
CGA HEM E . -24.92 20.21 1.06
O1A HEM E . -24.96 19.52 2.06
O2A HEM E . -24.23 21.18 1.07
C1B HEM E . -29.06 16.83 -5.40
C2B HEM E . -30.06 15.88 -5.76
C3B HEM E . -30.61 16.39 -6.96
C4B HEM E . -29.87 17.60 -7.20
CMB HEM E . -30.40 14.63 -4.97
CAB HEM E . -31.66 15.88 -7.80
CBB HEM E . -32.76 14.92 -7.56
C1C HEM E . -29.44 19.64 -8.59
C2C HEM E . -29.72 20.35 -9.73
C3C HEM E . -28.71 21.32 -9.83
C4C HEM E . -27.88 21.10 -8.69
CMC HEM E . -30.91 20.12 -10.70
CAC HEM E . -28.47 22.30 -10.76
CBC HEM E . -29.19 23.49 -11.02
C1D HEM E . -26.20 21.84 -7.02
C2D HEM E . -25.17 22.72 -6.65
C3D HEM E . -24.77 22.39 -5.39
C4D HEM E . -25.60 21.31 -5.05
CMD HEM E . -24.59 23.84 -7.51
CAD HEM E . -23.66 23.07 -4.52
CBD HEM E . -24.18 24.24 -3.63
CGD HEM E . -23.15 25.01 -2.74
O1D HEM E . -23.49 26.04 -2.18
O2D HEM E . -21.99 24.59 -2.61
NA HEM E . -26.90 18.68 -4.47
NB HEM E . -28.98 17.80 -6.27
NC HEM E . -28.36 20.08 -7.98
ND HEM E . -26.43 21.03 -6.07
FE HEM E . -27.67 19.40 -6.21
CHA HEM F . -7.74 -25.44 -18.78
CHB HEM F . -9.50 -22.89 -22.29
CHC HEM F . -13.56 -25.14 -21.95
CHD HEM F . -11.71 -27.86 -18.62
C1A HEM F . -7.79 -24.50 -19.79
C2A HEM F . -6.78 -23.64 -20.21
C3A HEM F . -7.34 -22.84 -21.17
C4A HEM F . -8.66 -23.26 -21.29
CMA HEM F . -6.68 -21.69 -21.99
CAA HEM F . -5.33 -23.62 -19.67
CBA HEM F . -4.38 -24.51 -20.41
CGA HEM F . -2.97 -24.49 -19.87
O1A HEM F . -2.11 -23.84 -20.45
O2A HEM F . -2.66 -25.12 -18.90
C1B HEM F . -10.85 -23.05 -22.43
C2B HEM F . -11.66 -22.45 -23.43
C3B HEM F . -12.86 -23.21 -23.41
C4B HEM F . -12.65 -24.18 -22.37
CMB HEM F . -11.24 -21.29 -24.31
CAB HEM F . -14.03 -23.08 -24.20
CBB HEM F . -14.28 -22.39 -25.49
C1C HEM F . -13.41 -26.23 -21.12
C2C HEM F . -14.40 -27.18 -20.85
C3C HEM F . -13.95 -27.89 -19.73
C4C HEM F . -12.71 -27.31 -19.41
CMC HEM F . -15.72 -27.39 -21.64
CAC HEM F . -14.50 -28.93 -19.02
CBC HEM F . -14.97 -30.19 -19.44
C1D HEM F . -10.52 -27.35 -18.25
C2D HEM F . -9.68 -27.95 -17.32
C3D HEM F . -8.45 -27.38 -17.45
C4D HEM F . -8.63 -26.44 -18.48
CMD HEM F . -10.05 -29.07 -16.33
CAD HEM F . -7.14 -27.71 -16.64
CBD HEM F . -6.24 -28.82 -17.29
CGD HEM F . -4.93 -29.21 -16.56
O1D HEM F . -4.51 -30.34 -16.61
O2D HEM F . -4.31 -28.35 -15.90
NA HEM F . -8.93 -24.23 -20.49
NB HEM F . -11.47 -24.04 -21.83
NC HEM F . -12.41 -26.32 -20.27
ND HEM F . -9.88 -26.46 -18.92
FE HEM F . -10.70 -25.24 -20.36
CHA HEM G . 14.26 -28.74 19.68
CHB HEM G . 16.00 -26.48 23.42
CHC HEM G . 20.21 -28.41 22.57
CHD HEM G . 18.40 -30.71 18.92
C1A HEM G . 14.26 -28.03 20.86
C2A HEM G . 13.18 -27.38 21.46
C3A HEM G . 13.71 -26.72 22.55
C4A HEM G . 15.08 -27.00 22.55
CMA HEM G . 12.97 -25.82 23.60
CAA HEM G . 11.73 -27.44 20.96
CBA HEM G . 10.89 -28.55 21.51
CGA HEM G . 9.47 -28.56 20.98
O1A HEM G . 8.56 -28.04 21.61
O2A HEM G . 9.21 -29.09 19.93
C1B HEM G . 17.36 -26.73 23.57
C2B HEM G . 18.21 -26.21 24.59
C3B HEM G . 19.46 -26.84 24.37
C4B HEM G . 19.24 -27.70 23.25
CMB HEM G . 17.79 -25.19 25.63
CAB HEM G . 20.70 -26.72 25.07
CBB HEM G . 21.02 -26.31 26.47
C1C HEM G . 20.11 -29.34 21.55
C2C HEM G . 21.15 -30.12 21.10
C3C HEM G . 20.69 -30.71 19.92
C4C HEM G . 19.38 -30.22 19.76
CMC HEM G . 22.55 -30.31 21.77
CAC HEM G . 21.29 -31.58 19.04
CBC HEM G . 21.70 -32.93 19.21
C1D HEM G . 17.10 -30.42 18.82
C2D HEM G . 16.25 -30.93 17.84
C3D HEM G . 15.00 -30.47 18.09
C4D HEM G . 15.17 -29.66 19.23
CMD HEM G . 16.65 -31.87 16.69
CAD HEM G . 13.69 -30.75 17.29
CBD HEM G . 12.93 -32.01 17.83
CGD HEM G . 11.62 -32.40 17.13
O1D HEM G . 11.47 -33.50 16.65
O2D HEM G . 10.71 -31.57 17.05
NA HEM G . 15.41 -27.77 21.55
NB HEM G . 18.01 -27.60 22.81
NC HEM G . 19.07 -29.41 20.77
ND HEM G . 16.44 -29.67 19.62
FE HEM G . 17.25 -28.62 21.20
CHA HEM H . 16.66 33.81 2.03
CHB HEM H . 21.15 32.55 2.56
CHC HEM H . 21.57 35.30 6.30
CHD HEM H . 16.98 36.22 6.03
C1A HEM H . 17.86 33.17 1.78
C2A HEM H . 18.19 32.41 0.65
C3A HEM H . 19.50 32.01 0.85
C4A HEM H . 19.88 32.55 2.07
CMA HEM H . 20.41 31.14 -0.09
CAA HEM H . 17.28 32.09 -0.55
CBA HEM H . 17.33 33.07 -1.68
CGA HEM H . 16.46 32.73 -2.89
O1A HEM H . 16.96 32.15 -3.86
O2A HEM H . 15.30 33.03 -2.95
C1B HEM H . 21.66 32.89 3.80
C2B HEM H . 22.97 32.67 4.25
C3B HEM H . 23.16 33.61 5.30
C4B HEM H . 21.91 34.31 5.38
CMB HEM H . 23.92 31.62 3.69
CAB HEM H . 24.29 33.85 6.15
CBB HEM H . 25.72 33.53 5.97
C1C HEM H . 20.38 35.97 6.52
C2C HEM H . 20.16 36.86 7.55
C3C HEM H . 18.77 37.09 7.54
C4C HEM H . 18.27 36.32 6.48
CMC HEM H . 21.22 37.45 8.51
CAC HEM H . 17.98 37.88 8.32
CBC HEM H . 17.90 39.29 8.39
C1D HEM H . 16.52 35.83 4.82
C2D HEM H . 15.24 36.05 4.34
C3D HEM H . 15.12 35.37 3.16
C4D HEM H . 16.36 34.75 3.00
CMD HEM H . 14.15 36.90 5.01
CAD HEM H . 13.87 35.25 2.21
CBD HEM H . 13.78 36.33 1.10
CGD HEM H . 12.56 36.25 0.13
O1D HEM H . 12.36 37.11 -0.69
O2D HEM H . 11.78 35.29 0.21
NA HEM H . 18.93 33.23 2.63
NB HEM H . 21.07 33.85 4.48
NC HEM H . 19.26 35.66 5.89
ND HEM H . 17.17 35.07 4.02
FE HEM H . 19.11 34.43 4.29
#